data_2PF2
# 
_entry.id   2PF2 
# 
_audit_conform.dict_name       mmcif_pdbx.dic 
_audit_conform.dict_version    5.403 
_audit_conform.dict_location   http://mmcif.pdb.org/dictionaries/ascii/mmcif_pdbx.dic 
# 
loop_
_database_2.database_id 
_database_2.database_code 
_database_2.pdbx_database_accession 
_database_2.pdbx_DOI 
PDB   2PF2         pdb_00002pf2 10.2210/pdb2pf2/pdb 
WWPDB D_1000178459 ?            ?                   
# 
loop_
_pdbx_audit_revision_history.ordinal 
_pdbx_audit_revision_history.data_content_type 
_pdbx_audit_revision_history.major_revision 
_pdbx_audit_revision_history.minor_revision 
_pdbx_audit_revision_history.revision_date 
_pdbx_audit_revision_history.part_number 
1 'Structure model' 1 0 1994-01-31 ? 
2 'Structure model' 1 1 2008-03-24 ? 
3 'Structure model' 1 2 2011-07-13 ? 
4 'Structure model' 1 3 2017-11-29 ? 
5 'Structure model' 1 4 2025-03-26 ? 
# 
_pdbx_audit_revision_details.ordinal             1 
_pdbx_audit_revision_details.revision_ordinal    1 
_pdbx_audit_revision_details.data_content_type   'Structure model' 
_pdbx_audit_revision_details.provider            repository 
_pdbx_audit_revision_details.type                'Initial release' 
_pdbx_audit_revision_details.description         ? 
_pdbx_audit_revision_details.details             ? 
# 
loop_
_pdbx_audit_revision_group.ordinal 
_pdbx_audit_revision_group.revision_ordinal 
_pdbx_audit_revision_group.data_content_type 
_pdbx_audit_revision_group.group 
1 2 'Structure model' 'Version format compliance' 
2 3 'Structure model' 'Version format compliance' 
3 4 'Structure model' 'Derived calculations'      
4 4 'Structure model' Other                       
5 5 'Structure model' 'Data collection'           
6 5 'Structure model' 'Database references'       
7 5 'Structure model' 'Derived calculations'      
8 5 'Structure model' 'Structure summary'         
# 
loop_
_pdbx_audit_revision_category.ordinal 
_pdbx_audit_revision_category.revision_ordinal 
_pdbx_audit_revision_category.data_content_type 
_pdbx_audit_revision_category.category 
1  4 'Structure model' pdbx_database_status      
2  4 'Structure model' struct_conf               
3  4 'Structure model' struct_conf_type          
4  5 'Structure model' chem_comp_atom            
5  5 'Structure model' chem_comp_bond            
6  5 'Structure model' database_2                
7  5 'Structure model' pdbx_entry_details        
8  5 'Structure model' pdbx_modification_feature 
9  5 'Structure model' pdbx_struct_conn_angle    
10 5 'Structure model' struct_conn               
11 5 'Structure model' struct_ref_seq_dif        
12 5 'Structure model' struct_site               
# 
loop_
_pdbx_audit_revision_item.ordinal 
_pdbx_audit_revision_item.revision_ordinal 
_pdbx_audit_revision_item.data_content_type 
_pdbx_audit_revision_item.item 
1  4 'Structure model' '_pdbx_database_status.process_site'          
2  5 'Structure model' '_database_2.pdbx_DOI'                        
3  5 'Structure model' '_database_2.pdbx_database_accession'         
4  5 'Structure model' '_pdbx_struct_conn_angle.ptnr1_auth_comp_id'  
5  5 'Structure model' '_pdbx_struct_conn_angle.ptnr1_auth_seq_id'   
6  5 'Structure model' '_pdbx_struct_conn_angle.ptnr1_label_asym_id' 
7  5 'Structure model' '_pdbx_struct_conn_angle.ptnr1_label_atom_id' 
8  5 'Structure model' '_pdbx_struct_conn_angle.ptnr1_label_comp_id' 
9  5 'Structure model' '_pdbx_struct_conn_angle.ptnr1_label_seq_id'  
10 5 'Structure model' '_pdbx_struct_conn_angle.ptnr2_auth_seq_id'   
11 5 'Structure model' '_pdbx_struct_conn_angle.ptnr2_label_asym_id' 
12 5 'Structure model' '_pdbx_struct_conn_angle.ptnr3_auth_comp_id'  
13 5 'Structure model' '_pdbx_struct_conn_angle.ptnr3_auth_seq_id'   
14 5 'Structure model' '_pdbx_struct_conn_angle.ptnr3_label_asym_id' 
15 5 'Structure model' '_pdbx_struct_conn_angle.ptnr3_label_atom_id' 
16 5 'Structure model' '_pdbx_struct_conn_angle.ptnr3_label_comp_id' 
17 5 'Structure model' '_pdbx_struct_conn_angle.ptnr3_label_seq_id'  
18 5 'Structure model' '_pdbx_struct_conn_angle.value'               
19 5 'Structure model' '_struct_conn.conn_type_id'                   
20 5 'Structure model' '_struct_conn.id'                             
21 5 'Structure model' '_struct_conn.pdbx_dist_value'                
22 5 'Structure model' '_struct_conn.pdbx_leaving_atom_flag'         
23 5 'Structure model' '_struct_conn.ptnr1_auth_comp_id'             
24 5 'Structure model' '_struct_conn.ptnr1_auth_seq_id'              
25 5 'Structure model' '_struct_conn.ptnr1_label_asym_id'            
26 5 'Structure model' '_struct_conn.ptnr1_label_atom_id'            
27 5 'Structure model' '_struct_conn.ptnr1_label_comp_id'            
28 5 'Structure model' '_struct_conn.ptnr1_label_seq_id'             
29 5 'Structure model' '_struct_conn.ptnr2_auth_comp_id'             
30 5 'Structure model' '_struct_conn.ptnr2_auth_seq_id'              
31 5 'Structure model' '_struct_conn.ptnr2_label_asym_id'            
32 5 'Structure model' '_struct_conn.ptnr2_label_atom_id'            
33 5 'Structure model' '_struct_conn.ptnr2_label_comp_id'            
34 5 'Structure model' '_struct_conn.ptnr2_label_seq_id'             
35 5 'Structure model' '_struct_ref_seq_dif.details'                 
36 5 'Structure model' '_struct_site.pdbx_auth_asym_id'              
37 5 'Structure model' '_struct_site.pdbx_auth_comp_id'              
38 5 'Structure model' '_struct_site.pdbx_auth_seq_id'               
# 
_pdbx_database_status.status_code                     REL 
_pdbx_database_status.entry_id                        2PF2 
_pdbx_database_status.recvd_initial_deposition_date   1991-12-08 
_pdbx_database_status.deposit_site                    ? 
_pdbx_database_status.process_site                    BNL 
_pdbx_database_status.SG_entry                        . 
_pdbx_database_status.status_code_sf                  ? 
_pdbx_database_status.status_code_mr                  ? 
_pdbx_database_status.status_code_cs                  ? 
_pdbx_database_status.pdb_format_compatible           Y 
_pdbx_database_status.methods_development_category    ? 
_pdbx_database_status.status_code_nmr_data            ? 
# 
loop_
_audit_author.name 
_audit_author.pdbx_ordinal 
'Soriano-Garcia, M.' 1 
'Padmanabhan, K.'    2 
'De vos, A.M.'       3 
'Tulinsky, A.'       4 
# 
loop_
_citation.id 
_citation.title 
_citation.journal_abbrev 
_citation.journal_volume 
_citation.page_first 
_citation.page_last 
_citation.year 
_citation.journal_id_ASTM 
_citation.country 
_citation.journal_id_ISSN 
_citation.journal_id_CSD 
_citation.book_publisher 
_citation.pdbx_database_id_PubMed 
_citation.pdbx_database_id_DOI 
primary 'The Ca2+ ion and membrane binding structure of the Gla domain of Ca-prothrombin fragment 1.' Biochemistry 31  2554 2566 
1992 BICHAW US 0006-2960 0033 ? 1547238 10.1021/bi00124a016 
1       'Structure of Bovine Prothrombin Fragment 1 Refined at 2.25 Angstroms Resolution'             J.Mol.Biol.  220 481  ?    
1991 JMOBAK UK 0022-2836 0070 ? ?       ?                   
2       'Structure of Ca2+ Prothrombin Fragment 1 Including the Conformation of the Gla Domain'       Biochemistry 28  6805 ?    
1989 BICHAW US 0006-2960 0033 ? ?       ?                   
# 
loop_
_citation_author.citation_id 
_citation_author.name 
_citation_author.ordinal 
_citation_author.identifier_ORCID 
primary 'Soriano-Garcia, M.'    1  ? 
primary 'Padmanabhan, K.'       2  ? 
primary 'de Vos, A.M.'          3  ? 
primary 'Tulinsky, A.'          4  ? 
1       'Seshadri, T.P.'        5  ? 
1       'Tulinsky, A.'          6  ? 
1       'Skrzypczak-Jankun, E.' 7  ? 
1       'Park, C.H.'            8  ? 
2       'Soriano-Garcia, M.'    9  ? 
2       'Park, C.H.'            10 ? 
2       'Tulinsky, A.'          11 ? 
2       'Ravichandran, K.G.'    12 ? 
2       'Skrzypczak-Jankun, E.' 13 ? 
# 
loop_
_entity.id 
_entity.type 
_entity.src_method 
_entity.pdbx_description 
_entity.formula_weight 
_entity.pdbx_number_of_molecules 
_entity.pdbx_ec 
_entity.pdbx_mutation 
_entity.pdbx_fragment 
_entity.details 
1 polymer     man 'PROTHROMBIN FRAGMENT 1' 18024.672 1   ? ? ? ? 
2 non-polymer syn 'CALCIUM ION'            40.078    7   ? ? ? ? 
3 water       nat water                    18.015    144 ? ? ? ? 
# 
_entity_poly.entity_id                      1 
_entity_poly.type                           'polypeptide(L)' 
_entity_poly.nstd_linkage                   no 
_entity_poly.nstd_monomer                   yes 
_entity_poly.pdbx_seq_one_letter_code       
;ANKGFL(CGU)(CGU)VRKGNL(CGU)R(CGU)CL(CGU)(CGU)PCSR(CGU)(CGU)AF(CGU)AL(CGU)SLSATDA
FWAKYTACESARNPREKLNECLEGNCAEGVGMNYRGNVSVTRSGIECQLWRSRYPHKPEINSTTHPGADLRENFCRNPDG
SITGPWCYTTSPTLRREECSVPVCGQDRVTVEVIPR
;
_entity_poly.pdbx_seq_one_letter_code_can   
;ANKGFLEEVRKGNLERECLEEPCSREEAFEALESLSATDAFWAKYTACESARNPREKLNECLEGNCAEGVGMNYRGNVSV
TRSGIECQLWRSRYPHKPEINSTTHPGADLRENFCRNPDGSITGPWCYTTSPTLRREECSVPVCGQDRVTVEVIPR
;
_entity_poly.pdbx_strand_id                 A 
_entity_poly.pdbx_target_identifier         ? 
# 
loop_
_pdbx_entity_nonpoly.entity_id 
_pdbx_entity_nonpoly.name 
_pdbx_entity_nonpoly.comp_id 
2 'CALCIUM ION' CA  
3 water         HOH 
# 
loop_
_entity_poly_seq.entity_id 
_entity_poly_seq.num 
_entity_poly_seq.mon_id 
_entity_poly_seq.hetero 
1 1   ALA n 
1 2   ASN n 
1 3   LYS n 
1 4   GLY n 
1 5   PHE n 
1 6   LEU n 
1 7   CGU n 
1 8   CGU n 
1 9   VAL n 
1 10  ARG n 
1 11  LYS n 
1 12  GLY n 
1 13  ASN n 
1 14  LEU n 
1 15  CGU n 
1 16  ARG n 
1 17  CGU n 
1 18  CYS n 
1 19  LEU n 
1 20  CGU n 
1 21  CGU n 
1 22  PRO n 
1 23  CYS n 
1 24  SER n 
1 25  ARG n 
1 26  CGU n 
1 27  CGU n 
1 28  ALA n 
1 29  PHE n 
1 30  CGU n 
1 31  ALA n 
1 32  LEU n 
1 33  CGU n 
1 34  SER n 
1 35  LEU n 
1 36  SER n 
1 37  ALA n 
1 38  THR n 
1 39  ASP n 
1 40  ALA n 
1 41  PHE n 
1 42  TRP n 
1 43  ALA n 
1 44  LYS n 
1 45  TYR n 
1 46  THR n 
1 47  ALA n 
1 48  CYS n 
1 49  GLU n 
1 50  SER n 
1 51  ALA n 
1 52  ARG n 
1 53  ASN n 
1 54  PRO n 
1 55  ARG n 
1 56  GLU n 
1 57  LYS n 
1 58  LEU n 
1 59  ASN n 
1 60  GLU n 
1 61  CYS n 
1 62  LEU n 
1 63  GLU n 
1 64  GLY n 
1 65  ASN n 
1 66  CYS n 
1 67  ALA n 
1 68  GLU n 
1 69  GLY n 
1 70  VAL n 
1 71  GLY n 
1 72  MET n 
1 73  ASN n 
1 74  TYR n 
1 75  ARG n 
1 76  GLY n 
1 77  ASN n 
1 78  VAL n 
1 79  SER n 
1 80  VAL n 
1 81  THR n 
1 82  ARG n 
1 83  SER n 
1 84  GLY n 
1 85  ILE n 
1 86  GLU n 
1 87  CYS n 
1 88  GLN n 
1 89  LEU n 
1 90  TRP n 
1 91  ARG n 
1 92  SER n 
1 93  ARG n 
1 94  TYR n 
1 95  PRO n 
1 96  HIS n 
1 97  LYS n 
1 98  PRO n 
1 99  GLU n 
1 100 ILE n 
1 101 ASN n 
1 102 SER n 
1 103 THR n 
1 104 THR n 
1 105 HIS n 
1 106 PRO n 
1 107 GLY n 
1 108 ALA n 
1 109 ASP n 
1 110 LEU n 
1 111 ARG n 
1 112 GLU n 
1 113 ASN n 
1 114 PHE n 
1 115 CYS n 
1 116 ARG n 
1 117 ASN n 
1 118 PRO n 
1 119 ASP n 
1 120 GLY n 
1 121 SER n 
1 122 ILE n 
1 123 THR n 
1 124 GLY n 
1 125 PRO n 
1 126 TRP n 
1 127 CYS n 
1 128 TYR n 
1 129 THR n 
1 130 THR n 
1 131 SER n 
1 132 PRO n 
1 133 THR n 
1 134 LEU n 
1 135 ARG n 
1 136 ARG n 
1 137 GLU n 
1 138 GLU n 
1 139 CYS n 
1 140 SER n 
1 141 VAL n 
1 142 PRO n 
1 143 VAL n 
1 144 CYS n 
1 145 GLY n 
1 146 GLN n 
1 147 ASP n 
1 148 ARG n 
1 149 VAL n 
1 150 THR n 
1 151 VAL n 
1 152 GLU n 
1 153 VAL n 
1 154 ILE n 
1 155 PRO n 
1 156 ARG n 
# 
_entity_src_gen.entity_id                          1 
_entity_src_gen.pdbx_src_id                        1 
_entity_src_gen.pdbx_alt_source_flag               sample 
_entity_src_gen.pdbx_seq_type                      ? 
_entity_src_gen.pdbx_beg_seq_num                   ? 
_entity_src_gen.pdbx_end_seq_num                   ? 
_entity_src_gen.gene_src_common_name               cattle 
_entity_src_gen.gene_src_genus                     Bos 
_entity_src_gen.pdbx_gene_src_gene                 ? 
_entity_src_gen.gene_src_species                   ? 
_entity_src_gen.gene_src_strain                    ? 
_entity_src_gen.gene_src_tissue                    ? 
_entity_src_gen.gene_src_tissue_fraction           ? 
_entity_src_gen.gene_src_details                   ? 
_entity_src_gen.pdbx_gene_src_fragment             ? 
_entity_src_gen.pdbx_gene_src_scientific_name      'Bos taurus' 
_entity_src_gen.pdbx_gene_src_ncbi_taxonomy_id     9913 
_entity_src_gen.pdbx_gene_src_variant              ? 
_entity_src_gen.pdbx_gene_src_cell_line            ? 
_entity_src_gen.pdbx_gene_src_atcc                 ? 
_entity_src_gen.pdbx_gene_src_organ                ? 
_entity_src_gen.pdbx_gene_src_organelle            ? 
_entity_src_gen.pdbx_gene_src_cell                 ? 
_entity_src_gen.pdbx_gene_src_cellular_location    ? 
_entity_src_gen.host_org_common_name               ? 
_entity_src_gen.pdbx_host_org_scientific_name      ? 
_entity_src_gen.pdbx_host_org_ncbi_taxonomy_id     ? 
_entity_src_gen.host_org_genus                     ? 
_entity_src_gen.pdbx_host_org_gene                 ? 
_entity_src_gen.pdbx_host_org_organ                ? 
_entity_src_gen.host_org_species                   ? 
_entity_src_gen.pdbx_host_org_tissue               ? 
_entity_src_gen.pdbx_host_org_tissue_fraction      ? 
_entity_src_gen.pdbx_host_org_strain               ? 
_entity_src_gen.pdbx_host_org_variant              ? 
_entity_src_gen.pdbx_host_org_cell_line            ? 
_entity_src_gen.pdbx_host_org_atcc                 ? 
_entity_src_gen.pdbx_host_org_culture_collection   ? 
_entity_src_gen.pdbx_host_org_cell                 ? 
_entity_src_gen.pdbx_host_org_organelle            ? 
_entity_src_gen.pdbx_host_org_cellular_location    ? 
_entity_src_gen.pdbx_host_org_vector_type          ? 
_entity_src_gen.pdbx_host_org_vector               ? 
_entity_src_gen.host_org_details                   ? 
_entity_src_gen.expression_system_id               ? 
_entity_src_gen.plasmid_name                       ? 
_entity_src_gen.plasmid_details                    ? 
_entity_src_gen.pdbx_description                   ? 
# 
loop_
_chem_comp.id 
_chem_comp.type 
_chem_comp.mon_nstd_flag 
_chem_comp.name 
_chem_comp.pdbx_synonyms 
_chem_comp.formula 
_chem_comp.formula_weight 
ALA 'L-peptide linking' y ALANINE                       ? 'C3 H7 N O2'     89.093  
ARG 'L-peptide linking' y ARGININE                      ? 'C6 H15 N4 O2 1' 175.209 
ASN 'L-peptide linking' y ASPARAGINE                    ? 'C4 H8 N2 O3'    132.118 
ASP 'L-peptide linking' y 'ASPARTIC ACID'               ? 'C4 H7 N O4'     133.103 
CA  non-polymer         . 'CALCIUM ION'                 ? 'Ca 2'           40.078  
CGU 'L-peptide linking' n 'GAMMA-CARBOXY-GLUTAMIC ACID' ? 'C6 H9 N O6'     191.139 
CYS 'L-peptide linking' y CYSTEINE                      ? 'C3 H7 N O2 S'   121.158 
GLN 'L-peptide linking' y GLUTAMINE                     ? 'C5 H10 N2 O3'   146.144 
GLU 'L-peptide linking' y 'GLUTAMIC ACID'               ? 'C5 H9 N O4'     147.129 
GLY 'peptide linking'   y GLYCINE                       ? 'C2 H5 N O2'     75.067  
HIS 'L-peptide linking' y HISTIDINE                     ? 'C6 H10 N3 O2 1' 156.162 
HOH non-polymer         . WATER                         ? 'H2 O'           18.015  
ILE 'L-peptide linking' y ISOLEUCINE                    ? 'C6 H13 N O2'    131.173 
LEU 'L-peptide linking' y LEUCINE                       ? 'C6 H13 N O2'    131.173 
LYS 'L-peptide linking' y LYSINE                        ? 'C6 H15 N2 O2 1' 147.195 
MET 'L-peptide linking' y METHIONINE                    ? 'C5 H11 N O2 S'  149.211 
PHE 'L-peptide linking' y PHENYLALANINE                 ? 'C9 H11 N O2'    165.189 
PRO 'L-peptide linking' y PROLINE                       ? 'C5 H9 N O2'     115.130 
SER 'L-peptide linking' y SERINE                        ? 'C3 H7 N O3'     105.093 
THR 'L-peptide linking' y THREONINE                     ? 'C4 H9 N O3'     119.119 
TRP 'L-peptide linking' y TRYPTOPHAN                    ? 'C11 H12 N2 O2'  204.225 
TYR 'L-peptide linking' y TYROSINE                      ? 'C9 H11 N O3'    181.189 
VAL 'L-peptide linking' y VALINE                        ? 'C5 H11 N O2'    117.146 
# 
loop_
_pdbx_poly_seq_scheme.asym_id 
_pdbx_poly_seq_scheme.entity_id 
_pdbx_poly_seq_scheme.seq_id 
_pdbx_poly_seq_scheme.mon_id 
_pdbx_poly_seq_scheme.ndb_seq_num 
_pdbx_poly_seq_scheme.pdb_seq_num 
_pdbx_poly_seq_scheme.auth_seq_num 
_pdbx_poly_seq_scheme.pdb_mon_id 
_pdbx_poly_seq_scheme.auth_mon_id 
_pdbx_poly_seq_scheme.pdb_strand_id 
_pdbx_poly_seq_scheme.pdb_ins_code 
_pdbx_poly_seq_scheme.hetero 
A 1 1   ALA 1   1   1   ALA ALA A . n 
A 1 2   ASN 2   2   2   ASN ASN A . n 
A 1 3   LYS 3   3   3   LYS LYS A . n 
A 1 4   GLY 4   4   4   GLY GLY A . n 
A 1 5   PHE 5   5   5   PHE PHE A . n 
A 1 6   LEU 6   6   6   LEU LEU A . n 
A 1 7   CGU 7   7   7   CGU CGU A . n 
A 1 8   CGU 8   8   8   CGU CGU A . n 
A 1 9   VAL 9   9   9   VAL VAL A . n 
A 1 10  ARG 10  10  10  ARG ARG A . n 
A 1 11  LYS 11  11  11  LYS LYS A . n 
A 1 12  GLY 12  12  12  GLY GLY A . n 
A 1 13  ASN 13  13  13  ASN ASN A . n 
A 1 14  LEU 14  14  14  LEU LEU A . n 
A 1 15  CGU 15  15  15  CGU CGU A . n 
A 1 16  ARG 16  16  16  ARG ARG A . n 
A 1 17  CGU 17  17  17  CGU CGU A . n 
A 1 18  CYS 18  18  18  CYS CYS A . n 
A 1 19  LEU 19  19  19  LEU LEU A . n 
A 1 20  CGU 20  20  20  CGU CGU A . n 
A 1 21  CGU 21  21  21  CGU CGU A . n 
A 1 22  PRO 22  22  22  PRO PRO A . n 
A 1 23  CYS 23  23  23  CYS CYS A . n 
A 1 24  SER 24  24  24  SER SER A . n 
A 1 25  ARG 25  25  25  ARG ARG A . n 
A 1 26  CGU 26  26  26  CGU CGU A . n 
A 1 27  CGU 27  27  27  CGU CGU A . n 
A 1 28  ALA 28  28  28  ALA ALA A . n 
A 1 29  PHE 29  29  29  PHE PHE A . n 
A 1 30  CGU 30  30  30  CGU CGU A . n 
A 1 31  ALA 31  31  31  ALA ALA A . n 
A 1 32  LEU 32  32  32  LEU LEU A . n 
A 1 33  CGU 33  33  33  CGU CGU A . n 
A 1 34  SER 34  34  34  SER SER A . n 
A 1 35  LEU 35  35  35  LEU LEU A . n 
A 1 36  SER 36  36  36  SER SER A . n 
A 1 37  ALA 37  37  37  ALA ALA A . n 
A 1 38  THR 38  38  38  THR THR A . n 
A 1 39  ASP 39  39  39  ASP ASP A . n 
A 1 40  ALA 40  40  40  ALA ALA A . n 
A 1 41  PHE 41  41  41  PHE PHE A . n 
A 1 42  TRP 42  42  42  TRP TRP A . n 
A 1 43  ALA 43  43  43  ALA ALA A . n 
A 1 44  LYS 44  44  44  LYS LYS A . n 
A 1 45  TYR 45  45  45  TYR TYR A . n 
A 1 46  THR 46  46  46  THR THR A . n 
A 1 47  ALA 47  47  47  ALA ALA A . n 
A 1 48  CYS 48  48  48  CYS CYS A . n 
A 1 49  GLU 49  49  49  GLU GLU A . n 
A 1 50  SER 50  50  50  SER SER A . n 
A 1 51  ALA 51  51  51  ALA ALA A . n 
A 1 52  ARG 52  52  52  ARG ARG A . n 
A 1 53  ASN 53  53  53  ASN ASN A . n 
A 1 54  PRO 54  54  54  PRO PRO A . n 
A 1 55  ARG 55  55  55  ARG ARG A . n 
A 1 56  GLU 56  56  56  GLU GLU A . n 
A 1 57  LYS 57  57  57  LYS LYS A . n 
A 1 58  LEU 58  58  58  LEU LEU A . n 
A 1 59  ASN 59  59  59  ASN ASN A . n 
A 1 60  GLU 60  60  60  GLU GLU A . n 
A 1 61  CYS 61  61  61  CYS CYS A . n 
A 1 62  LEU 62  62  62  LEU LEU A . n 
A 1 63  GLU 63  63  63  GLU GLU A . n 
A 1 64  GLY 64  64  64  GLY GLY A . n 
A 1 65  ASN 65  65  65  ASN ASN A . n 
A 1 66  CYS 66  66  66  CYS CYS A . n 
A 1 67  ALA 67  67  67  ALA ALA A . n 
A 1 68  GLU 68  68  68  GLU GLU A . n 
A 1 69  GLY 69  69  69  GLY GLY A . n 
A 1 70  VAL 70  70  70  VAL VAL A . n 
A 1 71  GLY 71  71  71  GLY GLY A . n 
A 1 72  MET 72  72  72  MET MET A . n 
A 1 73  ASN 73  73  73  ASN ASN A . n 
A 1 74  TYR 74  74  74  TYR TYR A . n 
A 1 75  ARG 75  75  75  ARG ARG A . n 
A 1 76  GLY 76  76  76  GLY GLY A . n 
A 1 77  ASN 77  77  77  ASN ASN A . n 
A 1 78  VAL 78  78  78  VAL VAL A . n 
A 1 79  SER 79  79  79  SER SER A . n 
A 1 80  VAL 80  80  80  VAL VAL A . n 
A 1 81  THR 81  81  81  THR THR A . n 
A 1 82  ARG 82  82  82  ARG ARG A . n 
A 1 83  SER 83  83  83  SER SER A . n 
A 1 84  GLY 84  84  84  GLY GLY A . n 
A 1 85  ILE 85  85  85  ILE ILE A . n 
A 1 86  GLU 86  86  86  GLU GLU A . n 
A 1 87  CYS 87  87  87  CYS CYS A . n 
A 1 88  GLN 88  88  88  GLN GLN A . n 
A 1 89  LEU 89  89  89  LEU LEU A . n 
A 1 90  TRP 90  90  90  TRP TRP A . n 
A 1 91  ARG 91  91  91  ARG ARG A . n 
A 1 92  SER 92  92  92  SER SER A . n 
A 1 93  ARG 93  93  93  ARG ARG A . n 
A 1 94  TYR 94  94  94  TYR TYR A . n 
A 1 95  PRO 95  95  95  PRO PRO A . n 
A 1 96  HIS 96  96  96  HIS HIS A . n 
A 1 97  LYS 97  97  97  LYS LYS A . n 
A 1 98  PRO 98  98  98  PRO PRO A . n 
A 1 99  GLU 99  99  99  GLU GLU A . n 
A 1 100 ILE 100 100 100 ILE ILE A . n 
A 1 101 ASN 101 101 101 ASN ASN A . n 
A 1 102 SER 102 102 102 SER SER A . n 
A 1 103 THR 103 103 103 THR THR A . n 
A 1 104 THR 104 104 104 THR THR A . n 
A 1 105 HIS 105 105 105 HIS HIS A . n 
A 1 106 PRO 106 106 106 PRO PRO A . n 
A 1 107 GLY 107 107 107 GLY GLY A . n 
A 1 108 ALA 108 108 108 ALA ALA A . n 
A 1 109 ASP 109 109 109 ASP ASP A . n 
A 1 110 LEU 110 110 110 LEU LEU A . n 
A 1 111 ARG 111 111 111 ARG ARG A . n 
A 1 112 GLU 112 112 112 GLU GLU A . n 
A 1 113 ASN 113 113 113 ASN ASN A . n 
A 1 114 PHE 114 114 114 PHE PHE A . n 
A 1 115 CYS 115 115 115 CYS CYS A . n 
A 1 116 ARG 116 116 116 ARG ARG A . n 
A 1 117 ASN 117 117 117 ASN ASN A . n 
A 1 118 PRO 118 118 118 PRO PRO A . n 
A 1 119 ASP 119 119 119 ASP ASP A . n 
A 1 120 GLY 120 120 120 GLY GLY A . n 
A 1 121 SER 121 121 121 SER SER A . n 
A 1 122 ILE 122 122 122 ILE ILE A . n 
A 1 123 THR 123 123 123 THR THR A . n 
A 1 124 GLY 124 124 124 GLY GLY A . n 
A 1 125 PRO 125 125 125 PRO PRO A . n 
A 1 126 TRP 126 126 126 TRP TRP A . n 
A 1 127 CYS 127 127 127 CYS CYS A . n 
A 1 128 TYR 128 128 128 TYR TYR A . n 
A 1 129 THR 129 129 129 THR THR A . n 
A 1 130 THR 130 130 130 THR THR A . n 
A 1 131 SER 131 131 131 SER SER A . n 
A 1 132 PRO 132 132 132 PRO PRO A . n 
A 1 133 THR 133 133 133 THR THR A . n 
A 1 134 LEU 134 134 134 LEU LEU A . n 
A 1 135 ARG 135 135 135 ARG ARG A . n 
A 1 136 ARG 136 136 136 ARG ARG A . n 
A 1 137 GLU 137 137 137 GLU GLU A . n 
A 1 138 GLU 138 138 138 GLU GLU A . n 
A 1 139 CYS 139 139 139 CYS CYS A . n 
A 1 140 SER 140 140 140 SER SER A . n 
A 1 141 VAL 141 141 141 VAL VAL A . n 
A 1 142 PRO 142 142 142 PRO PRO A . n 
A 1 143 VAL 143 143 143 VAL VAL A . n 
A 1 144 CYS 144 144 144 CYS CYS A . n 
A 1 145 GLY 145 145 145 GLY GLY A . n 
A 1 146 GLN 146 146 146 GLN GLN A . n 
A 1 147 ASP 147 147 ?   ?   ?   A . n 
A 1 148 ARG 148 148 ?   ?   ?   A . n 
A 1 149 VAL 149 149 ?   ?   ?   A . n 
A 1 150 THR 150 150 ?   ?   ?   A . n 
A 1 151 VAL 151 151 ?   ?   ?   A . n 
A 1 152 GLU 152 152 ?   ?   ?   A . n 
A 1 153 VAL 153 153 ?   ?   ?   A . n 
A 1 154 ILE 154 154 ?   ?   ?   A . n 
A 1 155 PRO 155 155 ?   ?   ?   A . n 
A 1 156 ARG 156 156 ?   ?   ?   A . n 
# 
loop_
_pdbx_nonpoly_scheme.asym_id 
_pdbx_nonpoly_scheme.entity_id 
_pdbx_nonpoly_scheme.mon_id 
_pdbx_nonpoly_scheme.ndb_seq_num 
_pdbx_nonpoly_scheme.pdb_seq_num 
_pdbx_nonpoly_scheme.auth_seq_num 
_pdbx_nonpoly_scheme.pdb_mon_id 
_pdbx_nonpoly_scheme.auth_mon_id 
_pdbx_nonpoly_scheme.pdb_strand_id 
_pdbx_nonpoly_scheme.pdb_ins_code 
B 2 CA  1   171 171 CA  CA  A . 
C 2 CA  1   172 172 CA  CA  A . 
D 2 CA  1   173 173 CA  CA  A . 
E 2 CA  1   174 174 CA  CA  A . 
F 2 CA  1   175 175 CA  CA  A . 
G 2 CA  1   176 176 CA  CA  A . 
H 2 CA  1   177 177 CA  CA  A . 
I 3 HOH 1   181 181 HOH HOH A . 
I 3 HOH 2   182 182 HOH HOH A . 
I 3 HOH 3   183 183 HOH HOH A . 
I 3 HOH 4   184 184 HOH HOH A . 
I 3 HOH 5   185 185 HOH HOH A . 
I 3 HOH 6   186 186 HOH HOH A . 
I 3 HOH 7   187 187 HOH HOH A . 
I 3 HOH 8   188 188 HOH HOH A . 
I 3 HOH 9   189 189 HOH HOH A . 
I 3 HOH 10  190 190 HOH HOH A . 
I 3 HOH 11  191 191 HOH HOH A . 
I 3 HOH 12  192 192 HOH HOH A . 
I 3 HOH 13  194 194 HOH HOH A . 
I 3 HOH 14  195 195 HOH HOH A . 
I 3 HOH 15  196 196 HOH HOH A . 
I 3 HOH 16  197 197 HOH HOH A . 
I 3 HOH 17  198 198 HOH HOH A . 
I 3 HOH 18  199 199 HOH HOH A . 
I 3 HOH 19  200 200 HOH HOH A . 
I 3 HOH 20  201 201 HOH HOH A . 
I 3 HOH 21  202 202 HOH HOH A . 
I 3 HOH 22  203 203 HOH HOH A . 
I 3 HOH 23  204 204 HOH HOH A . 
I 3 HOH 24  205 205 HOH HOH A . 
I 3 HOH 25  206 206 HOH HOH A . 
I 3 HOH 26  207 207 HOH HOH A . 
I 3 HOH 27  208 208 HOH HOH A . 
I 3 HOH 28  209 209 HOH HOH A . 
I 3 HOH 29  210 210 HOH HOH A . 
I 3 HOH 30  211 211 HOH HOH A . 
I 3 HOH 31  212 212 HOH HOH A . 
I 3 HOH 32  213 213 HOH HOH A . 
I 3 HOH 33  214 214 HOH HOH A . 
I 3 HOH 34  215 215 HOH HOH A . 
I 3 HOH 35  216 216 HOH HOH A . 
I 3 HOH 36  217 217 HOH HOH A . 
I 3 HOH 37  218 218 HOH HOH A . 
I 3 HOH 38  219 219 HOH HOH A . 
I 3 HOH 39  220 220 HOH HOH A . 
I 3 HOH 40  221 221 HOH HOH A . 
I 3 HOH 41  222 222 HOH HOH A . 
I 3 HOH 42  223 223 HOH HOH A . 
I 3 HOH 43  224 224 HOH HOH A . 
I 3 HOH 44  226 226 HOH HOH A . 
I 3 HOH 45  227 227 HOH HOH A . 
I 3 HOH 46  228 228 HOH HOH A . 
I 3 HOH 47  229 229 HOH HOH A . 
I 3 HOH 48  230 230 HOH HOH A . 
I 3 HOH 49  231 231 HOH HOH A . 
I 3 HOH 50  232 232 HOH HOH A . 
I 3 HOH 51  234 234 HOH HOH A . 
I 3 HOH 52  235 235 HOH HOH A . 
I 3 HOH 53  236 236 HOH HOH A . 
I 3 HOH 54  237 237 HOH HOH A . 
I 3 HOH 55  238 238 HOH HOH A . 
I 3 HOH 56  239 239 HOH HOH A . 
I 3 HOH 57  240 240 HOH HOH A . 
I 3 HOH 58  241 241 HOH HOH A . 
I 3 HOH 59  242 242 HOH HOH A . 
I 3 HOH 60  243 243 HOH HOH A . 
I 3 HOH 61  244 244 HOH HOH A . 
I 3 HOH 62  245 245 HOH HOH A . 
I 3 HOH 63  246 246 HOH HOH A . 
I 3 HOH 64  249 249 HOH HOH A . 
I 3 HOH 65  250 250 HOH HOH A . 
I 3 HOH 66  251 251 HOH HOH A . 
I 3 HOH 67  252 252 HOH HOH A . 
I 3 HOH 68  253 253 HOH HOH A . 
I 3 HOH 69  254 254 HOH HOH A . 
I 3 HOH 70  255 255 HOH HOH A . 
I 3 HOH 71  256 256 HOH HOH A . 
I 3 HOH 72  257 257 HOH HOH A . 
I 3 HOH 73  261 261 HOH HOH A . 
I 3 HOH 74  262 262 HOH HOH A . 
I 3 HOH 75  263 263 HOH HOH A . 
I 3 HOH 76  264 264 HOH HOH A . 
I 3 HOH 77  265 265 HOH HOH A . 
I 3 HOH 78  266 266 HOH HOH A . 
I 3 HOH 79  267 267 HOH HOH A . 
I 3 HOH 80  269 269 HOH HOH A . 
I 3 HOH 81  270 270 HOH HOH A . 
I 3 HOH 82  271 271 HOH HOH A . 
I 3 HOH 83  273 273 HOH HOH A . 
I 3 HOH 84  274 274 HOH HOH A . 
I 3 HOH 85  276 276 HOH HOH A . 
I 3 HOH 86  277 277 HOH HOH A . 
I 3 HOH 87  279 279 HOH HOH A . 
I 3 HOH 88  280 280 HOH HOH A . 
I 3 HOH 89  281 281 HOH HOH A . 
I 3 HOH 90  283 283 HOH HOH A . 
I 3 HOH 91  284 284 HOH HOH A . 
I 3 HOH 92  285 285 HOH HOH A . 
I 3 HOH 93  286 286 HOH HOH A . 
I 3 HOH 94  287 287 HOH HOH A . 
I 3 HOH 95  288 288 HOH HOH A . 
I 3 HOH 96  289 289 HOH HOH A . 
I 3 HOH 97  290 290 HOH HOH A . 
I 3 HOH 98  292 292 HOH HOH A . 
I 3 HOH 99  293 293 HOH HOH A . 
I 3 HOH 100 298 298 HOH HOH A . 
I 3 HOH 101 300 300 HOH HOH A . 
I 3 HOH 102 301 301 HOH HOH A . 
I 3 HOH 103 302 302 HOH HOH A . 
I 3 HOH 104 303 303 HOH HOH A . 
I 3 HOH 105 304 304 HOH HOH A . 
I 3 HOH 106 305 305 HOH HOH A . 
I 3 HOH 107 306 306 HOH HOH A . 
I 3 HOH 108 307 307 HOH HOH A . 
I 3 HOH 109 309 309 HOH HOH A . 
I 3 HOH 110 310 310 HOH HOH A . 
I 3 HOH 111 311 311 HOH HOH A . 
I 3 HOH 112 312 312 HOH HOH A . 
I 3 HOH 113 313 313 HOH HOH A . 
I 3 HOH 114 314 314 HOH HOH A . 
I 3 HOH 115 316 316 HOH HOH A . 
I 3 HOH 116 317 317 HOH HOH A . 
I 3 HOH 117 319 319 HOH HOH A . 
I 3 HOH 118 323 323 HOH HOH A . 
I 3 HOH 119 326 326 HOH HOH A . 
I 3 HOH 120 327 327 HOH HOH A . 
I 3 HOH 121 328 328 HOH HOH A . 
I 3 HOH 122 329 329 HOH HOH A . 
I 3 HOH 123 331 331 HOH HOH A . 
I 3 HOH 124 332 332 HOH HOH A . 
I 3 HOH 125 334 334 HOH HOH A . 
I 3 HOH 126 335 335 HOH HOH A . 
I 3 HOH 127 336 336 HOH HOH A . 
I 3 HOH 128 338 338 HOH HOH A . 
I 3 HOH 129 339 339 HOH HOH A . 
I 3 HOH 130 340 340 HOH HOH A . 
I 3 HOH 131 341 341 HOH HOH A . 
I 3 HOH 132 346 346 HOH HOH A . 
I 3 HOH 133 349 349 HOH HOH A . 
I 3 HOH 134 350 350 HOH HOH A . 
I 3 HOH 135 351 351 HOH HOH A . 
I 3 HOH 136 354 354 HOH HOH A . 
I 3 HOH 137 357 357 HOH HOH A . 
I 3 HOH 138 360 360 HOH HOH A . 
I 3 HOH 139 361 361 HOH HOH A . 
I 3 HOH 140 362 362 HOH HOH A . 
I 3 HOH 141 363 363 HOH HOH A . 
I 3 HOH 142 367 367 HOH HOH A . 
I 3 HOH 143 373 373 HOH HOH A . 
I 3 HOH 144 376 376 HOH HOH A . 
# 
loop_
_pdbx_unobs_or_zero_occ_atoms.id 
_pdbx_unobs_or_zero_occ_atoms.PDB_model_num 
_pdbx_unobs_or_zero_occ_atoms.polymer_flag 
_pdbx_unobs_or_zero_occ_atoms.occupancy_flag 
_pdbx_unobs_or_zero_occ_atoms.auth_asym_id 
_pdbx_unobs_or_zero_occ_atoms.auth_comp_id 
_pdbx_unobs_or_zero_occ_atoms.auth_seq_id 
_pdbx_unobs_or_zero_occ_atoms.PDB_ins_code 
_pdbx_unobs_or_zero_occ_atoms.auth_atom_id 
_pdbx_unobs_or_zero_occ_atoms.label_alt_id 
_pdbx_unobs_or_zero_occ_atoms.label_asym_id 
_pdbx_unobs_or_zero_occ_atoms.label_comp_id 
_pdbx_unobs_or_zero_occ_atoms.label_seq_id 
_pdbx_unobs_or_zero_occ_atoms.label_atom_id 
1 1 Y 1 A GLN 146 ? CA  ? A GLN 146 CA  
2 1 Y 1 A GLN 146 ? C   ? A GLN 146 C   
3 1 Y 1 A GLN 146 ? O   ? A GLN 146 O   
4 1 Y 1 A GLN 146 ? CB  ? A GLN 146 CB  
5 1 Y 1 A GLN 146 ? CG  ? A GLN 146 CG  
6 1 Y 1 A GLN 146 ? CD  ? A GLN 146 CD  
7 1 Y 1 A GLN 146 ? OE1 ? A GLN 146 OE1 
8 1 Y 1 A GLN 146 ? NE2 ? A GLN 146 NE2 
# 
loop_
_software.name 
_software.classification 
_software.version 
_software.citation_id 
_software.pdbx_ordinal 
X-PLOR 'model building' . ? 1 
PROFFT refinement       . ? 2 
PROLSQ refinement       . ? 3 
X-PLOR refinement       . ? 4 
X-PLOR phasing          . ? 5 
# 
_cell.entry_id           2PF2 
_cell.length_a           39.390 
_cell.length_b           53.880 
_cell.length_c           129.640 
_cell.angle_alpha        90.00 
_cell.angle_beta         90.00 
_cell.angle_gamma        90.00 
_cell.Z_PDB              4 
_cell.pdbx_unique_axis   ? 
_cell.length_a_esd       ? 
_cell.length_b_esd       ? 
_cell.length_c_esd       ? 
_cell.angle_alpha_esd    ? 
_cell.angle_beta_esd     ? 
_cell.angle_gamma_esd    ? 
# 
_symmetry.entry_id                         2PF2 
_symmetry.space_group_name_H-M             'P 21 21 21' 
_symmetry.pdbx_full_space_group_name_H-M   ? 
_symmetry.cell_setting                     ? 
_symmetry.Int_Tables_number                19 
_symmetry.space_group_name_Hall            ? 
# 
_exptl.entry_id          2PF2 
_exptl.method            'X-RAY DIFFRACTION' 
_exptl.crystals_number   ? 
# 
_exptl_crystal.id                    1 
_exptl_crystal.density_meas          ? 
_exptl_crystal.density_Matthews      3.81 
_exptl_crystal.density_percent_sol   67.75 
_exptl_crystal.description           ? 
_exptl_crystal.F_000                 ? 
_exptl_crystal.preparation           ? 
# 
_diffrn.id                     1 
_diffrn.ambient_temp           ? 
_diffrn.ambient_temp_details   ? 
_diffrn.crystal_id             1 
# 
_diffrn_radiation.diffrn_id                        1 
_diffrn_radiation.wavelength_id                    1 
_diffrn_radiation.monochromator                    ? 
_diffrn_radiation.pdbx_monochromatic_or_laue_m_l   ? 
_diffrn_radiation.pdbx_diffrn_protocol             ? 
_diffrn_radiation.pdbx_scattering_type             x-ray 
# 
_diffrn_radiation_wavelength.id           1 
_diffrn_radiation_wavelength.wavelength   . 
_diffrn_radiation_wavelength.wt           1.0 
# 
_refine.entry_id                                 2PF2 
_refine.ls_number_reflns_obs                     ? 
_refine.ls_number_reflns_all                     ? 
_refine.pdbx_ls_sigma_I                          ? 
_refine.pdbx_ls_sigma_F                          1.0 
_refine.pdbx_data_cutoff_high_absF               ? 
_refine.pdbx_data_cutoff_low_absF                ? 
_refine.pdbx_data_cutoff_high_rms_absF           ? 
_refine.ls_d_res_low                             7.0 
_refine.ls_d_res_high                            2.2 
_refine.ls_percent_reflns_obs                    ? 
_refine.ls_R_factor_obs                          0.171 
_refine.ls_R_factor_all                          ? 
_refine.ls_R_factor_R_work                       ? 
_refine.ls_R_factor_R_free                       ? 
_refine.ls_R_factor_R_free_error                 ? 
_refine.ls_R_factor_R_free_error_details         ? 
_refine.ls_percent_reflns_R_free                 ? 
_refine.ls_number_reflns_R_free                  ? 
_refine.ls_number_parameters                     ? 
_refine.ls_number_restraints                     ? 
_refine.occupancy_min                            ? 
_refine.occupancy_max                            ? 
_refine.B_iso_mean                               ? 
_refine.aniso_B[1][1]                            ? 
_refine.aniso_B[2][2]                            ? 
_refine.aniso_B[3][3]                            ? 
_refine.aniso_B[1][2]                            ? 
_refine.aniso_B[1][3]                            ? 
_refine.aniso_B[2][3]                            ? 
_refine.solvent_model_details                    ? 
_refine.solvent_model_param_ksol                 ? 
_refine.solvent_model_param_bsol                 ? 
_refine.pdbx_ls_cross_valid_method               ? 
_refine.details                                  ? 
_refine.pdbx_starting_model                      ? 
_refine.pdbx_method_to_determine_struct          ? 
_refine.pdbx_isotropic_thermal_model             ? 
_refine.pdbx_stereochemistry_target_values       ? 
_refine.pdbx_stereochem_target_val_spec_case     ? 
_refine.pdbx_R_Free_selection_details            ? 
_refine.pdbx_overall_ESU_R                       ? 
_refine.pdbx_overall_ESU_R_Free                  ? 
_refine.overall_SU_ML                            ? 
_refine.overall_SU_B                             ? 
_refine.pdbx_refine_id                           'X-RAY DIFFRACTION' 
_refine.ls_redundancy_reflns_obs                 ? 
_refine.pdbx_overall_phase_error                 ? 
_refine.B_iso_min                                ? 
_refine.B_iso_max                                ? 
_refine.correlation_coeff_Fo_to_Fc               ? 
_refine.correlation_coeff_Fo_to_Fc_free          ? 
_refine.pdbx_solvent_vdw_probe_radii             ? 
_refine.pdbx_solvent_ion_probe_radii             ? 
_refine.pdbx_solvent_shrinkage_radii             ? 
_refine.overall_SU_R_Cruickshank_DPI             ? 
_refine.overall_SU_R_free                        ? 
_refine.ls_wR_factor_R_free                      ? 
_refine.ls_wR_factor_R_work                      ? 
_refine.overall_FOM_free_R_set                   ? 
_refine.overall_FOM_work_R_set                   ? 
_refine.pdbx_diffrn_id                           1 
_refine.pdbx_TLS_residual_ADP_flag               ? 
_refine.pdbx_overall_SU_R_free_Cruickshank_DPI   ? 
_refine.pdbx_overall_SU_R_Blow_DPI               ? 
_refine.pdbx_overall_SU_R_free_Blow_DPI          ? 
# 
_refine_hist.pdbx_refine_id                   'X-RAY DIFFRACTION' 
_refine_hist.cycle_id                         LAST 
_refine_hist.pdbx_number_atoms_protein        1166 
_refine_hist.pdbx_number_atoms_nucleic_acid   0 
_refine_hist.pdbx_number_atoms_ligand         7 
_refine_hist.number_atoms_solvent             144 
_refine_hist.number_atoms_total               1317 
_refine_hist.d_res_high                       2.2 
_refine_hist.d_res_low                        7.0 
# 
loop_
_refine_ls_restr.type 
_refine_ls_restr.dev_ideal 
_refine_ls_restr.dev_ideal_target 
_refine_ls_restr.weight 
_refine_ls_restr.number 
_refine_ls_restr.pdbx_refine_id 
_refine_ls_restr.pdbx_restraint_function 
p_bond_d            0.017 0.020 ? ? 'X-RAY DIFFRACTION' ? 
p_angle_d           0.055 0.040 ? ? 'X-RAY DIFFRACTION' ? 
p_angle_deg         ?     ?     ? ? 'X-RAY DIFFRACTION' ? 
p_planar_d          0.060 0.050 ? ? 'X-RAY DIFFRACTION' ? 
p_hb_or_metal_coord ?     ?     ? ? 'X-RAY DIFFRACTION' ? 
p_mcbond_it         1.100 1.500 ? ? 'X-RAY DIFFRACTION' ? 
p_mcangle_it        1.800 2.000 ? ? 'X-RAY DIFFRACTION' ? 
p_scbond_it         1.700 2.000 ? ? 'X-RAY DIFFRACTION' ? 
p_scangle_it        2.500 2.500 ? ? 'X-RAY DIFFRACTION' ? 
p_plane_restr       0.022 0.030 ? ? 'X-RAY DIFFRACTION' ? 
p_chiral_restr      0.187 0.150 ? ? 'X-RAY DIFFRACTION' ? 
p_singtor_nbd       0.240 0.600 ? ? 'X-RAY DIFFRACTION' ? 
p_multtor_nbd       0.330 0.600 ? ? 'X-RAY DIFFRACTION' ? 
p_xhyhbond_nbd      0.340 0.600 ? ? 'X-RAY DIFFRACTION' ? 
p_xyhbond_nbd       ?     ?     ? ? 'X-RAY DIFFRACTION' ? 
p_planar_tor        3.10  3.00  ? ? 'X-RAY DIFFRACTION' ? 
p_staggered_tor     26.00 15.00 ? ? 'X-RAY DIFFRACTION' ? 
p_orthonormal_tor   18.00 20.00 ? ? 'X-RAY DIFFRACTION' ? 
p_transverse_tor    ?     ?     ? ? 'X-RAY DIFFRACTION' ? 
p_special_tor       ?     ?     ? ? 'X-RAY DIFFRACTION' ? 
# 
_struct.entry_id                  2PF2 
_struct.title                     'THE CA+2 ION AND MEMBRANE BINDING STRUCTURE OF THE GLA DOMAIN OF CA-PROTHROMBIN FRAGMENT 1' 
_struct.pdbx_model_details        ? 
_struct.pdbx_CASP_flag            ? 
_struct.pdbx_model_type_details   ? 
# 
_struct_keywords.entry_id        2PF2 
_struct_keywords.pdbx_keywords   'HYDROLASE(SERINE PROTEASE)' 
_struct_keywords.text            'HYDROLASE(SERINE PROTEASE)' 
# 
loop_
_struct_asym.id 
_struct_asym.pdbx_blank_PDB_chainid_flag 
_struct_asym.pdbx_modified 
_struct_asym.entity_id 
_struct_asym.details 
A N N 1 ? 
B N N 2 ? 
C N N 2 ? 
D N N 2 ? 
E N N 2 ? 
F N N 2 ? 
G N N 2 ? 
H N N 2 ? 
I N N 3 ? 
# 
_struct_ref.id                         1 
_struct_ref.db_name                    UNP 
_struct_ref.db_code                    THRB_BOVIN 
_struct_ref.entity_id                  1 
_struct_ref.pdbx_db_accession          P00735 
_struct_ref.pdbx_align_begin           1 
_struct_ref.pdbx_seq_one_letter_code   
;MARVRGPRLPGCLALAALFSLVHSQHVFLAHQQASSLLQRARRANKGFLEEVRKGNLERECLEEPCSREEAFEALESLSA
TDAFWAKYTACESARNPREKLNECLEGNCAEGVGMNYRGNVSVTRSGIECQLWRSRYPHKPEINSTTHPGADLRENFCRN
PDGSITGPWCYTTSPTLRREECSVPVCGQDRVTVEVIPRSGGSTTSQSPLLETCVPDRGREYRGRLAVTTSGSRCLAWSS
EQAKALSKDQDFNPAVPLAENFCRNPDGDEEGAWCYVADQPGDFEYCDLNYCEEPVDGDLGDRLGEDPDPDAAIEGRTSE
DHFQPFFNEKTFGAGEADCGLRPLFEKKQVQDQTEKELFESYIEGRIVEGQDAEVGLSPWQVMLFRKSPQELLCGASLIS
DRWVLTAAHCLLYPPWDKNFTVDDLLVRIGKHSRTRYERKVEKISMLDKIYIHPRYNWKENLDRDIALLKLKRPIELSDY
IHPVCLPDKQTAAKLLHAGFKGRVTGWGNRRETWTTSVAEVQPSVLQVVNLPLVERPVCKASTRIRITDNMFCAGYKPGE
GKRGDACEGDSGGPFVMKSPYNNRWYQMGIVSWGEGCDRDGKYGFYTHVFRLKKWIQKVIDRLGS
;
_struct_ref.pdbx_db_isoform            ? 
# 
_struct_ref_seq.align_id                      1 
_struct_ref_seq.ref_id                        1 
_struct_ref_seq.pdbx_PDB_id_code              2PF2 
_struct_ref_seq.pdbx_strand_id                A 
_struct_ref_seq.seq_align_beg                 1 
_struct_ref_seq.pdbx_seq_align_beg_ins_code   ? 
_struct_ref_seq.seq_align_end                 156 
_struct_ref_seq.pdbx_seq_align_end_ins_code   ? 
_struct_ref_seq.pdbx_db_accession             P00735 
_struct_ref_seq.db_align_beg                  44 
_struct_ref_seq.pdbx_db_align_beg_ins_code    ? 
_struct_ref_seq.db_align_end                  199 
_struct_ref_seq.pdbx_db_align_end_ins_code    ? 
_struct_ref_seq.pdbx_auth_seq_align_beg       1 
_struct_ref_seq.pdbx_auth_seq_align_end       156 
# 
loop_
_struct_ref_seq_dif.align_id 
_struct_ref_seq_dif.pdbx_pdb_id_code 
_struct_ref_seq_dif.mon_id 
_struct_ref_seq_dif.pdbx_pdb_strand_id 
_struct_ref_seq_dif.seq_num 
_struct_ref_seq_dif.pdbx_pdb_ins_code 
_struct_ref_seq_dif.pdbx_seq_db_name 
_struct_ref_seq_dif.pdbx_seq_db_accession_code 
_struct_ref_seq_dif.db_mon_id 
_struct_ref_seq_dif.pdbx_seq_db_seq_num 
_struct_ref_seq_dif.details 
_struct_ref_seq_dif.pdbx_auth_seq_num 
_struct_ref_seq_dif.pdbx_ordinal 
1 2PF2 CGU A 7  ? UNP P00735 GLU 50 conflict 7  1  
1 2PF2 CGU A 8  ? UNP P00735 GLU 51 conflict 8  2  
1 2PF2 CGU A 15 ? UNP P00735 GLU 58 conflict 15 3  
1 2PF2 CGU A 17 ? UNP P00735 GLU 60 conflict 17 4  
1 2PF2 CGU A 20 ? UNP P00735 GLU 63 conflict 20 5  
1 2PF2 CGU A 21 ? UNP P00735 GLU 64 conflict 21 6  
1 2PF2 CGU A 26 ? UNP P00735 GLU 69 conflict 26 7  
1 2PF2 CGU A 27 ? UNP P00735 GLU 70 conflict 27 8  
1 2PF2 CGU A 30 ? UNP P00735 GLU 73 conflict 30 9  
1 2PF2 CGU A 33 ? UNP P00735 GLU 76 conflict 33 10 
# 
_pdbx_struct_assembly.id                   1 
_pdbx_struct_assembly.details              author_defined_assembly 
_pdbx_struct_assembly.method_details       ? 
_pdbx_struct_assembly.oligomeric_details   monomeric 
_pdbx_struct_assembly.oligomeric_count     1 
# 
_pdbx_struct_assembly_gen.assembly_id       1 
_pdbx_struct_assembly_gen.oper_expression   1 
_pdbx_struct_assembly_gen.asym_id_list      A,B,C,D,E,F,G,H,I 
# 
_pdbx_struct_oper_list.id                   1 
_pdbx_struct_oper_list.type                 'identity operation' 
_pdbx_struct_oper_list.name                 1_555 
_pdbx_struct_oper_list.symmetry_operation   x,y,z 
_pdbx_struct_oper_list.matrix[1][1]         1.0000000000 
_pdbx_struct_oper_list.matrix[1][2]         0.0000000000 
_pdbx_struct_oper_list.matrix[1][3]         0.0000000000 
_pdbx_struct_oper_list.vector[1]            0.0000000000 
_pdbx_struct_oper_list.matrix[2][1]         0.0000000000 
_pdbx_struct_oper_list.matrix[2][2]         1.0000000000 
_pdbx_struct_oper_list.matrix[2][3]         0.0000000000 
_pdbx_struct_oper_list.vector[2]            0.0000000000 
_pdbx_struct_oper_list.matrix[3][1]         0.0000000000 
_pdbx_struct_oper_list.matrix[3][2]         0.0000000000 
_pdbx_struct_oper_list.matrix[3][3]         1.0000000000 
_pdbx_struct_oper_list.vector[3]            0.0000000000 
# 
_struct_biol.id        1 
_struct_biol.details   ? 
# 
loop_
_struct_conf.conf_type_id 
_struct_conf.id 
_struct_conf.pdbx_PDB_helix_id 
_struct_conf.beg_label_comp_id 
_struct_conf.beg_label_asym_id 
_struct_conf.beg_label_seq_id 
_struct_conf.pdbx_beg_PDB_ins_code 
_struct_conf.end_label_comp_id 
_struct_conf.end_label_asym_id 
_struct_conf.end_label_seq_id 
_struct_conf.pdbx_end_PDB_ins_code 
_struct_conf.beg_auth_comp_id 
_struct_conf.beg_auth_asym_id 
_struct_conf.beg_auth_seq_id 
_struct_conf.end_auth_comp_id 
_struct_conf.end_auth_asym_id 
_struct_conf.end_auth_seq_id 
_struct_conf.pdbx_PDB_helix_class 
_struct_conf.details 
_struct_conf.pdbx_PDB_helix_length 
HELX_P HELX_P1 A1 LEU A 14 ? CGU A 17 ? LEU A 14 CGU A 17 1 ? 4  
HELX_P HELX_P2 A2 ARG A 25 ? ALA A 31 ? ARG A 25 ALA A 31 1 ? 7  
HELX_P HELX_P3 A3 SER A 36 ? ALA A 47 ? SER A 36 ALA A 47 1 ? 12 
HELX_P HELX_P4 A4 ARG A 55 ? LEU A 62 ? ARG A 55 LEU A 62 1 ? 8  
# 
_struct_conf_type.id          HELX_P 
_struct_conf_type.criteria    ? 
_struct_conf_type.reference   ? 
# 
loop_
_struct_conn.id 
_struct_conn.conn_type_id 
_struct_conn.pdbx_leaving_atom_flag 
_struct_conn.pdbx_PDB_id 
_struct_conn.ptnr1_label_asym_id 
_struct_conn.ptnr1_label_comp_id 
_struct_conn.ptnr1_label_seq_id 
_struct_conn.ptnr1_label_atom_id 
_struct_conn.pdbx_ptnr1_label_alt_id 
_struct_conn.pdbx_ptnr1_PDB_ins_code 
_struct_conn.pdbx_ptnr1_standard_comp_id 
_struct_conn.ptnr1_symmetry 
_struct_conn.ptnr2_label_asym_id 
_struct_conn.ptnr2_label_comp_id 
_struct_conn.ptnr2_label_seq_id 
_struct_conn.ptnr2_label_atom_id 
_struct_conn.pdbx_ptnr2_label_alt_id 
_struct_conn.pdbx_ptnr2_PDB_ins_code 
_struct_conn.ptnr1_auth_asym_id 
_struct_conn.ptnr1_auth_comp_id 
_struct_conn.ptnr1_auth_seq_id 
_struct_conn.ptnr2_auth_asym_id 
_struct_conn.ptnr2_auth_comp_id 
_struct_conn.ptnr2_auth_seq_id 
_struct_conn.ptnr2_symmetry 
_struct_conn.pdbx_ptnr3_label_atom_id 
_struct_conn.pdbx_ptnr3_label_seq_id 
_struct_conn.pdbx_ptnr3_label_comp_id 
_struct_conn.pdbx_ptnr3_label_asym_id 
_struct_conn.pdbx_ptnr3_label_alt_id 
_struct_conn.pdbx_ptnr3_PDB_ins_code 
_struct_conn.details 
_struct_conn.pdbx_dist_value 
_struct_conn.pdbx_value_order 
_struct_conn.pdbx_role 
disulf1  disulf ?    ? A CYS 18  SG   ? ? ? 1_555 A CYS 23  SG ? ? A CYS 18  A CYS 23  1_555 ? ? ? ? ? ? ? 2.025 ? ? 
disulf2  disulf ?    ? A CYS 48  SG   ? ? ? 1_555 A CYS 61  SG ? ? A CYS 48  A CYS 61  1_555 ? ? ? ? ? ? ? 1.958 ? ? 
disulf3  disulf ?    ? A CYS 66  SG   ? ? ? 1_555 A CYS 144 SG ? ? A CYS 66  A CYS 144 1_555 ? ? ? ? ? ? ? 2.050 ? ? 
disulf4  disulf ?    ? A CYS 87  SG   ? ? ? 1_555 A CYS 127 SG ? ? A CYS 87  A CYS 127 1_555 ? ? ? ? ? ? ? 2.017 ? ? 
disulf5  disulf ?    ? A CYS 115 SG   ? ? ? 1_555 A CYS 139 SG ? ? A CYS 115 A CYS 139 1_555 ? ? ? ? ? ? ? 2.041 ? ? 
covale1  covale both ? A LEU 6   C    ? ? ? 1_555 A CGU 7   N  ? ? A LEU 6   A CGU 7   1_555 ? ? ? ? ? ? ? 1.323 ? ? 
covale2  covale both ? A CGU 7   C    ? ? ? 1_555 A CGU 8   N  ? ? A CGU 7   A CGU 8   1_555 ? ? ? ? ? ? ? 1.291 ? ? 
covale3  covale both ? A CGU 8   C    ? ? ? 1_555 A VAL 9   N  ? ? A CGU 8   A VAL 9   1_555 ? ? ? ? ? ? ? 1.304 ? ? 
covale4  covale both ? A LEU 14  C    ? ? ? 1_555 A CGU 15  N  ? ? A LEU 14  A CGU 15  1_555 ? ? ? ? ? ? ? 1.301 ? ? 
covale5  covale both ? A CGU 15  C    ? ? ? 1_555 A ARG 16  N  ? ? A CGU 15  A ARG 16  1_555 ? ? ? ? ? ? ? 1.331 ? ? 
covale6  covale both ? A ARG 16  C    ? ? ? 1_555 A CGU 17  N  ? ? A ARG 16  A CGU 17  1_555 ? ? ? ? ? ? ? 1.318 ? ? 
covale7  covale both ? A CGU 17  C    ? ? ? 1_555 A CYS 18  N  ? ? A CGU 17  A CYS 18  1_555 ? ? ? ? ? ? ? 1.317 ? ? 
covale8  covale both ? A LEU 19  C    ? ? ? 1_555 A CGU 20  N  ? ? A LEU 19  A CGU 20  1_555 ? ? ? ? ? ? ? 1.315 ? ? 
covale9  covale both ? A CGU 20  C    ? ? ? 1_555 A CGU 21  N  ? ? A CGU 20  A CGU 21  1_555 ? ? ? ? ? ? ? 1.323 ? ? 
covale10 covale both ? A CGU 21  C    ? ? ? 1_555 A PRO 22  N  ? ? A CGU 21  A PRO 22  1_555 ? ? ? ? ? ? ? 1.322 ? ? 
covale11 covale both ? A ARG 25  C    ? ? ? 1_555 A CGU 26  N  ? ? A ARG 25  A CGU 26  1_555 ? ? ? ? ? ? ? 1.312 ? ? 
covale12 covale both ? A CGU 26  C    ? ? ? 1_555 A CGU 27  N  ? ? A CGU 26  A CGU 27  1_555 ? ? ? ? ? ? ? 1.307 ? ? 
covale13 covale both ? A CGU 27  C    ? ? ? 1_555 A ALA 28  N  ? ? A CGU 27  A ALA 28  1_555 ? ? ? ? ? ? ? 1.357 ? ? 
covale14 covale both ? A PHE 29  C    ? ? ? 1_555 A CGU 30  N  ? ? A PHE 29  A CGU 30  1_555 ? ? ? ? ? ? ? 1.325 ? ? 
covale15 covale both ? A CGU 30  C    ? ? ? 1_555 A ALA 31  N  ? ? A CGU 30  A ALA 31  1_555 ? ? ? ? ? ? ? 1.275 ? ? 
covale16 covale both ? A LEU 32  C    ? ? ? 1_555 A CGU 33  N  ? ? A LEU 32  A CGU 33  1_555 ? ? ? ? ? ? ? 1.314 ? ? 
covale17 covale both ? A CGU 33  C    ? ? ? 1_555 A SER 34  N  ? ? A CGU 33  A SER 34  1_555 ? ? ? ? ? ? ? 1.318 ? ? 
metalc1  metalc ?    ? A ALA 1   N    ? ? ? 1_555 F CA  .   CA ? ? A ALA 1   A CA  175 1_555 ? ? ? ? ? ? ? 2.837 ? ? 
metalc2  metalc ?    ? A ASN 2   N    ? ? ? 1_555 E CA  .   CA ? ? A ASN 2   A CA  174 1_555 ? ? ? ? ? ? ? 3.339 ? ? 
metalc3  metalc ?    ? A ASN 2   OD1  ? ? ? 1_555 E CA  .   CA ? ? A ASN 2   A CA  174 1_555 ? ? ? ? ? ? ? 2.078 ? ? 
metalc4  metalc ?    ? A ASN 2   N    ? ? ? 1_555 F CA  .   CA ? ? A ASN 2   A CA  175 1_555 ? ? ? ? ? ? ? 3.252 ? ? 
metalc5  metalc ?    ? A CGU 7   OE11 ? ? ? 1_555 E CA  .   CA ? ? A CGU 7   A CA  174 1_555 ? ? ? ? ? ? ? 2.766 ? ? 
metalc6  metalc ?    ? A CGU 7   OE11 ? ? ? 1_555 F CA  .   CA ? ? A CGU 7   A CA  175 1_555 ? ? ? ? ? ? ? 2.492 ? ? 
metalc7  metalc ?    ? A CGU 7   OE12 ? ? ? 1_555 F CA  .   CA ? ? A CGU 7   A CA  175 1_555 ? ? ? ? ? ? ? 2.472 ? ? 
metalc8  metalc ?    ? A CGU 8   OE12 ? ? ? 1_555 C CA  .   CA ? ? A CGU 8   A CA  172 1_555 ? ? ? ? ? ? ? 2.721 ? ? 
metalc9  metalc ?    ? A CGU 8   OE22 ? ? ? 1_555 C CA  .   CA ? ? A CGU 8   A CA  172 1_555 ? ? ? ? ? ? ? 2.647 ? ? 
metalc10 metalc ?    ? A CGU 8   OE22 ? ? ? 1_555 D CA  .   CA ? ? A CGU 8   A CA  173 1_555 ? ? ? ? ? ? ? 2.432 ? ? 
metalc11 metalc ?    ? A CGU 8   OE21 ? ? ? 1_555 E CA  .   CA ? ? A CGU 8   A CA  174 1_555 ? ? ? ? ? ? ? 2.660 ? ? 
metalc12 metalc ?    ? A CGU 15  OE22 ? ? ? 1_555 H CA  .   CA ? ? A CGU 15  A CA  177 1_555 ? ? ? ? ? ? ? 2.836 ? ? 
metalc13 metalc ?    ? A CGU 17  OE11 ? ? ? 1_555 D CA  .   CA ? ? A CGU 17  A CA  173 1_555 ? ? ? ? ? ? ? 2.483 ? ? 
metalc14 metalc ?    ? A CGU 17  OE12 ? ? ? 1_555 D CA  .   CA ? ? A CGU 17  A CA  173 1_555 ? ? ? ? ? ? ? 2.683 ? ? 
metalc15 metalc ?    ? A CGU 17  OE21 ? ? ? 1_555 E CA  .   CA ? ? A CGU 17  A CA  174 1_555 ? ? ? ? ? ? ? 1.990 ? ? 
metalc16 metalc ?    ? A CGU 17  OE11 ? ? ? 1_555 E CA  .   CA ? ? A CGU 17  A CA  174 1_555 ? ? ? ? ? ? ? 3.077 ? ? 
metalc17 metalc ?    ? A CGU 17  OE21 ? ? ? 1_555 F CA  .   CA ? ? A CGU 17  A CA  175 1_555 ? ? ? ? ? ? ? 2.515 ? ? 
metalc18 metalc ?    ? A CGU 17  OE22 ? ? ? 1_555 F CA  .   CA ? ? A CGU 17  A CA  175 1_555 ? ? ? ? ? ? ? 2.904 ? ? 
metalc19 metalc ?    ? A CGU 20  OE12 ? ? ? 1_555 G CA  .   CA ? ? A CGU 20  A CA  176 1_555 ? ? ? ? ? ? ? 2.548 ? ? 
metalc20 metalc ?    ? A CGU 20  OE22 ? ? ? 1_555 H CA  .   CA ? ? A CGU 20  A CA  177 1_555 ? ? ? ? ? ? ? 2.743 ? ? 
metalc21 metalc ?    ? A CGU 20  OE21 ? ? ? 1_555 H CA  .   CA ? ? A CGU 20  A CA  177 1_555 ? ? ? ? ? ? ? 2.447 ? ? 
metalc22 metalc ?    ? A CGU 21  OE22 ? ? ? 1_555 F CA  .   CA ? ? A CGU 21  A CA  175 1_555 ? ? ? ? ? ? ? 2.769 ? ? 
metalc23 metalc ?    ? A CGU 21  OE21 ? ? ? 1_555 G CA  .   CA ? ? A CGU 21  A CA  176 1_555 ? ? ? ? ? ? ? 2.421 ? ? 
metalc24 metalc ?    ? A CGU 21  OE12 ? ? ? 1_555 G CA  .   CA ? ? A CGU 21  A CA  176 1_555 ? ? ? ? ? ? ? 2.655 ? ? 
metalc25 metalc ?    ? A CGU 26  OE21 ? ? ? 1_555 B CA  .   CA ? ? A CGU 26  A CA  171 1_555 ? ? ? ? ? ? ? 2.474 ? ? 
metalc26 metalc ?    ? A CGU 26  OE12 ? ? ? 1_555 B CA  .   CA ? ? A CGU 26  A CA  171 1_555 ? ? ? ? ? ? ? 2.345 ? ? 
metalc27 metalc ?    ? A CGU 27  OE12 ? ? ? 1_555 C CA  .   CA ? ? A CGU 27  A CA  172 1_555 ? ? ? ? ? ? ? 2.831 ? ? 
metalc28 metalc ?    ? A CGU 27  OE11 ? ? ? 1_555 D CA  .   CA ? ? A CGU 27  A CA  173 1_555 ? ? ? ? ? ? ? 2.684 ? ? 
metalc29 metalc ?    ? A CGU 27  OE11 ? ? ? 1_555 E CA  .   CA ? ? A CGU 27  A CA  174 1_555 ? ? ? ? ? ? ? 2.592 ? ? 
metalc30 metalc ?    ? A CGU 27  OE22 ? ? ? 1_555 E CA  .   CA ? ? A CGU 27  A CA  174 1_555 ? ? ? ? ? ? ? 2.558 ? ? 
metalc31 metalc ?    ? A CGU 30  OE21 ? ? ? 1_555 B CA  .   CA ? ? A CGU 30  A CA  171 1_555 ? ? ? ? ? ? ? 2.494 ? ? 
metalc32 metalc ?    ? A CGU 30  OE11 ? ? ? 1_555 B CA  .   CA ? ? A CGU 30  A CA  171 1_555 ? ? ? ? ? ? ? 2.356 ? ? 
metalc33 metalc ?    ? A CGU 30  OE21 ? ? ? 1_555 C CA  .   CA ? ? A CGU 30  A CA  172 1_555 ? ? ? ? ? ? ? 2.420 ? ? 
metalc34 metalc ?    ? A CGU 30  OE22 ? ? ? 1_555 C CA  .   CA ? ? A CGU 30  A CA  172 1_555 ? ? ? ? ? ? ? 2.459 ? ? 
metalc35 metalc ?    ? A CGU 30  OE22 ? ? ? 1_555 D CA  .   CA ? ? A CGU 30  A CA  173 1_555 ? ? ? ? ? ? ? 2.613 ? ? 
metalc36 metalc ?    ? C CA  .   CA   ? ? ? 1_555 I HOH .   O  ? ? A CA  172 A HOH 266 1_555 ? ? ? ? ? ? ? 2.654 ? ? 
metalc37 metalc ?    ? D CA  .   CA   ? ? ? 1_555 I HOH .   O  ? ? A CA  173 A HOH 231 1_555 ? ? ? ? ? ? ? 2.425 ? ? 
metalc38 metalc ?    ? D CA  .   CA   ? ? ? 1_555 I HOH .   O  ? ? A CA  173 A HOH 273 1_555 ? ? ? ? ? ? ? 2.443 ? ? 
metalc39 metalc ?    ? F CA  .   CA   ? ? ? 1_555 I HOH .   O  ? ? A CA  175 A HOH 224 1_555 ? ? ? ? ? ? ? 3.210 ? ? 
metalc40 metalc ?    ? F CA  .   CA   ? ? ? 1_555 I HOH .   O  ? ? A CA  175 A HOH 239 1_555 ? ? ? ? ? ? ? 3.111 ? ? 
# 
loop_
_struct_conn_type.id 
_struct_conn_type.criteria 
_struct_conn_type.reference 
disulf ? ? 
covale ? ? 
metalc ? ? 
# 
loop_
_pdbx_struct_conn_angle.id 
_pdbx_struct_conn_angle.ptnr1_label_atom_id 
_pdbx_struct_conn_angle.ptnr1_label_alt_id 
_pdbx_struct_conn_angle.ptnr1_label_asym_id 
_pdbx_struct_conn_angle.ptnr1_label_comp_id 
_pdbx_struct_conn_angle.ptnr1_label_seq_id 
_pdbx_struct_conn_angle.ptnr1_auth_atom_id 
_pdbx_struct_conn_angle.ptnr1_auth_asym_id 
_pdbx_struct_conn_angle.ptnr1_auth_comp_id 
_pdbx_struct_conn_angle.ptnr1_auth_seq_id 
_pdbx_struct_conn_angle.ptnr1_PDB_ins_code 
_pdbx_struct_conn_angle.ptnr1_symmetry 
_pdbx_struct_conn_angle.ptnr2_label_atom_id 
_pdbx_struct_conn_angle.ptnr2_label_alt_id 
_pdbx_struct_conn_angle.ptnr2_label_asym_id 
_pdbx_struct_conn_angle.ptnr2_label_comp_id 
_pdbx_struct_conn_angle.ptnr2_label_seq_id 
_pdbx_struct_conn_angle.ptnr2_auth_atom_id 
_pdbx_struct_conn_angle.ptnr2_auth_asym_id 
_pdbx_struct_conn_angle.ptnr2_auth_comp_id 
_pdbx_struct_conn_angle.ptnr2_auth_seq_id 
_pdbx_struct_conn_angle.ptnr2_PDB_ins_code 
_pdbx_struct_conn_angle.ptnr2_symmetry 
_pdbx_struct_conn_angle.ptnr3_label_atom_id 
_pdbx_struct_conn_angle.ptnr3_label_alt_id 
_pdbx_struct_conn_angle.ptnr3_label_asym_id 
_pdbx_struct_conn_angle.ptnr3_label_comp_id 
_pdbx_struct_conn_angle.ptnr3_label_seq_id 
_pdbx_struct_conn_angle.ptnr3_auth_atom_id 
_pdbx_struct_conn_angle.ptnr3_auth_asym_id 
_pdbx_struct_conn_angle.ptnr3_auth_comp_id 
_pdbx_struct_conn_angle.ptnr3_auth_seq_id 
_pdbx_struct_conn_angle.ptnr3_PDB_ins_code 
_pdbx_struct_conn_angle.ptnr3_symmetry 
_pdbx_struct_conn_angle.value 
_pdbx_struct_conn_angle.value_esd 
1   N    ? A ALA 1  ? A ALA 1   ? 1_555 CA ? F CA . ? A CA 175 ? 1_555 N    ? A ASN 2  ? A ASN 2   ? 1_555 52.4  ? 
2   N    ? A ALA 1  ? A ALA 1   ? 1_555 CA ? F CA . ? A CA 175 ? 1_555 OE11 ? A CGU 7  ? A CGU 7   ? 1_555 110.7 ? 
3   N    ? A ASN 2  ? A ASN 2   ? 1_555 CA ? F CA . ? A CA 175 ? 1_555 OE11 ? A CGU 7  ? A CGU 7   ? 1_555 73.6  ? 
4   N    ? A ALA 1  ? A ALA 1   ? 1_555 CA ? F CA . ? A CA 175 ? 1_555 OE12 ? A CGU 7  ? A CGU 7   ? 1_555 104.4 ? 
5   N    ? A ASN 2  ? A ASN 2   ? 1_555 CA ? F CA . ? A CA 175 ? 1_555 OE12 ? A CGU 7  ? A CGU 7   ? 1_555 52.4  ? 
6   OE11 ? A CGU 7  ? A CGU 7   ? 1_555 CA ? F CA . ? A CA 175 ? 1_555 OE12 ? A CGU 7  ? A CGU 7   ? 1_555 51.6  ? 
7   N    ? A ALA 1  ? A ALA 1   ? 1_555 CA ? F CA . ? A CA 175 ? 1_555 OE21 ? A CGU 17 ? A CGU 17  ? 1_555 60.7  ? 
8   N    ? A ASN 2  ? A ASN 2   ? 1_555 CA ? F CA . ? A CA 175 ? 1_555 OE21 ? A CGU 17 ? A CGU 17  ? 1_555 75.4  ? 
9   OE11 ? A CGU 7  ? A CGU 7   ? 1_555 CA ? F CA . ? A CA 175 ? 1_555 OE21 ? A CGU 17 ? A CGU 17  ? 1_555 66.8  ? 
10  OE12 ? A CGU 7  ? A CGU 7   ? 1_555 CA ? F CA . ? A CA 175 ? 1_555 OE21 ? A CGU 17 ? A CGU 17  ? 1_555 105.6 ? 
11  N    ? A ALA 1  ? A ALA 1   ? 1_555 CA ? F CA . ? A CA 175 ? 1_555 OE22 ? A CGU 17 ? A CGU 17  ? 1_555 90.8  ? 
12  N    ? A ASN 2  ? A ASN 2   ? 1_555 CA ? F CA . ? A CA 175 ? 1_555 OE22 ? A CGU 17 ? A CGU 17  ? 1_555 121.9 ? 
13  OE11 ? A CGU 7  ? A CGU 7   ? 1_555 CA ? F CA . ? A CA 175 ? 1_555 OE22 ? A CGU 17 ? A CGU 17  ? 1_555 83.4  ? 
14  OE12 ? A CGU 7  ? A CGU 7   ? 1_555 CA ? F CA . ? A CA 175 ? 1_555 OE22 ? A CGU 17 ? A CGU 17  ? 1_555 134.9 ? 
15  OE21 ? A CGU 17 ? A CGU 17  ? 1_555 CA ? F CA . ? A CA 175 ? 1_555 OE22 ? A CGU 17 ? A CGU 17  ? 1_555 46.5  ? 
16  N    ? A ALA 1  ? A ALA 1   ? 1_555 CA ? F CA . ? A CA 175 ? 1_555 OE22 ? A CGU 21 ? A CGU 21  ? 1_555 62.4  ? 
17  N    ? A ASN 2  ? A ASN 2   ? 1_555 CA ? F CA . ? A CA 175 ? 1_555 OE22 ? A CGU 21 ? A CGU 21  ? 1_555 104.3 ? 
18  OE11 ? A CGU 7  ? A CGU 7   ? 1_555 CA ? F CA . ? A CA 175 ? 1_555 OE22 ? A CGU 21 ? A CGU 21  ? 1_555 170.8 ? 
19  OE12 ? A CGU 7  ? A CGU 7   ? 1_555 CA ? F CA . ? A CA 175 ? 1_555 OE22 ? A CGU 21 ? A CGU 21  ? 1_555 134.3 ? 
20  OE21 ? A CGU 17 ? A CGU 17  ? 1_555 CA ? F CA . ? A CA 175 ? 1_555 OE22 ? A CGU 21 ? A CGU 21  ? 1_555 104.0 ? 
21  OE22 ? A CGU 17 ? A CGU 17  ? 1_555 CA ? F CA . ? A CA 175 ? 1_555 OE22 ? A CGU 21 ? A CGU 21  ? 1_555 90.5  ? 
22  N    ? A ALA 1  ? A ALA 1   ? 1_555 CA ? F CA . ? A CA 175 ? 1_555 O    ? I HOH .  ? A HOH 224 ? 1_555 90.3  ? 
23  N    ? A ASN 2  ? A ASN 2   ? 1_555 CA ? F CA . ? A CA 175 ? 1_555 O    ? I HOH .  ? A HOH 224 ? 1_555 83.2  ? 
24  OE11 ? A CGU 7  ? A CGU 7   ? 1_555 CA ? F CA . ? A CA 175 ? 1_555 O    ? I HOH .  ? A HOH 224 ? 1_555 125.9 ? 
25  OE12 ? A CGU 7  ? A CGU 7   ? 1_555 CA ? F CA . ? A CA 175 ? 1_555 O    ? I HOH .  ? A HOH 224 ? 1_555 75.4  ? 
26  OE21 ? A CGU 17 ? A CGU 17  ? 1_555 CA ? F CA . ? A CA 175 ? 1_555 O    ? I HOH .  ? A HOH 224 ? 1_555 150.7 ? 
27  OE22 ? A CGU 17 ? A CGU 17  ? 1_555 CA ? F CA . ? A CA 175 ? 1_555 O    ? I HOH .  ? A HOH 224 ? 1_555 147.8 ? 
28  OE22 ? A CGU 21 ? A CGU 21  ? 1_555 CA ? F CA . ? A CA 175 ? 1_555 O    ? I HOH .  ? A HOH 224 ? 1_555 61.9  ? 
29  N    ? A ALA 1  ? A ALA 1   ? 1_555 CA ? F CA . ? A CA 175 ? 1_555 O    ? I HOH .  ? A HOH 239 ? 1_555 149.1 ? 
30  N    ? A ASN 2  ? A ASN 2   ? 1_555 CA ? F CA . ? A CA 175 ? 1_555 O    ? I HOH .  ? A HOH 239 ? 1_555 142.0 ? 
31  OE11 ? A CGU 7  ? A CGU 7   ? 1_555 CA ? F CA . ? A CA 175 ? 1_555 O    ? I HOH .  ? A HOH 239 ? 1_555 100.2 ? 
32  OE12 ? A CGU 7  ? A CGU 7   ? 1_555 CA ? F CA . ? A CA 175 ? 1_555 O    ? I HOH .  ? A HOH 239 ? 1_555 93.8  ? 
33  OE21 ? A CGU 17 ? A CGU 17  ? 1_555 CA ? F CA . ? A CA 175 ? 1_555 O    ? I HOH .  ? A HOH 239 ? 1_555 137.7 ? 
34  OE22 ? A CGU 17 ? A CGU 17  ? 1_555 CA ? F CA . ? A CA 175 ? 1_555 O    ? I HOH .  ? A HOH 239 ? 1_555 93.6  ? 
35  OE22 ? A CGU 21 ? A CGU 21  ? 1_555 CA ? F CA . ? A CA 175 ? 1_555 O    ? I HOH .  ? A HOH 239 ? 1_555 86.9  ? 
36  O    ? I HOH .  ? A HOH 224 ? 1_555 CA ? F CA . ? A CA 175 ? 1_555 O    ? I HOH .  ? A HOH 239 ? 1_555 70.2  ? 
37  N    ? A ASN 2  ? A ASN 2   ? 1_555 CA ? E CA . ? A CA 174 ? 1_555 OD1  ? A ASN 2  ? A ASN 2   ? 1_555 59.4  ? 
38  N    ? A ASN 2  ? A ASN 2   ? 1_555 CA ? E CA . ? A CA 174 ? 1_555 OE11 ? A CGU 7  ? A CGU 7   ? 1_555 69.1  ? 
39  OD1  ? A ASN 2  ? A ASN 2   ? 1_555 CA ? E CA . ? A CA 174 ? 1_555 OE11 ? A CGU 7  ? A CGU 7   ? 1_555 98.8  ? 
40  N    ? A ASN 2  ? A ASN 2   ? 1_555 CA ? E CA . ? A CA 174 ? 1_555 OE21 ? A CGU 8  ? A CGU 8   ? 1_555 111.4 ? 
41  OD1  ? A ASN 2  ? A ASN 2   ? 1_555 CA ? E CA . ? A CA 174 ? 1_555 OE21 ? A CGU 8  ? A CGU 8   ? 1_555 70.0  ? 
42  OE11 ? A CGU 7  ? A CGU 7   ? 1_555 CA ? E CA . ? A CA 174 ? 1_555 OE21 ? A CGU 8  ? A CGU 8   ? 1_555 77.0  ? 
43  N    ? A ASN 2  ? A ASN 2   ? 1_555 CA ? E CA . ? A CA 174 ? 1_555 OE21 ? A CGU 17 ? A CGU 17  ? 1_555 79.9  ? 
44  OD1  ? A ASN 2  ? A ASN 2   ? 1_555 CA ? E CA . ? A CA 174 ? 1_555 OE21 ? A CGU 17 ? A CGU 17  ? 1_555 139.0 ? 
45  OE11 ? A CGU 7  ? A CGU 7   ? 1_555 CA ? E CA . ? A CA 174 ? 1_555 OE21 ? A CGU 17 ? A CGU 17  ? 1_555 68.6  ? 
46  OE21 ? A CGU 8  ? A CGU 8   ? 1_555 CA ? E CA . ? A CA 174 ? 1_555 OE21 ? A CGU 17 ? A CGU 17  ? 1_555 136.9 ? 
47  N    ? A ASN 2  ? A ASN 2   ? 1_555 CA ? E CA . ? A CA 174 ? 1_555 OE11 ? A CGU 17 ? A CGU 17  ? 1_555 150.0 ? 
48  OD1  ? A ASN 2  ? A ASN 2   ? 1_555 CA ? E CA . ? A CA 174 ? 1_555 OE11 ? A CGU 17 ? A CGU 17  ? 1_555 147.5 ? 
49  OE11 ? A CGU 7  ? A CGU 7   ? 1_555 CA ? E CA . ? A CA 174 ? 1_555 OE11 ? A CGU 17 ? A CGU 17  ? 1_555 88.9  ? 
50  OE21 ? A CGU 8  ? A CGU 8   ? 1_555 CA ? E CA . ? A CA 174 ? 1_555 OE11 ? A CGU 17 ? A CGU 17  ? 1_555 81.3  ? 
51  OE21 ? A CGU 17 ? A CGU 17  ? 1_555 CA ? E CA . ? A CA 174 ? 1_555 OE11 ? A CGU 17 ? A CGU 17  ? 1_555 73.1  ? 
52  N    ? A ASN 2  ? A ASN 2   ? 1_555 CA ? E CA . ? A CA 174 ? 1_555 OE11 ? A CGU 27 ? A CGU 27  ? 1_555 128.1 ? 
53  OD1  ? A ASN 2  ? A ASN 2   ? 1_555 CA ? E CA . ? A CA 174 ? 1_555 OE11 ? A CGU 27 ? A CGU 27  ? 1_555 83.4  ? 
54  OE11 ? A CGU 7  ? A CGU 7   ? 1_555 CA ? E CA . ? A CA 174 ? 1_555 OE11 ? A CGU 27 ? A CGU 27  ? 1_555 158.7 ? 
55  OE21 ? A CGU 8  ? A CGU 8   ? 1_555 CA ? E CA . ? A CA 174 ? 1_555 OE11 ? A CGU 27 ? A CGU 27  ? 1_555 84.1  ? 
56  OE21 ? A CGU 17 ? A CGU 17  ? 1_555 CA ? E CA . ? A CA 174 ? 1_555 OE11 ? A CGU 27 ? A CGU 27  ? 1_555 122.6 ? 
57  OE11 ? A CGU 17 ? A CGU 17  ? 1_555 CA ? E CA . ? A CA 174 ? 1_555 OE11 ? A CGU 27 ? A CGU 27  ? 1_555 78.7  ? 
58  N    ? A ASN 2  ? A ASN 2   ? 1_555 CA ? E CA . ? A CA 174 ? 1_555 OE22 ? A CGU 27 ? A CGU 27  ? 1_555 72.7  ? 
59  OD1  ? A ASN 2  ? A ASN 2   ? 1_555 CA ? E CA . ? A CA 174 ? 1_555 OE22 ? A CGU 27 ? A CGU 27  ? 1_555 81.5  ? 
60  OE11 ? A CGU 7  ? A CGU 7   ? 1_555 CA ? E CA . ? A CA 174 ? 1_555 OE22 ? A CGU 27 ? A CGU 27  ? 1_555 134.7 ? 
61  OE21 ? A CGU 8  ? A CGU 8   ? 1_555 CA ? E CA . ? A CA 174 ? 1_555 OE22 ? A CGU 27 ? A CGU 27  ? 1_555 141.2 ? 
62  OE21 ? A CGU 17 ? A CGU 17  ? 1_555 CA ? E CA . ? A CA 174 ? 1_555 OE22 ? A CGU 27 ? A CGU 27  ? 1_555 81.7  ? 
63  OE11 ? A CGU 17 ? A CGU 17  ? 1_555 CA ? E CA . ? A CA 174 ? 1_555 OE22 ? A CGU 27 ? A CGU 27  ? 1_555 114.9 ? 
64  OE11 ? A CGU 27 ? A CGU 27  ? 1_555 CA ? E CA . ? A CA 174 ? 1_555 OE22 ? A CGU 27 ? A CGU 27  ? 1_555 66.6  ? 
65  OE12 ? A CGU 8  ? A CGU 8   ? 1_555 CA ? C CA . ? A CA 172 ? 1_555 OE22 ? A CGU 8  ? A CGU 8   ? 1_555 75.0  ? 
66  OE12 ? A CGU 8  ? A CGU 8   ? 1_555 CA ? C CA . ? A CA 172 ? 1_555 OE12 ? A CGU 27 ? A CGU 27  ? 1_555 73.2  ? 
67  OE22 ? A CGU 8  ? A CGU 8   ? 1_555 CA ? C CA . ? A CA 172 ? 1_555 OE12 ? A CGU 27 ? A CGU 27  ? 1_555 96.0  ? 
68  OE12 ? A CGU 8  ? A CGU 8   ? 1_555 CA ? C CA . ? A CA 172 ? 1_555 OE21 ? A CGU 30 ? A CGU 30  ? 1_555 168.9 ? 
69  OE22 ? A CGU 8  ? A CGU 8   ? 1_555 CA ? C CA . ? A CA 172 ? 1_555 OE21 ? A CGU 30 ? A CGU 30  ? 1_555 114.0 ? 
70  OE12 ? A CGU 27 ? A CGU 27  ? 1_555 CA ? C CA . ? A CA 172 ? 1_555 OE21 ? A CGU 30 ? A CGU 30  ? 1_555 110.9 ? 
71  OE12 ? A CGU 8  ? A CGU 8   ? 1_555 CA ? C CA . ? A CA 172 ? 1_555 OE22 ? A CGU 30 ? A CGU 30  ? 1_555 137.3 ? 
72  OE22 ? A CGU 8  ? A CGU 8   ? 1_555 CA ? C CA . ? A CA 172 ? 1_555 OE22 ? A CGU 30 ? A CGU 30  ? 1_555 74.9  ? 
73  OE12 ? A CGU 27 ? A CGU 27  ? 1_555 CA ? C CA . ? A CA 172 ? 1_555 OE22 ? A CGU 30 ? A CGU 30  ? 1_555 80.6  ? 
74  OE21 ? A CGU 30 ? A CGU 30  ? 1_555 CA ? C CA . ? A CA 172 ? 1_555 OE22 ? A CGU 30 ? A CGU 30  ? 1_555 53.6  ? 
75  OE12 ? A CGU 8  ? A CGU 8   ? 1_555 CA ? C CA . ? A CA 172 ? 1_555 O    ? I HOH .  ? A HOH 266 ? 1_555 79.7  ? 
76  OE22 ? A CGU 8  ? A CGU 8   ? 1_555 CA ? C CA . ? A CA 172 ? 1_555 O    ? I HOH .  ? A HOH 266 ? 1_555 152.9 ? 
77  OE12 ? A CGU 27 ? A CGU 27  ? 1_555 CA ? C CA . ? A CA 172 ? 1_555 O    ? I HOH .  ? A HOH 266 ? 1_555 67.2  ? 
78  OE21 ? A CGU 30 ? A CGU 30  ? 1_555 CA ? C CA . ? A CA 172 ? 1_555 O    ? I HOH .  ? A HOH 266 ? 1_555 92.4  ? 
79  OE22 ? A CGU 30 ? A CGU 30  ? 1_555 CA ? C CA . ? A CA 172 ? 1_555 O    ? I HOH .  ? A HOH 266 ? 1_555 120.2 ? 
80  OE22 ? A CGU 8  ? A CGU 8   ? 1_555 CA ? D CA . ? A CA 173 ? 1_555 OE11 ? A CGU 17 ? A CGU 17  ? 1_555 109.1 ? 
81  OE22 ? A CGU 8  ? A CGU 8   ? 1_555 CA ? D CA . ? A CA 173 ? 1_555 OE12 ? A CGU 17 ? A CGU 17  ? 1_555 154.7 ? 
82  OE11 ? A CGU 17 ? A CGU 17  ? 1_555 CA ? D CA . ? A CA 173 ? 1_555 OE12 ? A CGU 17 ? A CGU 17  ? 1_555 46.1  ? 
83  OE22 ? A CGU 8  ? A CGU 8   ? 1_555 CA ? D CA . ? A CA 173 ? 1_555 OE11 ? A CGU 27 ? A CGU 27  ? 1_555 80.0  ? 
84  OE11 ? A CGU 17 ? A CGU 17  ? 1_555 CA ? D CA . ? A CA 173 ? 1_555 OE11 ? A CGU 27 ? A CGU 27  ? 1_555 88.7  ? 
85  OE12 ? A CGU 17 ? A CGU 17  ? 1_555 CA ? D CA . ? A CA 173 ? 1_555 OE11 ? A CGU 27 ? A CGU 27  ? 1_555 92.9  ? 
86  OE22 ? A CGU 8  ? A CGU 8   ? 1_555 CA ? D CA . ? A CA 173 ? 1_555 OE22 ? A CGU 30 ? A CGU 30  ? 1_555 76.0  ? 
87  OE11 ? A CGU 17 ? A CGU 17  ? 1_555 CA ? D CA . ? A CA 173 ? 1_555 OE22 ? A CGU 30 ? A CGU 30  ? 1_555 159.1 ? 
88  OE12 ? A CGU 17 ? A CGU 17  ? 1_555 CA ? D CA . ? A CA 173 ? 1_555 OE22 ? A CGU 30 ? A CGU 30  ? 1_555 125.1 ? 
89  OE11 ? A CGU 27 ? A CGU 27  ? 1_555 CA ? D CA . ? A CA 173 ? 1_555 OE22 ? A CGU 30 ? A CGU 30  ? 1_555 71.9  ? 
90  OE22 ? A CGU 8  ? A CGU 8   ? 1_555 CA ? D CA . ? A CA 173 ? 1_555 O    ? I HOH .  ? A HOH 231 ? 1_555 77.8  ? 
91  OE11 ? A CGU 17 ? A CGU 17  ? 1_555 CA ? D CA . ? A CA 173 ? 1_555 O    ? I HOH .  ? A HOH 231 ? 1_555 54.8  ? 
92  OE12 ? A CGU 17 ? A CGU 17  ? 1_555 CA ? D CA . ? A CA 173 ? 1_555 O    ? I HOH .  ? A HOH 231 ? 1_555 87.3  ? 
93  OE11 ? A CGU 27 ? A CGU 27  ? 1_555 CA ? D CA . ? A CA 173 ? 1_555 O    ? I HOH .  ? A HOH 231 ? 1_555 126.2 ? 
94  OE22 ? A CGU 30 ? A CGU 30  ? 1_555 CA ? D CA . ? A CA 173 ? 1_555 O    ? I HOH .  ? A HOH 231 ? 1_555 144.3 ? 
95  OE22 ? A CGU 8  ? A CGU 8   ? 1_555 CA ? D CA . ? A CA 173 ? 1_555 O    ? I HOH .  ? A HOH 273 ? 1_555 83.9  ? 
96  OE11 ? A CGU 17 ? A CGU 17  ? 1_555 CA ? D CA . ? A CA 173 ? 1_555 O    ? I HOH .  ? A HOH 273 ? 1_555 120.3 ? 
97  OE12 ? A CGU 17 ? A CGU 17  ? 1_555 CA ? D CA . ? A CA 173 ? 1_555 O    ? I HOH .  ? A HOH 273 ? 1_555 111.6 ? 
98  OE11 ? A CGU 27 ? A CGU 27  ? 1_555 CA ? D CA . ? A CA 173 ? 1_555 O    ? I HOH .  ? A HOH 273 ? 1_555 150.3 ? 
99  OE22 ? A CGU 30 ? A CGU 30  ? 1_555 CA ? D CA . ? A CA 173 ? 1_555 O    ? I HOH .  ? A HOH 273 ? 1_555 80.0  ? 
100 O    ? I HOH .  ? A HOH 231 ? 1_555 CA ? D CA . ? A CA 173 ? 1_555 O    ? I HOH .  ? A HOH 273 ? 1_555 73.5  ? 
101 OE22 ? A CGU 15 ? A CGU 15  ? 1_555 CA ? H CA . ? A CA 177 ? 1_555 OE22 ? A CGU 20 ? A CGU 20  ? 1_555 75.0  ? 
102 OE22 ? A CGU 15 ? A CGU 15  ? 1_555 CA ? H CA . ? A CA 177 ? 1_555 OE21 ? A CGU 20 ? A CGU 20  ? 1_555 88.3  ? 
103 OE22 ? A CGU 20 ? A CGU 20  ? 1_555 CA ? H CA . ? A CA 177 ? 1_555 OE21 ? A CGU 20 ? A CGU 20  ? 1_555 49.2  ? 
104 OE12 ? A CGU 20 ? A CGU 20  ? 1_555 CA ? G CA . ? A CA 176 ? 1_555 OE21 ? A CGU 21 ? A CGU 21  ? 1_555 75.7  ? 
105 OE12 ? A CGU 20 ? A CGU 20  ? 1_555 CA ? G CA . ? A CA 176 ? 1_555 OE12 ? A CGU 21 ? A CGU 21  ? 1_555 120.5 ? 
106 OE21 ? A CGU 21 ? A CGU 21  ? 1_555 CA ? G CA . ? A CA 176 ? 1_555 OE12 ? A CGU 21 ? A CGU 21  ? 1_555 93.0  ? 
107 OE21 ? A CGU 26 ? A CGU 26  ? 1_555 CA ? B CA . ? A CA 171 ? 1_555 OE12 ? A CGU 26 ? A CGU 26  ? 1_555 63.6  ? 
108 OE21 ? A CGU 26 ? A CGU 26  ? 1_555 CA ? B CA . ? A CA 171 ? 1_555 OE21 ? A CGU 30 ? A CGU 30  ? 1_555 76.8  ? 
109 OE12 ? A CGU 26 ? A CGU 26  ? 1_555 CA ? B CA . ? A CA 171 ? 1_555 OE21 ? A CGU 30 ? A CGU 30  ? 1_555 89.6  ? 
110 OE21 ? A CGU 26 ? A CGU 26  ? 1_555 CA ? B CA . ? A CA 171 ? 1_555 OE11 ? A CGU 30 ? A CGU 30  ? 1_555 133.3 ? 
111 OE12 ? A CGU 26 ? A CGU 26  ? 1_555 CA ? B CA . ? A CA 171 ? 1_555 OE11 ? A CGU 30 ? A CGU 30  ? 1_555 89.0  ? 
112 OE21 ? A CGU 30 ? A CGU 30  ? 1_555 CA ? B CA . ? A CA 171 ? 1_555 OE11 ? A CGU 30 ? A CGU 30  ? 1_555 65.3  ? 
# 
loop_
_pdbx_modification_feature.ordinal 
_pdbx_modification_feature.label_comp_id 
_pdbx_modification_feature.label_asym_id 
_pdbx_modification_feature.label_seq_id 
_pdbx_modification_feature.label_alt_id 
_pdbx_modification_feature.modified_residue_label_comp_id 
_pdbx_modification_feature.modified_residue_label_asym_id 
_pdbx_modification_feature.modified_residue_label_seq_id 
_pdbx_modification_feature.modified_residue_label_alt_id 
_pdbx_modification_feature.auth_comp_id 
_pdbx_modification_feature.auth_asym_id 
_pdbx_modification_feature.auth_seq_id 
_pdbx_modification_feature.PDB_ins_code 
_pdbx_modification_feature.symmetry 
_pdbx_modification_feature.modified_residue_auth_comp_id 
_pdbx_modification_feature.modified_residue_auth_asym_id 
_pdbx_modification_feature.modified_residue_auth_seq_id 
_pdbx_modification_feature.modified_residue_PDB_ins_code 
_pdbx_modification_feature.modified_residue_symmetry 
_pdbx_modification_feature.comp_id_linking_atom 
_pdbx_modification_feature.modified_residue_id_linking_atom 
_pdbx_modification_feature.modified_residue_id 
_pdbx_modification_feature.ref_pcm_id 
_pdbx_modification_feature.ref_comp_id 
_pdbx_modification_feature.type 
_pdbx_modification_feature.category 
1  CGU A 7   ? .   . .   . CGU A 7   ? 1_555 .   . .   . .     .  .  GLU 1 CGU Carboxylation 'Named protein modification' 
2  CGU A 8   ? .   . .   . CGU A 8   ? 1_555 .   . .   . .     .  .  GLU 1 CGU Carboxylation 'Named protein modification' 
3  CGU A 15  ? .   . .   . CGU A 15  ? 1_555 .   . .   . .     .  .  GLU 1 CGU Carboxylation 'Named protein modification' 
4  CGU A 17  ? .   . .   . CGU A 17  ? 1_555 .   . .   . .     .  .  GLU 1 CGU Carboxylation 'Named protein modification' 
5  CGU A 20  ? .   . .   . CGU A 20  ? 1_555 .   . .   . .     .  .  GLU 1 CGU Carboxylation 'Named protein modification' 
6  CGU A 21  ? .   . .   . CGU A 21  ? 1_555 .   . .   . .     .  .  GLU 1 CGU Carboxylation 'Named protein modification' 
7  CGU A 26  ? .   . .   . CGU A 26  ? 1_555 .   . .   . .     .  .  GLU 1 CGU Carboxylation 'Named protein modification' 
8  CGU A 27  ? .   . .   . CGU A 27  ? 1_555 .   . .   . .     .  .  GLU 1 CGU Carboxylation 'Named protein modification' 
9  CGU A 30  ? .   . .   . CGU A 30  ? 1_555 .   . .   . .     .  .  GLU 1 CGU Carboxylation 'Named protein modification' 
10 CGU A 33  ? .   . .   . CGU A 33  ? 1_555 .   . .   . .     .  .  GLU 1 CGU Carboxylation 'Named protein modification' 
11 CYS A 18  ? CYS A 23  ? CYS A 18  ? 1_555 CYS A 23  ? 1_555 SG SG .   . .   None          'Disulfide bridge'           
12 CYS A 48  ? CYS A 61  ? CYS A 48  ? 1_555 CYS A 61  ? 1_555 SG SG .   . .   None          'Disulfide bridge'           
13 CYS A 66  ? CYS A 144 ? CYS A 66  ? 1_555 CYS A 144 ? 1_555 SG SG .   . .   None          'Disulfide bridge'           
14 CYS A 87  ? CYS A 127 ? CYS A 87  ? 1_555 CYS A 127 ? 1_555 SG SG .   . .   None          'Disulfide bridge'           
15 CYS A 115 ? CYS A 139 ? CYS A 115 ? 1_555 CYS A 139 ? 1_555 SG SG .   . .   None          'Disulfide bridge'           
# 
loop_
_struct_mon_prot_cis.pdbx_id 
_struct_mon_prot_cis.label_comp_id 
_struct_mon_prot_cis.label_seq_id 
_struct_mon_prot_cis.label_asym_id 
_struct_mon_prot_cis.label_alt_id 
_struct_mon_prot_cis.pdbx_PDB_ins_code 
_struct_mon_prot_cis.auth_comp_id 
_struct_mon_prot_cis.auth_seq_id 
_struct_mon_prot_cis.auth_asym_id 
_struct_mon_prot_cis.pdbx_label_comp_id_2 
_struct_mon_prot_cis.pdbx_label_seq_id_2 
_struct_mon_prot_cis.pdbx_label_asym_id_2 
_struct_mon_prot_cis.pdbx_PDB_ins_code_2 
_struct_mon_prot_cis.pdbx_auth_comp_id_2 
_struct_mon_prot_cis.pdbx_auth_seq_id_2 
_struct_mon_prot_cis.pdbx_auth_asym_id_2 
_struct_mon_prot_cis.pdbx_PDB_model_num 
_struct_mon_prot_cis.pdbx_omega_angle 
1 ASN 53 A . ? ASN 53 A PRO 54 A ? PRO 54 A 1 -1.58 
2 TYR 94 A . ? TYR 94 A PRO 95 A ? PRO 95 A 1 0.31  
# 
loop_
_struct_sheet.id 
_struct_sheet.type 
_struct_sheet.number_strands 
_struct_sheet.details 
S1 ? 2 ? 
S2 ? 2 ? 
S3 ? 2 ? 
# 
loop_
_struct_sheet_order.sheet_id 
_struct_sheet_order.range_id_1 
_struct_sheet_order.range_id_2 
_struct_sheet_order.offset 
_struct_sheet_order.sense 
S1 1 2 ? anti-parallel 
S2 1 2 ? anti-parallel 
S3 1 2 ? anti-parallel 
# 
loop_
_struct_sheet_range.sheet_id 
_struct_sheet_range.id 
_struct_sheet_range.beg_label_comp_id 
_struct_sheet_range.beg_label_asym_id 
_struct_sheet_range.beg_label_seq_id 
_struct_sheet_range.pdbx_beg_PDB_ins_code 
_struct_sheet_range.end_label_comp_id 
_struct_sheet_range.end_label_asym_id 
_struct_sheet_range.end_label_seq_id 
_struct_sheet_range.pdbx_end_PDB_ins_code 
_struct_sheet_range.beg_auth_comp_id 
_struct_sheet_range.beg_auth_asym_id 
_struct_sheet_range.beg_auth_seq_id 
_struct_sheet_range.end_auth_comp_id 
_struct_sheet_range.end_auth_asym_id 
_struct_sheet_range.end_auth_seq_id 
S1 1 SER A 79  ? THR A 81  ? SER A 79  THR A 81  
S1 2 ILE A 85  ? CYS A 87  ? ILE A 85  CYS A 87  
S2 1 GLN A 88  ? TRP A 90  ? GLN A 88  TRP A 90  
S2 2 ARG A 111 ? ASN A 113 ? ARG A 111 ASN A 113 
S3 1 CYS A 127 ? THR A 129 ? CYS A 127 THR A 129 
S3 2 ARG A 136 ? GLU A 138 ? ARG A 136 GLU A 138 
# 
loop_
_struct_site.id 
_struct_site.pdbx_evidence_code 
_struct_site.pdbx_auth_asym_id 
_struct_site.pdbx_auth_comp_id 
_struct_site.pdbx_auth_seq_id 
_struct_site.pdbx_auth_ins_code 
_struct_site.pdbx_num_residues 
_struct_site.details 
AC1 Software A CA 171 ? 2 'BINDING SITE FOR RESIDUE CA A 171' 
AC2 Software A CA 172 ? 4 'BINDING SITE FOR RESIDUE CA A 172' 
AC3 Software A CA 173 ? 6 'BINDING SITE FOR RESIDUE CA A 173' 
AC4 Software A CA 174 ? 5 'BINDING SITE FOR RESIDUE CA A 174' 
AC5 Software A CA 175 ? 5 'BINDING SITE FOR RESIDUE CA A 175' 
AC6 Software A CA 176 ? 2 'BINDING SITE FOR RESIDUE CA A 176' 
AC7 Software A CA 177 ? 2 'BINDING SITE FOR RESIDUE CA A 177' 
# 
loop_
_struct_site_gen.id 
_struct_site_gen.site_id 
_struct_site_gen.pdbx_num_res 
_struct_site_gen.label_comp_id 
_struct_site_gen.label_asym_id 
_struct_site_gen.label_seq_id 
_struct_site_gen.pdbx_auth_ins_code 
_struct_site_gen.auth_comp_id 
_struct_site_gen.auth_asym_id 
_struct_site_gen.auth_seq_id 
_struct_site_gen.label_atom_id 
_struct_site_gen.label_alt_id 
_struct_site_gen.symmetry 
_struct_site_gen.details 
1  AC1 2 CGU A 26 ? CGU A 26  . ? 1_555 ? 
2  AC1 2 CGU A 30 ? CGU A 30  . ? 1_555 ? 
3  AC2 4 CGU A 8  ? CGU A 8   . ? 1_555 ? 
4  AC2 4 CGU A 27 ? CGU A 27  . ? 1_555 ? 
5  AC2 4 CGU A 30 ? CGU A 30  . ? 1_555 ? 
6  AC2 4 HOH I .  ? HOH A 266 . ? 1_555 ? 
7  AC3 6 CGU A 8  ? CGU A 8   . ? 1_555 ? 
8  AC3 6 CGU A 17 ? CGU A 17  . ? 1_555 ? 
9  AC3 6 CGU A 27 ? CGU A 27  . ? 1_555 ? 
10 AC3 6 CGU A 30 ? CGU A 30  . ? 1_555 ? 
11 AC3 6 HOH I .  ? HOH A 231 . ? 1_555 ? 
12 AC3 6 HOH I .  ? HOH A 273 . ? 1_555 ? 
13 AC4 5 ASN A 2  ? ASN A 2   . ? 1_555 ? 
14 AC4 5 CGU A 7  ? CGU A 7   . ? 1_555 ? 
15 AC4 5 CGU A 8  ? CGU A 8   . ? 1_555 ? 
16 AC4 5 CGU A 17 ? CGU A 17  . ? 1_555 ? 
17 AC4 5 CGU A 27 ? CGU A 27  . ? 1_555 ? 
18 AC5 5 ALA A 1  ? ALA A 1   . ? 1_555 ? 
19 AC5 5 ASN A 2  ? ASN A 2   . ? 1_555 ? 
20 AC5 5 CGU A 7  ? CGU A 7   . ? 1_555 ? 
21 AC5 5 CGU A 17 ? CGU A 17  . ? 1_555 ? 
22 AC5 5 CGU A 21 ? CGU A 21  . ? 1_555 ? 
23 AC6 2 CGU A 20 ? CGU A 20  . ? 1_555 ? 
24 AC6 2 CGU A 21 ? CGU A 21  . ? 1_555 ? 
25 AC7 2 CGU A 15 ? CGU A 15  . ? 1_555 ? 
26 AC7 2 CGU A 20 ? CGU A 20  . ? 1_555 ? 
# 
_pdbx_entry_details.entry_id                   2PF2 
_pdbx_entry_details.compound_details           ? 
_pdbx_entry_details.source_details             ? 
_pdbx_entry_details.nonpolymer_details         ? 
_pdbx_entry_details.sequence_details           ? 
_pdbx_entry_details.has_ligand_of_interest     ? 
_pdbx_entry_details.has_protein_modification   Y 
# 
loop_
_pdbx_validate_close_contact.id 
_pdbx_validate_close_contact.PDB_model_num 
_pdbx_validate_close_contact.auth_atom_id_1 
_pdbx_validate_close_contact.auth_asym_id_1 
_pdbx_validate_close_contact.auth_comp_id_1 
_pdbx_validate_close_contact.auth_seq_id_1 
_pdbx_validate_close_contact.PDB_ins_code_1 
_pdbx_validate_close_contact.label_alt_id_1 
_pdbx_validate_close_contact.auth_atom_id_2 
_pdbx_validate_close_contact.auth_asym_id_2 
_pdbx_validate_close_contact.auth_comp_id_2 
_pdbx_validate_close_contact.auth_seq_id_2 
_pdbx_validate_close_contact.PDB_ins_code_2 
_pdbx_validate_close_contact.label_alt_id_2 
_pdbx_validate_close_contact.dist 
1 1 OG1  A THR 129 ? ? O   A LEU 134 ? ? 1.97 
2 1 OD1  A ASN 117 ? ? N   A GLY 120 ? ? 2.03 
3 1 OE21 A CGU 15  ? ? NH2 A ARG 55  ? ? 2.16 
4 1 NH2  A ARG 25  ? ? OD1 A ASP 39  ? ? 2.17 
5 1 O    A TYR 74  ? ? O   A HOH 242 ? ? 2.17 
# 
loop_
_pdbx_validate_rmsd_angle.id 
_pdbx_validate_rmsd_angle.PDB_model_num 
_pdbx_validate_rmsd_angle.auth_atom_id_1 
_pdbx_validate_rmsd_angle.auth_asym_id_1 
_pdbx_validate_rmsd_angle.auth_comp_id_1 
_pdbx_validate_rmsd_angle.auth_seq_id_1 
_pdbx_validate_rmsd_angle.PDB_ins_code_1 
_pdbx_validate_rmsd_angle.label_alt_id_1 
_pdbx_validate_rmsd_angle.auth_atom_id_2 
_pdbx_validate_rmsd_angle.auth_asym_id_2 
_pdbx_validate_rmsd_angle.auth_comp_id_2 
_pdbx_validate_rmsd_angle.auth_seq_id_2 
_pdbx_validate_rmsd_angle.PDB_ins_code_2 
_pdbx_validate_rmsd_angle.label_alt_id_2 
_pdbx_validate_rmsd_angle.auth_atom_id_3 
_pdbx_validate_rmsd_angle.auth_asym_id_3 
_pdbx_validate_rmsd_angle.auth_comp_id_3 
_pdbx_validate_rmsd_angle.auth_seq_id_3 
_pdbx_validate_rmsd_angle.PDB_ins_code_3 
_pdbx_validate_rmsd_angle.label_alt_id_3 
_pdbx_validate_rmsd_angle.angle_value 
_pdbx_validate_rmsd_angle.angle_target_value 
_pdbx_validate_rmsd_angle.angle_deviation 
_pdbx_validate_rmsd_angle.angle_standard_deviation 
_pdbx_validate_rmsd_angle.linker_flag 
1  1 NE A ARG 10  ? ? CZ A ARG 10  ? ? NH1 A ARG 10  ? ? 123.86 120.30 3.56   0.50 N 
2  1 CB A LEU 14  ? ? CA A LEU 14  ? ? C   A LEU 14  ? ? 121.99 110.20 11.79  1.90 N 
3  1 NE A ARG 16  ? ? CZ A ARG 16  ? ? NH2 A ARG 16  ? ? 124.58 120.30 4.28   0.50 N 
4  1 O  A CGU 21  ? ? C  A CGU 21  ? ? N   A PRO 22  ? ? 133.33 121.10 12.23  1.90 Y 
5  1 CA A CYS 23  ? ? CB A CYS 23  ? ? SG  A CYS 23  ? ? 126.45 114.20 12.25  1.10 N 
6  1 CD A ARG 25  ? ? NE A ARG 25  ? ? CZ  A ARG 25  ? ? 134.13 123.60 10.53  1.40 N 
7  1 CD A ARG 52  ? ? NE A ARG 52  ? ? CZ  A ARG 52  ? ? 133.09 123.60 9.49   1.40 N 
8  1 NE A ARG 52  ? ? CZ A ARG 52  ? ? NH1 A ARG 52  ? ? 124.97 120.30 4.67   0.50 N 
9  1 CB A VAL 70  ? ? CA A VAL 70  ? ? C   A VAL 70  ? ? 126.59 111.40 15.19  1.90 N 
10 1 CA A VAL 70  ? ? CB A VAL 70  ? ? CG1 A VAL 70  ? ? 122.90 110.90 12.00  1.50 N 
11 1 NE A ARG 75  ? ? CZ A ARG 75  ? ? NH1 A ARG 75  ? ? 123.85 120.30 3.55   0.50 N 
12 1 N  A SER 79  ? ? CA A SER 79  ? ? CB  A SER 79  ? ? 96.88  110.50 -13.62 1.50 N 
13 1 NE A ARG 82  ? ? CZ A ARG 82  ? ? NH2 A ARG 82  ? ? 116.91 120.30 -3.39  0.50 N 
14 1 CA A CYS 87  ? ? CB A CYS 87  ? ? SG  A CYS 87  ? ? 125.28 114.20 11.08  1.10 N 
15 1 CG A GLN 88  ? ? CD A GLN 88  ? ? OE1 A GLN 88  ? ? 134.65 121.60 13.05  2.00 N 
16 1 CA A ARG 93  ? ? CB A ARG 93  ? ? CG  A ARG 93  ? ? 131.60 113.40 18.20  2.20 N 
17 1 CB A TYR 94  ? ? CG A TYR 94  ? ? CD2 A TYR 94  ? ? 125.70 121.00 4.70   0.60 N 
18 1 CB A TYR 94  ? ? CG A TYR 94  ? ? CD1 A TYR 94  ? ? 117.06 121.00 -3.94  0.60 N 
19 1 CB A ALA 108 ? ? CA A ALA 108 ? ? C   A ALA 108 ? ? 121.65 110.10 11.55  1.50 N 
20 1 NE A ARG 111 ? ? CZ A ARG 111 ? ? NH1 A ARG 111 ? ? 123.46 120.30 3.16   0.50 N 
21 1 NE A ARG 116 ? ? CZ A ARG 116 ? ? NH2 A ARG 116 ? ? 123.49 120.30 3.19   0.50 N 
22 1 CB A TYR 128 ? ? CG A TYR 128 ? ? CD1 A TYR 128 ? ? 117.36 121.00 -3.64  0.60 N 
23 1 NE A ARG 135 ? ? CZ A ARG 135 ? ? NH2 A ARG 135 ? ? 123.35 120.30 3.05   0.50 N 
24 1 NE A ARG 136 ? ? CZ A ARG 136 ? ? NH2 A ARG 136 ? ? 123.34 120.30 3.04   0.50 N 
# 
loop_
_pdbx_validate_torsion.id 
_pdbx_validate_torsion.PDB_model_num 
_pdbx_validate_torsion.auth_comp_id 
_pdbx_validate_torsion.auth_asym_id 
_pdbx_validate_torsion.auth_seq_id 
_pdbx_validate_torsion.PDB_ins_code 
_pdbx_validate_torsion.label_alt_id 
_pdbx_validate_torsion.phi 
_pdbx_validate_torsion.psi 
1  1 ASN A 2   ? ? 72.27   71.99   
2  1 LYS A 3   ? ? -152.82 35.37   
3  1 PHE A 5   ? ? -172.93 95.18   
4  1 LEU A 6   ? ? 71.86   38.35   
5  1 CGU A 33  ? ? 90.13   -105.56 
6  1 SER A 34  ? ? -31.06  126.64  
7  1 PHE A 41  ? ? -62.32  -73.52  
8  1 TRP A 42  ? ? -38.06  -33.11  
9  1 PRO A 54  ? ? -59.55  177.91  
10 1 ASN A 77  ? ? -97.94  36.72   
11 1 THR A 81  ? ? -62.69  -175.18 
12 1 ASP A 109 ? ? -119.40 72.19   
13 1 GLU A 112 ? ? 41.49   -132.29 
14 1 ARG A 116 ? ? -140.84 -62.87  
15 1 ASN A 117 ? ? 79.29   74.40   
16 1 GLU A 137 ? ? -170.70 140.17  
# 
loop_
_pdbx_validate_main_chain_plane.id 
_pdbx_validate_main_chain_plane.PDB_model_num 
_pdbx_validate_main_chain_plane.auth_comp_id 
_pdbx_validate_main_chain_plane.auth_asym_id 
_pdbx_validate_main_chain_plane.auth_seq_id 
_pdbx_validate_main_chain_plane.PDB_ins_code 
_pdbx_validate_main_chain_plane.label_alt_id 
_pdbx_validate_main_chain_plane.improper_torsion_angle 
1 1 ASN A 13 ? ? -10.05 
2 1 VAL A 70 ? ? -10.26 
# 
loop_
_pdbx_struct_mod_residue.id 
_pdbx_struct_mod_residue.label_asym_id 
_pdbx_struct_mod_residue.label_comp_id 
_pdbx_struct_mod_residue.label_seq_id 
_pdbx_struct_mod_residue.auth_asym_id 
_pdbx_struct_mod_residue.auth_comp_id 
_pdbx_struct_mod_residue.auth_seq_id 
_pdbx_struct_mod_residue.PDB_ins_code 
_pdbx_struct_mod_residue.parent_comp_id 
_pdbx_struct_mod_residue.details 
1  A CGU 7  A CGU 7  ? GLU 'GAMMA-CARBOXY-GLUTAMIC ACID' 
2  A CGU 8  A CGU 8  ? GLU 'GAMMA-CARBOXY-GLUTAMIC ACID' 
3  A CGU 15 A CGU 15 ? GLU 'GAMMA-CARBOXY-GLUTAMIC ACID' 
4  A CGU 17 A CGU 17 ? GLU 'GAMMA-CARBOXY-GLUTAMIC ACID' 
5  A CGU 20 A CGU 20 ? GLU 'GAMMA-CARBOXY-GLUTAMIC ACID' 
6  A CGU 21 A CGU 21 ? GLU 'GAMMA-CARBOXY-GLUTAMIC ACID' 
7  A CGU 26 A CGU 26 ? GLU 'GAMMA-CARBOXY-GLUTAMIC ACID' 
8  A CGU 27 A CGU 27 ? GLU 'GAMMA-CARBOXY-GLUTAMIC ACID' 
9  A CGU 30 A CGU 30 ? GLU 'GAMMA-CARBOXY-GLUTAMIC ACID' 
10 A CGU 33 A CGU 33 ? GLU 'GAMMA-CARBOXY-GLUTAMIC ACID' 
# 
loop_
_pdbx_unobs_or_zero_occ_residues.id 
_pdbx_unobs_or_zero_occ_residues.PDB_model_num 
_pdbx_unobs_or_zero_occ_residues.polymer_flag 
_pdbx_unobs_or_zero_occ_residues.occupancy_flag 
_pdbx_unobs_or_zero_occ_residues.auth_asym_id 
_pdbx_unobs_or_zero_occ_residues.auth_comp_id 
_pdbx_unobs_or_zero_occ_residues.auth_seq_id 
_pdbx_unobs_or_zero_occ_residues.PDB_ins_code 
_pdbx_unobs_or_zero_occ_residues.label_asym_id 
_pdbx_unobs_or_zero_occ_residues.label_comp_id 
_pdbx_unobs_or_zero_occ_residues.label_seq_id 
1  1 Y 1 A ASP 147 ? A ASP 147 
2  1 Y 1 A ARG 148 ? A ARG 148 
3  1 Y 1 A VAL 149 ? A VAL 149 
4  1 Y 1 A THR 150 ? A THR 150 
5  1 Y 1 A VAL 151 ? A VAL 151 
6  1 Y 1 A GLU 152 ? A GLU 152 
7  1 Y 1 A VAL 153 ? A VAL 153 
8  1 Y 1 A ILE 154 ? A ILE 154 
9  1 Y 1 A PRO 155 ? A PRO 155 
10 1 Y 1 A ARG 156 ? A ARG 156 
# 
loop_
_chem_comp_atom.comp_id 
_chem_comp_atom.atom_id 
_chem_comp_atom.type_symbol 
_chem_comp_atom.pdbx_aromatic_flag 
_chem_comp_atom.pdbx_stereo_config 
_chem_comp_atom.pdbx_ordinal 
ALA N    N  N N 1   
ALA CA   C  N S 2   
ALA C    C  N N 3   
ALA O    O  N N 4   
ALA CB   C  N N 5   
ALA OXT  O  N N 6   
ALA H    H  N N 7   
ALA H2   H  N N 8   
ALA HA   H  N N 9   
ALA HB1  H  N N 10  
ALA HB2  H  N N 11  
ALA HB3  H  N N 12  
ALA HXT  H  N N 13  
ARG N    N  N N 14  
ARG CA   C  N S 15  
ARG C    C  N N 16  
ARG O    O  N N 17  
ARG CB   C  N N 18  
ARG CG   C  N N 19  
ARG CD   C  N N 20  
ARG NE   N  N N 21  
ARG CZ   C  N N 22  
ARG NH1  N  N N 23  
ARG NH2  N  N N 24  
ARG OXT  O  N N 25  
ARG H    H  N N 26  
ARG H2   H  N N 27  
ARG HA   H  N N 28  
ARG HB2  H  N N 29  
ARG HB3  H  N N 30  
ARG HG2  H  N N 31  
ARG HG3  H  N N 32  
ARG HD2  H  N N 33  
ARG HD3  H  N N 34  
ARG HE   H  N N 35  
ARG HH11 H  N N 36  
ARG HH12 H  N N 37  
ARG HH21 H  N N 38  
ARG HH22 H  N N 39  
ARG HXT  H  N N 40  
ASN N    N  N N 41  
ASN CA   C  N S 42  
ASN C    C  N N 43  
ASN O    O  N N 44  
ASN CB   C  N N 45  
ASN CG   C  N N 46  
ASN OD1  O  N N 47  
ASN ND2  N  N N 48  
ASN OXT  O  N N 49  
ASN H    H  N N 50  
ASN H2   H  N N 51  
ASN HA   H  N N 52  
ASN HB2  H  N N 53  
ASN HB3  H  N N 54  
ASN HD21 H  N N 55  
ASN HD22 H  N N 56  
ASN HXT  H  N N 57  
ASP N    N  N N 58  
ASP CA   C  N S 59  
ASP C    C  N N 60  
ASP O    O  N N 61  
ASP CB   C  N N 62  
ASP CG   C  N N 63  
ASP OD1  O  N N 64  
ASP OD2  O  N N 65  
ASP OXT  O  N N 66  
ASP H    H  N N 67  
ASP H2   H  N N 68  
ASP HA   H  N N 69  
ASP HB2  H  N N 70  
ASP HB3  H  N N 71  
ASP HD2  H  N N 72  
ASP HXT  H  N N 73  
CA  CA   CA N N 74  
CGU N    N  N N 75  
CGU CA   C  N S 76  
CGU C    C  N N 77  
CGU O    O  N N 78  
CGU OXT  O  N N 79  
CGU CB   C  N N 80  
CGU CG   C  N N 81  
CGU CD1  C  N N 82  
CGU CD2  C  N N 83  
CGU OE11 O  N N 84  
CGU OE12 O  N N 85  
CGU OE21 O  N N 86  
CGU OE22 O  N N 87  
CGU H    H  N N 88  
CGU H2   H  N N 89  
CGU HA   H  N N 90  
CGU HXT  H  N N 91  
CGU HB2  H  N N 92  
CGU HB3  H  N N 93  
CGU HG   H  N N 94  
CGU HE12 H  N N 95  
CGU HE22 H  N N 96  
CYS N    N  N N 97  
CYS CA   C  N R 98  
CYS C    C  N N 99  
CYS O    O  N N 100 
CYS CB   C  N N 101 
CYS SG   S  N N 102 
CYS OXT  O  N N 103 
CYS H    H  N N 104 
CYS H2   H  N N 105 
CYS HA   H  N N 106 
CYS HB2  H  N N 107 
CYS HB3  H  N N 108 
CYS HG   H  N N 109 
CYS HXT  H  N N 110 
GLN N    N  N N 111 
GLN CA   C  N S 112 
GLN C    C  N N 113 
GLN O    O  N N 114 
GLN CB   C  N N 115 
GLN CG   C  N N 116 
GLN CD   C  N N 117 
GLN OE1  O  N N 118 
GLN NE2  N  N N 119 
GLN OXT  O  N N 120 
GLN H    H  N N 121 
GLN H2   H  N N 122 
GLN HA   H  N N 123 
GLN HB2  H  N N 124 
GLN HB3  H  N N 125 
GLN HG2  H  N N 126 
GLN HG3  H  N N 127 
GLN HE21 H  N N 128 
GLN HE22 H  N N 129 
GLN HXT  H  N N 130 
GLU N    N  N N 131 
GLU CA   C  N S 132 
GLU C    C  N N 133 
GLU O    O  N N 134 
GLU CB   C  N N 135 
GLU CG   C  N N 136 
GLU CD   C  N N 137 
GLU OE1  O  N N 138 
GLU OE2  O  N N 139 
GLU OXT  O  N N 140 
GLU H    H  N N 141 
GLU H2   H  N N 142 
GLU HA   H  N N 143 
GLU HB2  H  N N 144 
GLU HB3  H  N N 145 
GLU HG2  H  N N 146 
GLU HG3  H  N N 147 
GLU HE2  H  N N 148 
GLU HXT  H  N N 149 
GLY N    N  N N 150 
GLY CA   C  N N 151 
GLY C    C  N N 152 
GLY O    O  N N 153 
GLY OXT  O  N N 154 
GLY H    H  N N 155 
GLY H2   H  N N 156 
GLY HA2  H  N N 157 
GLY HA3  H  N N 158 
GLY HXT  H  N N 159 
HIS N    N  N N 160 
HIS CA   C  N S 161 
HIS C    C  N N 162 
HIS O    O  N N 163 
HIS CB   C  N N 164 
HIS CG   C  Y N 165 
HIS ND1  N  Y N 166 
HIS CD2  C  Y N 167 
HIS CE1  C  Y N 168 
HIS NE2  N  Y N 169 
HIS OXT  O  N N 170 
HIS H    H  N N 171 
HIS H2   H  N N 172 
HIS HA   H  N N 173 
HIS HB2  H  N N 174 
HIS HB3  H  N N 175 
HIS HD1  H  N N 176 
HIS HD2  H  N N 177 
HIS HE1  H  N N 178 
HIS HE2  H  N N 179 
HIS HXT  H  N N 180 
HOH O    O  N N 181 
HOH H1   H  N N 182 
HOH H2   H  N N 183 
ILE N    N  N N 184 
ILE CA   C  N S 185 
ILE C    C  N N 186 
ILE O    O  N N 187 
ILE CB   C  N S 188 
ILE CG1  C  N N 189 
ILE CG2  C  N N 190 
ILE CD1  C  N N 191 
ILE OXT  O  N N 192 
ILE H    H  N N 193 
ILE H2   H  N N 194 
ILE HA   H  N N 195 
ILE HB   H  N N 196 
ILE HG12 H  N N 197 
ILE HG13 H  N N 198 
ILE HG21 H  N N 199 
ILE HG22 H  N N 200 
ILE HG23 H  N N 201 
ILE HD11 H  N N 202 
ILE HD12 H  N N 203 
ILE HD13 H  N N 204 
ILE HXT  H  N N 205 
LEU N    N  N N 206 
LEU CA   C  N S 207 
LEU C    C  N N 208 
LEU O    O  N N 209 
LEU CB   C  N N 210 
LEU CG   C  N N 211 
LEU CD1  C  N N 212 
LEU CD2  C  N N 213 
LEU OXT  O  N N 214 
LEU H    H  N N 215 
LEU H2   H  N N 216 
LEU HA   H  N N 217 
LEU HB2  H  N N 218 
LEU HB3  H  N N 219 
LEU HG   H  N N 220 
LEU HD11 H  N N 221 
LEU HD12 H  N N 222 
LEU HD13 H  N N 223 
LEU HD21 H  N N 224 
LEU HD22 H  N N 225 
LEU HD23 H  N N 226 
LEU HXT  H  N N 227 
LYS N    N  N N 228 
LYS CA   C  N S 229 
LYS C    C  N N 230 
LYS O    O  N N 231 
LYS CB   C  N N 232 
LYS CG   C  N N 233 
LYS CD   C  N N 234 
LYS CE   C  N N 235 
LYS NZ   N  N N 236 
LYS OXT  O  N N 237 
LYS H    H  N N 238 
LYS H2   H  N N 239 
LYS HA   H  N N 240 
LYS HB2  H  N N 241 
LYS HB3  H  N N 242 
LYS HG2  H  N N 243 
LYS HG3  H  N N 244 
LYS HD2  H  N N 245 
LYS HD3  H  N N 246 
LYS HE2  H  N N 247 
LYS HE3  H  N N 248 
LYS HZ1  H  N N 249 
LYS HZ2  H  N N 250 
LYS HZ3  H  N N 251 
LYS HXT  H  N N 252 
MET N    N  N N 253 
MET CA   C  N S 254 
MET C    C  N N 255 
MET O    O  N N 256 
MET CB   C  N N 257 
MET CG   C  N N 258 
MET SD   S  N N 259 
MET CE   C  N N 260 
MET OXT  O  N N 261 
MET H    H  N N 262 
MET H2   H  N N 263 
MET HA   H  N N 264 
MET HB2  H  N N 265 
MET HB3  H  N N 266 
MET HG2  H  N N 267 
MET HG3  H  N N 268 
MET HE1  H  N N 269 
MET HE2  H  N N 270 
MET HE3  H  N N 271 
MET HXT  H  N N 272 
PHE N    N  N N 273 
PHE CA   C  N S 274 
PHE C    C  N N 275 
PHE O    O  N N 276 
PHE CB   C  N N 277 
PHE CG   C  Y N 278 
PHE CD1  C  Y N 279 
PHE CD2  C  Y N 280 
PHE CE1  C  Y N 281 
PHE CE2  C  Y N 282 
PHE CZ   C  Y N 283 
PHE OXT  O  N N 284 
PHE H    H  N N 285 
PHE H2   H  N N 286 
PHE HA   H  N N 287 
PHE HB2  H  N N 288 
PHE HB3  H  N N 289 
PHE HD1  H  N N 290 
PHE HD2  H  N N 291 
PHE HE1  H  N N 292 
PHE HE2  H  N N 293 
PHE HZ   H  N N 294 
PHE HXT  H  N N 295 
PRO N    N  N N 296 
PRO CA   C  N S 297 
PRO C    C  N N 298 
PRO O    O  N N 299 
PRO CB   C  N N 300 
PRO CG   C  N N 301 
PRO CD   C  N N 302 
PRO OXT  O  N N 303 
PRO H    H  N N 304 
PRO HA   H  N N 305 
PRO HB2  H  N N 306 
PRO HB3  H  N N 307 
PRO HG2  H  N N 308 
PRO HG3  H  N N 309 
PRO HD2  H  N N 310 
PRO HD3  H  N N 311 
PRO HXT  H  N N 312 
SER N    N  N N 313 
SER CA   C  N S 314 
SER C    C  N N 315 
SER O    O  N N 316 
SER CB   C  N N 317 
SER OG   O  N N 318 
SER OXT  O  N N 319 
SER H    H  N N 320 
SER H2   H  N N 321 
SER HA   H  N N 322 
SER HB2  H  N N 323 
SER HB3  H  N N 324 
SER HG   H  N N 325 
SER HXT  H  N N 326 
THR N    N  N N 327 
THR CA   C  N S 328 
THR C    C  N N 329 
THR O    O  N N 330 
THR CB   C  N R 331 
THR OG1  O  N N 332 
THR CG2  C  N N 333 
THR OXT  O  N N 334 
THR H    H  N N 335 
THR H2   H  N N 336 
THR HA   H  N N 337 
THR HB   H  N N 338 
THR HG1  H  N N 339 
THR HG21 H  N N 340 
THR HG22 H  N N 341 
THR HG23 H  N N 342 
THR HXT  H  N N 343 
TRP N    N  N N 344 
TRP CA   C  N S 345 
TRP C    C  N N 346 
TRP O    O  N N 347 
TRP CB   C  N N 348 
TRP CG   C  Y N 349 
TRP CD1  C  Y N 350 
TRP CD2  C  Y N 351 
TRP NE1  N  Y N 352 
TRP CE2  C  Y N 353 
TRP CE3  C  Y N 354 
TRP CZ2  C  Y N 355 
TRP CZ3  C  Y N 356 
TRP CH2  C  Y N 357 
TRP OXT  O  N N 358 
TRP H    H  N N 359 
TRP H2   H  N N 360 
TRP HA   H  N N 361 
TRP HB2  H  N N 362 
TRP HB3  H  N N 363 
TRP HD1  H  N N 364 
TRP HE1  H  N N 365 
TRP HE3  H  N N 366 
TRP HZ2  H  N N 367 
TRP HZ3  H  N N 368 
TRP HH2  H  N N 369 
TRP HXT  H  N N 370 
TYR N    N  N N 371 
TYR CA   C  N S 372 
TYR C    C  N N 373 
TYR O    O  N N 374 
TYR CB   C  N N 375 
TYR CG   C  Y N 376 
TYR CD1  C  Y N 377 
TYR CD2  C  Y N 378 
TYR CE1  C  Y N 379 
TYR CE2  C  Y N 380 
TYR CZ   C  Y N 381 
TYR OH   O  N N 382 
TYR OXT  O  N N 383 
TYR H    H  N N 384 
TYR H2   H  N N 385 
TYR HA   H  N N 386 
TYR HB2  H  N N 387 
TYR HB3  H  N N 388 
TYR HD1  H  N N 389 
TYR HD2  H  N N 390 
TYR HE1  H  N N 391 
TYR HE2  H  N N 392 
TYR HH   H  N N 393 
TYR HXT  H  N N 394 
VAL N    N  N N 395 
VAL CA   C  N S 396 
VAL C    C  N N 397 
VAL O    O  N N 398 
VAL CB   C  N N 399 
VAL CG1  C  N N 400 
VAL CG2  C  N N 401 
VAL OXT  O  N N 402 
VAL H    H  N N 403 
VAL H2   H  N N 404 
VAL HA   H  N N 405 
VAL HB   H  N N 406 
VAL HG11 H  N N 407 
VAL HG12 H  N N 408 
VAL HG13 H  N N 409 
VAL HG21 H  N N 410 
VAL HG22 H  N N 411 
VAL HG23 H  N N 412 
VAL HXT  H  N N 413 
# 
loop_
_chem_comp_bond.comp_id 
_chem_comp_bond.atom_id_1 
_chem_comp_bond.atom_id_2 
_chem_comp_bond.value_order 
_chem_comp_bond.pdbx_aromatic_flag 
_chem_comp_bond.pdbx_stereo_config 
_chem_comp_bond.pdbx_ordinal 
ALA N    CA   sing N N 1   
ALA N    H    sing N N 2   
ALA N    H2   sing N N 3   
ALA CA   C    sing N N 4   
ALA CA   CB   sing N N 5   
ALA CA   HA   sing N N 6   
ALA C    O    doub N N 7   
ALA C    OXT  sing N N 8   
ALA CB   HB1  sing N N 9   
ALA CB   HB2  sing N N 10  
ALA CB   HB3  sing N N 11  
ALA OXT  HXT  sing N N 12  
ARG N    CA   sing N N 13  
ARG N    H    sing N N 14  
ARG N    H2   sing N N 15  
ARG CA   C    sing N N 16  
ARG CA   CB   sing N N 17  
ARG CA   HA   sing N N 18  
ARG C    O    doub N N 19  
ARG C    OXT  sing N N 20  
ARG CB   CG   sing N N 21  
ARG CB   HB2  sing N N 22  
ARG CB   HB3  sing N N 23  
ARG CG   CD   sing N N 24  
ARG CG   HG2  sing N N 25  
ARG CG   HG3  sing N N 26  
ARG CD   NE   sing N N 27  
ARG CD   HD2  sing N N 28  
ARG CD   HD3  sing N N 29  
ARG NE   CZ   sing N N 30  
ARG NE   HE   sing N N 31  
ARG CZ   NH1  sing N N 32  
ARG CZ   NH2  doub N N 33  
ARG NH1  HH11 sing N N 34  
ARG NH1  HH12 sing N N 35  
ARG NH2  HH21 sing N N 36  
ARG NH2  HH22 sing N N 37  
ARG OXT  HXT  sing N N 38  
ASN N    CA   sing N N 39  
ASN N    H    sing N N 40  
ASN N    H2   sing N N 41  
ASN CA   C    sing N N 42  
ASN CA   CB   sing N N 43  
ASN CA   HA   sing N N 44  
ASN C    O    doub N N 45  
ASN C    OXT  sing N N 46  
ASN CB   CG   sing N N 47  
ASN CB   HB2  sing N N 48  
ASN CB   HB3  sing N N 49  
ASN CG   OD1  doub N N 50  
ASN CG   ND2  sing N N 51  
ASN ND2  HD21 sing N N 52  
ASN ND2  HD22 sing N N 53  
ASN OXT  HXT  sing N N 54  
ASP N    CA   sing N N 55  
ASP N    H    sing N N 56  
ASP N    H2   sing N N 57  
ASP CA   C    sing N N 58  
ASP CA   CB   sing N N 59  
ASP CA   HA   sing N N 60  
ASP C    O    doub N N 61  
ASP C    OXT  sing N N 62  
ASP CB   CG   sing N N 63  
ASP CB   HB2  sing N N 64  
ASP CB   HB3  sing N N 65  
ASP CG   OD1  doub N N 66  
ASP CG   OD2  sing N N 67  
ASP OD2  HD2  sing N N 68  
ASP OXT  HXT  sing N N 69  
CGU N    CA   sing N N 70  
CGU N    H    sing N N 71  
CGU N    H2   sing N N 72  
CGU CA   C    sing N N 73  
CGU CA   CB   sing N N 74  
CGU CA   HA   sing N N 75  
CGU C    O    doub N N 76  
CGU C    OXT  sing N N 77  
CGU OXT  HXT  sing N N 78  
CGU CB   CG   sing N N 79  
CGU CB   HB2  sing N N 80  
CGU CB   HB3  sing N N 81  
CGU CG   CD1  sing N N 82  
CGU CG   CD2  sing N N 83  
CGU CG   HG   sing N N 84  
CGU CD1  OE11 doub N N 85  
CGU CD1  OE12 sing N N 86  
CGU CD2  OE21 doub N N 87  
CGU CD2  OE22 sing N N 88  
CGU OE12 HE12 sing N N 89  
CGU OE22 HE22 sing N N 90  
CYS N    CA   sing N N 91  
CYS N    H    sing N N 92  
CYS N    H2   sing N N 93  
CYS CA   C    sing N N 94  
CYS CA   CB   sing N N 95  
CYS CA   HA   sing N N 96  
CYS C    O    doub N N 97  
CYS C    OXT  sing N N 98  
CYS CB   SG   sing N N 99  
CYS CB   HB2  sing N N 100 
CYS CB   HB3  sing N N 101 
CYS SG   HG   sing N N 102 
CYS OXT  HXT  sing N N 103 
GLN N    CA   sing N N 104 
GLN N    H    sing N N 105 
GLN N    H2   sing N N 106 
GLN CA   C    sing N N 107 
GLN CA   CB   sing N N 108 
GLN CA   HA   sing N N 109 
GLN C    O    doub N N 110 
GLN C    OXT  sing N N 111 
GLN CB   CG   sing N N 112 
GLN CB   HB2  sing N N 113 
GLN CB   HB3  sing N N 114 
GLN CG   CD   sing N N 115 
GLN CG   HG2  sing N N 116 
GLN CG   HG3  sing N N 117 
GLN CD   OE1  doub N N 118 
GLN CD   NE2  sing N N 119 
GLN NE2  HE21 sing N N 120 
GLN NE2  HE22 sing N N 121 
GLN OXT  HXT  sing N N 122 
GLU N    CA   sing N N 123 
GLU N    H    sing N N 124 
GLU N    H2   sing N N 125 
GLU CA   C    sing N N 126 
GLU CA   CB   sing N N 127 
GLU CA   HA   sing N N 128 
GLU C    O    doub N N 129 
GLU C    OXT  sing N N 130 
GLU CB   CG   sing N N 131 
GLU CB   HB2  sing N N 132 
GLU CB   HB3  sing N N 133 
GLU CG   CD   sing N N 134 
GLU CG   HG2  sing N N 135 
GLU CG   HG3  sing N N 136 
GLU CD   OE1  doub N N 137 
GLU CD   OE2  sing N N 138 
GLU OE2  HE2  sing N N 139 
GLU OXT  HXT  sing N N 140 
GLY N    CA   sing N N 141 
GLY N    H    sing N N 142 
GLY N    H2   sing N N 143 
GLY CA   C    sing N N 144 
GLY CA   HA2  sing N N 145 
GLY CA   HA3  sing N N 146 
GLY C    O    doub N N 147 
GLY C    OXT  sing N N 148 
GLY OXT  HXT  sing N N 149 
HIS N    CA   sing N N 150 
HIS N    H    sing N N 151 
HIS N    H2   sing N N 152 
HIS CA   C    sing N N 153 
HIS CA   CB   sing N N 154 
HIS CA   HA   sing N N 155 
HIS C    O    doub N N 156 
HIS C    OXT  sing N N 157 
HIS CB   CG   sing N N 158 
HIS CB   HB2  sing N N 159 
HIS CB   HB3  sing N N 160 
HIS CG   ND1  sing Y N 161 
HIS CG   CD2  doub Y N 162 
HIS ND1  CE1  doub Y N 163 
HIS ND1  HD1  sing N N 164 
HIS CD2  NE2  sing Y N 165 
HIS CD2  HD2  sing N N 166 
HIS CE1  NE2  sing Y N 167 
HIS CE1  HE1  sing N N 168 
HIS NE2  HE2  sing N N 169 
HIS OXT  HXT  sing N N 170 
HOH O    H1   sing N N 171 
HOH O    H2   sing N N 172 
ILE N    CA   sing N N 173 
ILE N    H    sing N N 174 
ILE N    H2   sing N N 175 
ILE CA   C    sing N N 176 
ILE CA   CB   sing N N 177 
ILE CA   HA   sing N N 178 
ILE C    O    doub N N 179 
ILE C    OXT  sing N N 180 
ILE CB   CG1  sing N N 181 
ILE CB   CG2  sing N N 182 
ILE CB   HB   sing N N 183 
ILE CG1  CD1  sing N N 184 
ILE CG1  HG12 sing N N 185 
ILE CG1  HG13 sing N N 186 
ILE CG2  HG21 sing N N 187 
ILE CG2  HG22 sing N N 188 
ILE CG2  HG23 sing N N 189 
ILE CD1  HD11 sing N N 190 
ILE CD1  HD12 sing N N 191 
ILE CD1  HD13 sing N N 192 
ILE OXT  HXT  sing N N 193 
LEU N    CA   sing N N 194 
LEU N    H    sing N N 195 
LEU N    H2   sing N N 196 
LEU CA   C    sing N N 197 
LEU CA   CB   sing N N 198 
LEU CA   HA   sing N N 199 
LEU C    O    doub N N 200 
LEU C    OXT  sing N N 201 
LEU CB   CG   sing N N 202 
LEU CB   HB2  sing N N 203 
LEU CB   HB3  sing N N 204 
LEU CG   CD1  sing N N 205 
LEU CG   CD2  sing N N 206 
LEU CG   HG   sing N N 207 
LEU CD1  HD11 sing N N 208 
LEU CD1  HD12 sing N N 209 
LEU CD1  HD13 sing N N 210 
LEU CD2  HD21 sing N N 211 
LEU CD2  HD22 sing N N 212 
LEU CD2  HD23 sing N N 213 
LEU OXT  HXT  sing N N 214 
LYS N    CA   sing N N 215 
LYS N    H    sing N N 216 
LYS N    H2   sing N N 217 
LYS CA   C    sing N N 218 
LYS CA   CB   sing N N 219 
LYS CA   HA   sing N N 220 
LYS C    O    doub N N 221 
LYS C    OXT  sing N N 222 
LYS CB   CG   sing N N 223 
LYS CB   HB2  sing N N 224 
LYS CB   HB3  sing N N 225 
LYS CG   CD   sing N N 226 
LYS CG   HG2  sing N N 227 
LYS CG   HG3  sing N N 228 
LYS CD   CE   sing N N 229 
LYS CD   HD2  sing N N 230 
LYS CD   HD3  sing N N 231 
LYS CE   NZ   sing N N 232 
LYS CE   HE2  sing N N 233 
LYS CE   HE3  sing N N 234 
LYS NZ   HZ1  sing N N 235 
LYS NZ   HZ2  sing N N 236 
LYS NZ   HZ3  sing N N 237 
LYS OXT  HXT  sing N N 238 
MET N    CA   sing N N 239 
MET N    H    sing N N 240 
MET N    H2   sing N N 241 
MET CA   C    sing N N 242 
MET CA   CB   sing N N 243 
MET CA   HA   sing N N 244 
MET C    O    doub N N 245 
MET C    OXT  sing N N 246 
MET CB   CG   sing N N 247 
MET CB   HB2  sing N N 248 
MET CB   HB3  sing N N 249 
MET CG   SD   sing N N 250 
MET CG   HG2  sing N N 251 
MET CG   HG3  sing N N 252 
MET SD   CE   sing N N 253 
MET CE   HE1  sing N N 254 
MET CE   HE2  sing N N 255 
MET CE   HE3  sing N N 256 
MET OXT  HXT  sing N N 257 
PHE N    CA   sing N N 258 
PHE N    H    sing N N 259 
PHE N    H2   sing N N 260 
PHE CA   C    sing N N 261 
PHE CA   CB   sing N N 262 
PHE CA   HA   sing N N 263 
PHE C    O    doub N N 264 
PHE C    OXT  sing N N 265 
PHE CB   CG   sing N N 266 
PHE CB   HB2  sing N N 267 
PHE CB   HB3  sing N N 268 
PHE CG   CD1  doub Y N 269 
PHE CG   CD2  sing Y N 270 
PHE CD1  CE1  sing Y N 271 
PHE CD1  HD1  sing N N 272 
PHE CD2  CE2  doub Y N 273 
PHE CD2  HD2  sing N N 274 
PHE CE1  CZ   doub Y N 275 
PHE CE1  HE1  sing N N 276 
PHE CE2  CZ   sing Y N 277 
PHE CE2  HE2  sing N N 278 
PHE CZ   HZ   sing N N 279 
PHE OXT  HXT  sing N N 280 
PRO N    CA   sing N N 281 
PRO N    CD   sing N N 282 
PRO N    H    sing N N 283 
PRO CA   C    sing N N 284 
PRO CA   CB   sing N N 285 
PRO CA   HA   sing N N 286 
PRO C    O    doub N N 287 
PRO C    OXT  sing N N 288 
PRO CB   CG   sing N N 289 
PRO CB   HB2  sing N N 290 
PRO CB   HB3  sing N N 291 
PRO CG   CD   sing N N 292 
PRO CG   HG2  sing N N 293 
PRO CG   HG3  sing N N 294 
PRO CD   HD2  sing N N 295 
PRO CD   HD3  sing N N 296 
PRO OXT  HXT  sing N N 297 
SER N    CA   sing N N 298 
SER N    H    sing N N 299 
SER N    H2   sing N N 300 
SER CA   C    sing N N 301 
SER CA   CB   sing N N 302 
SER CA   HA   sing N N 303 
SER C    O    doub N N 304 
SER C    OXT  sing N N 305 
SER CB   OG   sing N N 306 
SER CB   HB2  sing N N 307 
SER CB   HB3  sing N N 308 
SER OG   HG   sing N N 309 
SER OXT  HXT  sing N N 310 
THR N    CA   sing N N 311 
THR N    H    sing N N 312 
THR N    H2   sing N N 313 
THR CA   C    sing N N 314 
THR CA   CB   sing N N 315 
THR CA   HA   sing N N 316 
THR C    O    doub N N 317 
THR C    OXT  sing N N 318 
THR CB   OG1  sing N N 319 
THR CB   CG2  sing N N 320 
THR CB   HB   sing N N 321 
THR OG1  HG1  sing N N 322 
THR CG2  HG21 sing N N 323 
THR CG2  HG22 sing N N 324 
THR CG2  HG23 sing N N 325 
THR OXT  HXT  sing N N 326 
TRP N    CA   sing N N 327 
TRP N    H    sing N N 328 
TRP N    H2   sing N N 329 
TRP CA   C    sing N N 330 
TRP CA   CB   sing N N 331 
TRP CA   HA   sing N N 332 
TRP C    O    doub N N 333 
TRP C    OXT  sing N N 334 
TRP CB   CG   sing N N 335 
TRP CB   HB2  sing N N 336 
TRP CB   HB3  sing N N 337 
TRP CG   CD1  doub Y N 338 
TRP CG   CD2  sing Y N 339 
TRP CD1  NE1  sing Y N 340 
TRP CD1  HD1  sing N N 341 
TRP CD2  CE2  doub Y N 342 
TRP CD2  CE3  sing Y N 343 
TRP NE1  CE2  sing Y N 344 
TRP NE1  HE1  sing N N 345 
TRP CE2  CZ2  sing Y N 346 
TRP CE3  CZ3  doub Y N 347 
TRP CE3  HE3  sing N N 348 
TRP CZ2  CH2  doub Y N 349 
TRP CZ2  HZ2  sing N N 350 
TRP CZ3  CH2  sing Y N 351 
TRP CZ3  HZ3  sing N N 352 
TRP CH2  HH2  sing N N 353 
TRP OXT  HXT  sing N N 354 
TYR N    CA   sing N N 355 
TYR N    H    sing N N 356 
TYR N    H2   sing N N 357 
TYR CA   C    sing N N 358 
TYR CA   CB   sing N N 359 
TYR CA   HA   sing N N 360 
TYR C    O    doub N N 361 
TYR C    OXT  sing N N 362 
TYR CB   CG   sing N N 363 
TYR CB   HB2  sing N N 364 
TYR CB   HB3  sing N N 365 
TYR CG   CD1  doub Y N 366 
TYR CG   CD2  sing Y N 367 
TYR CD1  CE1  sing Y N 368 
TYR CD1  HD1  sing N N 369 
TYR CD2  CE2  doub Y N 370 
TYR CD2  HD2  sing N N 371 
TYR CE1  CZ   doub Y N 372 
TYR CE1  HE1  sing N N 373 
TYR CE2  CZ   sing Y N 374 
TYR CE2  HE2  sing N N 375 
TYR CZ   OH   sing N N 376 
TYR OH   HH   sing N N 377 
TYR OXT  HXT  sing N N 378 
VAL N    CA   sing N N 379 
VAL N    H    sing N N 380 
VAL N    H2   sing N N 381 
VAL CA   C    sing N N 382 
VAL CA   CB   sing N N 383 
VAL CA   HA   sing N N 384 
VAL C    O    doub N N 385 
VAL C    OXT  sing N N 386 
VAL CB   CG1  sing N N 387 
VAL CB   CG2  sing N N 388 
VAL CB   HB   sing N N 389 
VAL CG1  HG11 sing N N 390 
VAL CG1  HG12 sing N N 391 
VAL CG1  HG13 sing N N 392 
VAL CG2  HG21 sing N N 393 
VAL CG2  HG22 sing N N 394 
VAL CG2  HG23 sing N N 395 
VAL OXT  HXT  sing N N 396 
# 
_atom_sites.entry_id                    2PF2 
_atom_sites.fract_transf_matrix[1][1]   0.02471668 
_atom_sites.fract_transf_matrix[1][2]   -0.00331972 
_atom_sites.fract_transf_matrix[1][3]   0.00475026 
_atom_sites.fract_transf_matrix[2][1]   0.00406035 
_atom_sites.fract_transf_matrix[2][2]   0.00557454 
_atom_sites.fract_transf_matrix[2][3]   -0.01723113 
_atom_sites.fract_transf_matrix[3][1]   0.00050297 
_atom_sites.fract_transf_matrix[3][2]   0.00728836 
_atom_sites.fract_transf_matrix[3][3]   0.00247642 
_atom_sites.fract_transf_vector[1]      0.374102 
_atom_sites.fract_transf_vector[2]      0.765155 
_atom_sites.fract_transf_vector[3]      0.853519 
# 
_atom_sites_footnote.id     1 
_atom_sites_footnote.text   'RESIDUES PRO 54 AND PRO 95 ARE CIS PROLINES.' 
# 
loop_
_atom_type.symbol 
C  
CA 
N  
O  
S  
# 
loop_
_atom_site.group_PDB 
_atom_site.id 
_atom_site.type_symbol 
_atom_site.label_atom_id 
_atom_site.label_alt_id 
_atom_site.label_comp_id 
_atom_site.label_asym_id 
_atom_site.label_entity_id 
_atom_site.label_seq_id 
_atom_site.pdbx_PDB_ins_code 
_atom_site.Cartn_x 
_atom_site.Cartn_y 
_atom_site.Cartn_z 
_atom_site.occupancy 
_atom_site.B_iso_or_equiv 
_atom_site.pdbx_formal_charge 
_atom_site.auth_seq_id 
_atom_site.auth_comp_id 
_atom_site.auth_asym_id 
_atom_site.auth_atom_id 
_atom_site.pdbx_PDB_model_num 
ATOM   1    N  N    . ALA A 1 1   ? -12.146 14.929  10.335  1.00 24.97 ? 1   ALA A N    1 
ATOM   2    C  CA   . ALA A 1 1   ? -13.219 14.026  10.632  1.00 25.01 ? 1   ALA A CA   1 
ATOM   3    C  C    . ALA A 1 1   ? -14.571 14.688  10.441  1.00 25.12 ? 1   ALA A C    1 
ATOM   4    O  O    . ALA A 1 1   ? -15.576 13.939  10.408  1.00 25.77 ? 1   ALA A O    1 
ATOM   5    C  CB   . ALA A 1 1   ? -13.060 13.543  12.072  1.00 25.51 ? 1   ALA A CB   1 
ATOM   6    N  N    . ASN A 1 2   ? -14.645 15.985  10.281  1.00 25.75 ? 2   ASN A N    1 
ATOM   7    C  CA   . ASN A 1 2   ? -16.020 16.577  10.093  1.00 26.53 ? 2   ASN A CA   1 
ATOM   8    C  C    . ASN A 1 2   ? -16.718 16.504  11.451  1.00 28.15 ? 2   ASN A C    1 
ATOM   9    O  O    . ASN A 1 2   ? -17.665 15.740  11.702  1.00 27.31 ? 2   ASN A O    1 
ATOM   10   C  CB   . ASN A 1 2   ? -16.744 15.891  8.969   1.00 23.83 ? 2   ASN A CB   1 
ATOM   11   C  CG   . ASN A 1 2   ? -16.147 16.126  7.589   1.00 24.03 ? 2   ASN A CG   1 
ATOM   12   O  OD1  . ASN A 1 2   ? -15.159 16.841  7.558   1.00 22.77 ? 2   ASN A OD1  1 
ATOM   13   N  ND2  . ASN A 1 2   ? -16.755 15.643  6.492   1.00 22.04 ? 2   ASN A ND2  1 
ATOM   14   N  N    . LYS A 1 3   ? -16.225 17.379  12.334  1.00 31.69 ? 3   LYS A N    1 
ATOM   15   C  CA   . LYS A 1 3   ? -16.805 17.338  13.697  1.00 34.71 ? 3   LYS A CA   1 
ATOM   16   C  C    . LYS A 1 3   ? -16.779 18.614  14.503  1.00 37.13 ? 3   LYS A C    1 
ATOM   17   O  O    . LYS A 1 3   ? -16.640 18.564  15.732  1.00 39.60 ? 3   LYS A O    1 
ATOM   18   C  CB   . LYS A 1 3   ? -15.909 16.291  14.389  1.00 34.05 ? 3   LYS A CB   1 
ATOM   19   C  CG   . LYS A 1 3   ? -16.707 15.180  15.074  0.01 28.00 ? 3   LYS A CG   1 
ATOM   20   C  CD   . LYS A 1 3   ? -16.549 13.822  14.389  0.01 28.00 ? 3   LYS A CD   1 
ATOM   21   C  CE   . LYS A 1 3   ? -17.623 12.814  14.805  0.01 28.00 ? 3   LYS A CE   1 
ATOM   22   N  NZ   . LYS A 1 3   ? -17.472 11.508  14.147  0.01 28.00 ? 3   LYS A NZ   1 
ATOM   23   N  N    . GLY A 1 4   ? -16.936 19.780  13.916  1.00 38.68 ? 4   GLY A N    1 
ATOM   24   C  CA   . GLY A 1 4   ? -16.831 20.975  14.780  1.00 40.03 ? 4   GLY A CA   1 
ATOM   25   C  C    . GLY A 1 4   ? -18.015 21.951  14.738  1.00 41.18 ? 4   GLY A C    1 
ATOM   26   O  O    . GLY A 1 4   ? -19.089 21.784  15.347  1.00 42.36 ? 4   GLY A O    1 
ATOM   27   N  N    . PHE A 1 5   ? -17.764 22.928  13.996  1.00 40.77 ? 5   PHE A N    1 
ATOM   28   C  CA   . PHE A 1 5   ? -18.597 24.053  13.791  1.00 38.61 ? 5   PHE A CA   1 
ATOM   29   C  C    . PHE A 1 5   ? -17.877 24.770  12.701  1.00 36.94 ? 5   PHE A C    1 
ATOM   30   O  O    . PHE A 1 5   ? -16.918 25.474  13.020  1.00 35.12 ? 5   PHE A O    1 
ATOM   31   C  CB   . PHE A 1 5   ? -18.602 24.836  15.127  1.00 39.44 ? 5   PHE A CB   1 
ATOM   32   C  CG   . PHE A 1 5   ? -19.207 26.200  14.994  1.00 38.34 ? 5   PHE A CG   1 
ATOM   33   C  CD1  . PHE A 1 5   ? -18.444 27.243  14.470  1.00 39.24 ? 5   PHE A CD1  1 
ATOM   34   C  CD2  . PHE A 1 5   ? -20.524 26.388  15.381  1.00 38.17 ? 5   PHE A CD2  1 
ATOM   35   C  CE1  . PHE A 1 5   ? -19.017 28.503  14.318  1.00 40.03 ? 5   PHE A CE1  1 
ATOM   36   C  CE2  . PHE A 1 5   ? -21.107 27.645  15.224  1.00 39.29 ? 5   PHE A CE2  1 
ATOM   37   C  CZ   . PHE A 1 5   ? -20.351 28.705  14.690  1.00 39.72 ? 5   PHE A CZ   1 
ATOM   38   N  N    . LEU A 1 6   ? -18.313 24.500  11.481  1.00 34.28 ? 6   LEU A N    1 
ATOM   39   C  CA   . LEU A 1 6   ? -17.728 25.126  10.288  1.00 33.79 ? 6   LEU A CA   1 
ATOM   40   C  C    . LEU A 1 6   ? -16.324 24.643  9.909   1.00 32.63 ? 6   LEU A C    1 
ATOM   41   O  O    . LEU A 1 6   ? -15.538 25.475  9.405   1.00 32.10 ? 6   LEU A O    1 
ATOM   42   C  CB   . LEU A 1 6   ? -17.625 26.659  10.518  1.00 33.17 ? 6   LEU A CB   1 
ATOM   43   C  CG   . LEU A 1 6   ? -18.824 27.591  10.167  1.00 35.14 ? 6   LEU A CG   1 
ATOM   44   C  CD1  . LEU A 1 6   ? -20.219 26.960  10.280  1.00 34.61 ? 6   LEU A CD1  1 
ATOM   45   C  CD2  . LEU A 1 6   ? -18.838 28.814  11.098  1.00 32.55 ? 6   LEU A CD2  1 
HETATM 46   N  N    . CGU A 1 7   ? -15.980 23.371  10.032  1.00 32.03 ? 7   CGU A N    1 
HETATM 47   C  CA   . CGU A 1 7   ? -14.634 22.929  9.626   1.00 31.89 ? 7   CGU A CA   1 
HETATM 48   C  C    . CGU A 1 7   ? -14.488 22.914  8.095   1.00 31.66 ? 7   CGU A C    1 
HETATM 49   O  O    . CGU A 1 7   ? -13.420 23.286  7.598   1.00 32.12 ? 7   CGU A O    1 
HETATM 50   C  CB   . CGU A 1 7   ? -14.177 21.676  10.305  1.00 31.48 ? 7   CGU A CB   1 
HETATM 51   C  CG   . CGU A 1 7   ? -14.961 20.484  10.797  1.00 31.77 ? 7   CGU A CG   1 
HETATM 52   C  CD1  . CGU A 1 7   ? -14.162 19.218  10.529  1.00 29.81 ? 7   CGU A CD1  1 
HETATM 53   C  CD2  . CGU A 1 7   ? -16.453 20.426  10.498  1.00 32.47 ? 7   CGU A CD2  1 
HETATM 54   O  OE11 . CGU A 1 7   ? -13.239 19.137  9.742   1.00 28.60 ? 7   CGU A OE11 1 
HETATM 55   O  OE12 . CGU A 1 7   ? -14.361 18.338  11.405  1.00 28.54 ? 7   CGU A OE12 1 
HETATM 56   O  OE21 . CGU A 1 7   ? -17.315 21.000  11.189  1.00 33.01 ? 7   CGU A OE21 1 
HETATM 57   O  OE22 . CGU A 1 7   ? -16.851 19.675  9.599   1.00 32.83 ? 7   CGU A OE22 1 
HETATM 58   N  N    . CGU A 1 8   ? -15.489 22.548  7.366   1.00 31.96 ? 8   CGU A N    1 
HETATM 59   C  CA   . CGU A 1 8   ? -15.562 22.443  5.911   1.00 31.64 ? 8   CGU A CA   1 
HETATM 60   C  C    . CGU A 1 8   ? -15.595 23.727  5.090   1.00 32.84 ? 8   CGU A C    1 
HETATM 61   O  O    . CGU A 1 8   ? -15.695 23.688  3.829   1.00 34.18 ? 8   CGU A O    1 
HETATM 62   C  CB   . CGU A 1 8   ? -16.758 21.505  5.619   1.00 29.78 ? 8   CGU A CB   1 
HETATM 63   C  CG   . CGU A 1 8   ? -16.449 20.082  5.200   1.00 26.79 ? 8   CGU A CG   1 
HETATM 64   C  CD1  . CGU A 1 8   ? -17.428 19.041  5.686   1.00 27.86 ? 8   CGU A CD1  1 
HETATM 65   C  CD2  . CGU A 1 8   ? -15.022 19.676  5.543   1.00 27.51 ? 8   CGU A CD2  1 
HETATM 66   O  OE11 . CGU A 1 8   ? -18.487 19.026  6.312   1.00 26.72 ? 8   CGU A OE11 1 
HETATM 67   O  OE12 . CGU A 1 8   ? -17.049 17.906  5.269   1.00 27.28 ? 8   CGU A OE12 1 
HETATM 68   O  OE21 . CGU A 1 8   ? -14.569 19.377  6.647   1.00 25.62 ? 8   CGU A OE21 1 
HETATM 69   O  OE22 . CGU A 1 8   ? -14.312 19.518  4.494   1.00 27.24 ? 8   CGU A OE22 1 
ATOM   70   N  N    . VAL A 1 9   ? -15.423 24.843  5.744   1.00 32.65 ? 9   VAL A N    1 
ATOM   71   C  CA   . VAL A 1 9   ? -15.388 26.216  5.212   1.00 32.11 ? 9   VAL A CA   1 
ATOM   72   C  C    . VAL A 1 9   ? -13.892 26.565  5.105   1.00 31.84 ? 9   VAL A C    1 
ATOM   73   O  O    . VAL A 1 9   ? -13.538 27.693  4.743   1.00 30.92 ? 9   VAL A O    1 
ATOM   74   C  CB   . VAL A 1 9   ? -16.135 27.169  6.177   1.00 31.64 ? 9   VAL A CB   1 
ATOM   75   C  CG1  . VAL A 1 9   ? -15.664 28.617  6.078   1.00 29.98 ? 9   VAL A CG1  1 
ATOM   76   C  CG2  . VAL A 1 9   ? -17.661 27.096  6.077   1.00 31.71 ? 9   VAL A CG2  1 
ATOM   77   N  N    . ARG A 1 10  ? -13.123 25.573  5.583   1.00 30.78 ? 10  ARG A N    1 
ATOM   78   C  CA   . ARG A 1 10  ? -11.668 25.725  5.563   1.00 31.60 ? 10  ARG A CA   1 
ATOM   79   C  C    . ARG A 1 10  ? -10.953 24.743  4.655   1.00 31.58 ? 10  ARG A C    1 
ATOM   80   O  O    . ARG A 1 10  ? -11.446 23.717  4.174   1.00 33.18 ? 10  ARG A O    1 
ATOM   81   C  CB   . ARG A 1 10  ? -10.974 25.777  6.913   1.00 31.36 ? 10  ARG A CB   1 
ATOM   82   C  CG   . ARG A 1 10  ? -10.916 24.643  7.853   1.00 29.79 ? 10  ARG A CG   1 
ATOM   83   C  CD   . ARG A 1 10  ? -10.709 25.077  9.258   1.00 29.00 ? 10  ARG A CD   1 
ATOM   84   N  NE   . ARG A 1 10  ? -9.372  25.544  9.541   1.00 28.42 ? 10  ARG A NE   1 
ATOM   85   C  CZ   . ARG A 1 10  ? -8.633  25.233  10.609  1.00 28.98 ? 10  ARG A CZ   1 
ATOM   86   N  NH1  . ARG A 1 10  ? -8.969  24.281  11.504  1.00 29.05 ? 10  ARG A NH1  1 
ATOM   87   N  NH2  . ARG A 1 10  ? -7.436  25.803  10.821  1.00 30.27 ? 10  ARG A NH2  1 
ATOM   88   N  N    . LYS A 1 11  ? -9.698  25.116  4.440   1.00 31.87 ? 11  LYS A N    1 
ATOM   89   C  CA   . LYS A 1 11  ? -8.806  24.356  3.538   1.00 30.35 ? 11  LYS A CA   1 
ATOM   90   C  C    . LYS A 1 11  ? -8.549  23.032  4.267   1.00 30.30 ? 11  LYS A C    1 
ATOM   91   O  O    . LYS A 1 11  ? -8.051  23.079  5.428   1.00 30.51 ? 11  LYS A O    1 
ATOM   92   C  CB   . LYS A 1 11  ? -7.499  25.075  3.196   1.00 29.88 ? 11  LYS A CB   1 
ATOM   93   C  CG   . LYS A 1 11  ? -6.854  24.561  1.907   0.01 28.00 ? 11  LYS A CG   1 
ATOM   94   C  CD   . LYS A 1 11  ? -5.488  25.194  1.629   0.01 28.00 ? 11  LYS A CD   1 
ATOM   95   C  CE   . LYS A 1 11  ? -4.843  24.680  0.340   0.01 28.00 ? 11  LYS A CE   1 
ATOM   96   N  NZ   . LYS A 1 11  ? -3.532  25.287  0.072   0.01 28.00 ? 11  LYS A NZ   1 
ATOM   97   N  N    . GLY A 1 12  ? -8.861  21.977  3.506   1.00 27.85 ? 12  GLY A N    1 
ATOM   98   C  CA   . GLY A 1 12  ? -8.692  20.612  3.980   1.00 25.12 ? 12  GLY A CA   1 
ATOM   99   C  C    . GLY A 1 12  ? -7.187  20.463  4.245   1.00 23.14 ? 12  GLY A C    1 
ATOM   100  O  O    . GLY A 1 12  ? -6.543  21.258  3.537   1.00 23.80 ? 12  GLY A O    1 
ATOM   101  N  N    . ASN A 1 13  ? -6.805  19.541  5.110   1.00 20.56 ? 13  ASN A N    1 
ATOM   102  C  CA   . ASN A 1 13  ? -5.398  19.411  5.482   1.00 19.47 ? 13  ASN A CA   1 
ATOM   103  C  C    . ASN A 1 13  ? -5.133  17.953  5.806   1.00 19.01 ? 13  ASN A C    1 
ATOM   104  O  O    . ASN A 1 13  ? -5.966  17.585  6.653   1.00 17.57 ? 13  ASN A O    1 
ATOM   105  C  CB   . ASN A 1 13  ? -5.152  20.131  6.823   1.00 19.14 ? 13  ASN A CB   1 
ATOM   106  C  CG   . ASN A 1 13  ? -3.774  20.294  7.339   1.00 17.71 ? 13  ASN A CG   1 
ATOM   107  O  OD1  . ASN A 1 13  ? -3.203  19.642  8.219   1.00 16.19 ? 13  ASN A OD1  1 
ATOM   108  N  ND2  . ASN A 1 13  ? -3.116  21.370  6.825   1.00 18.65 ? 13  ASN A ND2  1 
ATOM   109  N  N    . LEU A 1 14  ? -3.953  17.438  5.457   1.00 19.00 ? 14  LEU A N    1 
ATOM   110  C  CA   . LEU A 1 14  ? -3.785  15.992  5.804   1.00 19.25 ? 14  LEU A CA   1 
ATOM   111  C  C    . LEU A 1 14  ? -3.509  15.654  7.254   1.00 17.94 ? 14  LEU A C    1 
ATOM   112  O  O    . LEU A 1 14  ? -4.087  14.650  7.769   1.00 15.75 ? 14  LEU A O    1 
ATOM   113  C  CB   . LEU A 1 14  ? -2.916  15.412  4.637   1.00 17.91 ? 14  LEU A CB   1 
ATOM   114  C  CG   . LEU A 1 14  ? -3.265  13.955  4.321   1.00 16.88 ? 14  LEU A CG   1 
ATOM   115  C  CD1  . LEU A 1 14  ? -4.694  13.843  3.758   1.00 17.56 ? 14  LEU A CD1  1 
ATOM   116  C  CD2  . LEU A 1 14  ? -2.363  13.271  3.288   1.00 17.59 ? 14  LEU A CD2  1 
HETATM 117  N  N    . CGU A 1 15  ? -2.649  16.329  7.961   1.00 18.69 ? 15  CGU A N    1 
HETATM 118  C  CA   . CGU A 1 15  ? -2.373  16.100  9.410   1.00 20.15 ? 15  CGU A CA   1 
HETATM 119  C  C    . CGU A 1 15  ? -3.660  16.250  10.245  1.00 19.98 ? 15  CGU A C    1 
HETATM 120  O  O    . CGU A 1 15  ? -4.185  15.403  11.015  1.00 19.29 ? 15  CGU A O    1 
HETATM 121  C  CB   . CGU A 1 15  ? -1.302  17.089  9.856   1.00 23.03 ? 15  CGU A CB   1 
HETATM 122  C  CG   . CGU A 1 15  ? 0.141   16.792  10.142  1.00 28.59 ? 15  CGU A CG   1 
HETATM 123  C  CD1  . CGU A 1 15  ? 1.070   16.570  8.932   1.00 31.78 ? 15  CGU A CD1  1 
HETATM 124  C  CD2  . CGU A 1 15  ? 0.170   15.570  11.070  1.00 28.09 ? 15  CGU A CD2  1 
HETATM 125  O  OE11 . CGU A 1 15  ? 0.894   17.139  7.831   1.00 32.30 ? 15  CGU A OE11 1 
HETATM 126  O  OE12 . CGU A 1 15  ? 2.111   15.861  9.175   1.00 32.41 ? 15  CGU A OE12 1 
HETATM 127  O  OE21 . CGU A 1 15  ? 1.025   14.733  10.958  1.00 29.18 ? 15  CGU A OE21 1 
HETATM 128  O  OE22 . CGU A 1 15  ? -0.725  15.587  11.947  1.00 27.97 ? 15  CGU A OE22 1 
ATOM   129  N  N    . ARG A 1 16  ? -4.258  17.430  10.103  1.00 18.77 ? 16  ARG A N    1 
ATOM   130  C  CA   . ARG A 1 16  ? -5.461  17.690  10.880  1.00 20.14 ? 16  ARG A CA   1 
ATOM   131  C  C    . ARG A 1 16  ? -6.497  16.603  10.640  1.00 20.31 ? 16  ARG A C    1 
ATOM   132  O  O    . ARG A 1 16  ? -6.903  15.809  11.524  1.00 20.86 ? 16  ARG A O    1 
ATOM   133  C  CB   . ARG A 1 16  ? -5.995  19.097  10.604  1.00 20.27 ? 16  ARG A CB   1 
ATOM   134  C  CG   . ARG A 1 16  ? -7.153  19.578  11.467  1.00 21.17 ? 16  ARG A CG   1 
ATOM   135  C  CD   . ARG A 1 16  ? -8.108  20.387  10.678  1.00 21.46 ? 16  ARG A CD   1 
ATOM   136  N  NE   . ARG A 1 16  ? -7.584  21.223  9.606   1.00 21.07 ? 16  ARG A NE   1 
ATOM   137  C  CZ   . ARG A 1 16  ? -8.364  21.692  8.631   1.00 21.29 ? 16  ARG A CZ   1 
ATOM   138  N  NH1  . ARG A 1 16  ? -9.567  21.151  8.491   1.00 20.63 ? 16  ARG A NH1  1 
ATOM   139  N  NH2  . ARG A 1 16  ? -7.988  22.615  7.732   1.00 23.69 ? 16  ARG A NH2  1 
HETATM 140  N  N    . CGU A 1 17  ? -6.959  16.557  9.406   1.00 20.04 ? 17  CGU A N    1 
HETATM 141  C  CA   . CGU A 1 17  ? -8.106  15.755  8.967   1.00 19.83 ? 17  CGU A CA   1 
HETATM 142  C  C    . CGU A 1 17  ? -7.973  14.249  8.901   1.00 18.47 ? 17  CGU A C    1 
HETATM 143  O  O    . CGU A 1 17  ? -8.982  13.542  9.174   1.00 16.25 ? 17  CGU A O    1 
HETATM 144  C  CB   . CGU A 1 17  ? -8.480  16.492  7.681   1.00 24.72 ? 17  CGU A CB   1 
HETATM 145  C  CG   . CGU A 1 17  ? -9.829  17.022  7.338   1.00 27.46 ? 17  CGU A CG   1 
HETATM 146  C  CD1  . CGU A 1 17  ? -10.047 18.087  6.300   1.00 27.39 ? 17  CGU A CD1  1 
HETATM 147  C  CD2  . CGU A 1 17  ? -10.443 17.485  8.659   1.00 28.65 ? 17  CGU A CD2  1 
HETATM 148  O  OE11 . CGU A 1 17  ? -10.843 18.997  6.423   1.00 27.55 ? 17  CGU A OE11 1 
HETATM 149  O  OE12 . CGU A 1 17  ? -9.583  18.057  5.139   1.00 28.15 ? 17  CGU A OE12 1 
HETATM 150  O  OE21 . CGU A 1 17  ? -11.581 17.129  8.837   1.00 27.10 ? 17  CGU A OE21 1 
HETATM 151  O  OE22 . CGU A 1 17  ? -9.783  18.155  9.482   1.00 29.70 ? 17  CGU A OE22 1 
ATOM   152  N  N    . CYS A 1 18  ? -6.810  13.726  8.571   1.00 18.02 ? 18  CYS A N    1 
ATOM   153  C  CA   . CYS A 1 18  ? -6.664  12.272  8.440   1.00 18.48 ? 18  CYS A CA   1 
ATOM   154  C  C    . CYS A 1 18  ? -5.631  11.661  9.326   1.00 18.49 ? 18  CYS A C    1 
ATOM   155  O  O    . CYS A 1 18  ? -5.756  10.443  9.410   1.00 19.10 ? 18  CYS A O    1 
ATOM   156  C  CB   . CYS A 1 18  ? -6.239  11.844  6.997   1.00 18.64 ? 18  CYS A CB   1 
ATOM   157  S  SG   . CYS A 1 18  ? -7.398  12.198  5.665   1.00 20.73 ? 18  CYS A SG   1 
ATOM   158  N  N    . LEU A 1 19  ? -4.571  12.366  9.692   1.00 20.18 ? 19  LEU A N    1 
ATOM   159  C  CA   . LEU A 1 19  ? -3.508  11.740  10.473  1.00 20.98 ? 19  LEU A CA   1 
ATOM   160  C  C    . LEU A 1 19  ? -3.683  12.014  11.973  1.00 22.28 ? 19  LEU A C    1 
ATOM   161  O  O    . LEU A 1 19  ? -3.000  11.408  12.779  1.00 19.92 ? 19  LEU A O    1 
ATOM   162  C  CB   . LEU A 1 19  ? -2.124  12.178  9.972   1.00 20.81 ? 19  LEU A CB   1 
ATOM   163  C  CG   . LEU A 1 19  ? -1.636  11.668  8.634   1.00 18.39 ? 19  LEU A CG   1 
ATOM   164  C  CD1  . LEU A 1 19  ? -0.345  12.395  8.286   1.00 19.55 ? 19  LEU A CD1  1 
ATOM   165  C  CD2  . LEU A 1 19  ? -1.422  10.173  8.593   1.00 16.42 ? 19  LEU A CD2  1 
HETATM 166  N  N    . CGU A 1 20  ? -4.596  12.912  12.270  1.00 24.61 ? 20  CGU A N    1 
HETATM 167  C  CA   . CGU A 1 20  ? -4.881  13.357  13.655  1.00 25.44 ? 20  CGU A CA   1 
HETATM 168  C  C    . CGU A 1 20  ? -6.272  12.932  14.034  1.00 26.32 ? 20  CGU A C    1 
HETATM 169  O  O    . CGU A 1 20  ? -6.683  12.983  15.194  1.00 27.95 ? 20  CGU A O    1 
HETATM 170  C  CB   . CGU A 1 20  ? -4.802  14.863  13.541  1.00 25.73 ? 20  CGU A CB   1 
HETATM 171  C  CG   . CGU A 1 20  ? -4.404  15.731  14.688  1.00 26.25 ? 20  CGU A CG   1 
HETATM 172  C  CD1  . CGU A 1 20  ? -4.934  17.113  14.300  1.00 28.52 ? 20  CGU A CD1  1 
HETATM 173  C  CD2  . CGU A 1 20  ? -2.903  15.862  14.835  1.00 24.83 ? 20  CGU A CD2  1 
HETATM 174  O  OE11 . CGU A 1 20  ? -4.216  17.765  13.566  1.00 30.04 ? 20  CGU A OE11 1 
HETATM 175  O  OE12 . CGU A 1 20  ? -6.088  17.400  14.717  1.00 32.28 ? 20  CGU A OE12 1 
HETATM 176  O  OE21 . CGU A 1 20  ? -2.524  17.037  14.827  1.00 25.81 ? 20  CGU A OE21 1 
HETATM 177  O  OE22 . CGU A 1 20  ? -2.148  14.897  14.954  1.00 24.10 ? 20  CGU A OE22 1 
HETATM 178  N  N    . CGU A 1 21  ? -7.021  12.634  12.983  1.00 27.07 ? 21  CGU A N    1 
HETATM 179  C  CA   . CGU A 1 21  ? -8.410  12.186  13.136  1.00 27.28 ? 21  CGU A CA   1 
HETATM 180  C  C    . CGU A 1 21  ? -8.575  11.229  11.943  1.00 25.75 ? 21  CGU A C    1 
HETATM 181  O  O    . CGU A 1 21  ? -7.799  11.451  11.072  1.00 25.33 ? 21  CGU A O    1 
HETATM 182  C  CB   . CGU A 1 21  ? -9.440  13.305  13.113  1.00 28.27 ? 21  CGU A CB   1 
HETATM 183  C  CG   . CGU A 1 21  ? -9.229  14.489  14.029  1.00 31.62 ? 21  CGU A CG   1 
HETATM 184  C  CD1  . CGU A 1 21  ? -10.091 14.384  15.267  1.00 32.48 ? 21  CGU A CD1  1 
HETATM 185  C  CD2  . CGU A 1 21  ? -9.407  15.761  13.182  1.00 30.39 ? 21  CGU A CD2  1 
HETATM 186  O  OE11 . CGU A 1 21  ? -11.000 13.567  15.376  1.00 35.13 ? 21  CGU A OE11 1 
HETATM 187  O  OE12 . CGU A 1 21  ? -9.686  15.109  16.207  1.00 34.11 ? 21  CGU A OE12 1 
HETATM 188  O  OE21 . CGU A 1 21  ? -8.516  16.605  13.050  1.00 32.62 ? 21  CGU A OE21 1 
HETATM 189  O  OE22 . CGU A 1 21  ? -10.493 15.701  12.597  1.00 27.69 ? 21  CGU A OE22 1 
ATOM   190  N  N    . PRO A 1 22  ? -9.588  10.389  12.064  1.00 26.40 ? 22  PRO A N    1 
ATOM   191  C  CA   . PRO A 1 22  ? -9.925  9.410   11.016  1.00 24.94 ? 22  PRO A CA   1 
ATOM   192  C  C    . PRO A 1 22  ? -10.648 10.276  9.955   1.00 24.22 ? 22  PRO A C    1 
ATOM   193  O  O    . PRO A 1 22  ? -11.230 11.290  10.351  1.00 22.36 ? 22  PRO A O    1 
ATOM   194  C  CB   . PRO A 1 22  ? -10.912 8.481   11.647  1.00 24.08 ? 22  PRO A CB   1 
ATOM   195  C  CG   . PRO A 1 22  ? -11.245 9.017   12.973  1.00 25.06 ? 22  PRO A CG   1 
ATOM   196  C  CD   . PRO A 1 22  ? -10.438 10.270  13.279  1.00 24.98 ? 22  PRO A CD   1 
ATOM   197  N  N    . CYS A 1 23  ? -10.594 9.806   8.711   1.00 23.60 ? 23  CYS A N    1 
ATOM   198  C  CA   . CYS A 1 23  ? -11.211 10.564  7.605   1.00 21.98 ? 23  CYS A CA   1 
ATOM   199  C  C    . CYS A 1 23  ? -11.890 9.679   6.570   1.00 21.86 ? 23  CYS A C    1 
ATOM   200  O  O    . CYS A 1 23  ? -11.564 8.500   6.323   1.00 19.98 ? 23  CYS A O    1 
ATOM   201  C  CB   . CYS A 1 23  ? -10.065 11.382  7.048   1.00 21.52 ? 23  CYS A CB   1 
ATOM   202  S  SG   . CYS A 1 23  ? -8.926  10.877  5.800   1.00 21.49 ? 23  CYS A SG   1 
ATOM   203  N  N    . SER A 1 24  ? -12.771 10.375  5.819   1.00 22.11 ? 24  SER A N    1 
ATOM   204  C  CA   . SER A 1 24  ? -13.489 9.794   4.668   1.00 20.83 ? 24  SER A CA   1 
ATOM   205  C  C    . SER A 1 24  ? -12.504 9.959   3.495   1.00 21.92 ? 24  SER A C    1 
ATOM   206  O  O    . SER A 1 24  ? -11.457 10.600  3.683   1.00 22.83 ? 24  SER A O    1 
ATOM   207  C  CB   . SER A 1 24  ? -14.833 10.404  4.425   1.00 19.66 ? 24  SER A CB   1 
ATOM   208  O  OG   . SER A 1 24  ? -14.702 11.778  4.059   1.00 19.59 ? 24  SER A OG   1 
ATOM   209  N  N    . ARG A 1 25  ? -12.739 9.295   2.388   1.00 22.43 ? 25  ARG A N    1 
ATOM   210  C  CA   . ARG A 1 25  ? -11.926 9.331   1.198   1.00 22.35 ? 25  ARG A CA   1 
ATOM   211  C  C    . ARG A 1 25  ? -12.062 10.748  0.625   1.00 22.19 ? 25  ARG A C    1 
ATOM   212  O  O    . ARG A 1 25  ? -11.118 11.240  0.026   1.00 21.72 ? 25  ARG A O    1 
ATOM   213  C  CB   . ARG A 1 25  ? -12.384 8.403   0.074   1.00 22.92 ? 25  ARG A CB   1 
ATOM   214  C  CG   . ARG A 1 25  ? -11.306 7.671   -0.732  1.00 23.94 ? 25  ARG A CG   1 
ATOM   215  C  CD   . ARG A 1 25  ? -11.655 7.753   -2.193  1.00 25.18 ? 25  ARG A CD   1 
ATOM   216  N  NE   . ARG A 1 25  ? -10.634 7.218   -3.053  1.00 27.16 ? 25  ARG A NE   1 
ATOM   217  C  CZ   . ARG A 1 25  ? -10.147 7.566   -4.247  1.00 28.50 ? 25  ARG A CZ   1 
ATOM   218  N  NH1  . ARG A 1 25  ? -10.436 8.755   -4.793  1.00 28.45 ? 25  ARG A NH1  1 
ATOM   219  N  NH2  . ARG A 1 25  ? -9.214  6.818   -4.889  1.00 28.43 ? 25  ARG A NH2  1 
HETATM 220  N  N    . CGU A 1 26  ? -13.210 11.334  0.873   1.00 23.08 ? 26  CGU A N    1 
HETATM 221  C  CA   . CGU A 1 26  ? -13.494 12.711  0.361   1.00 23.40 ? 26  CGU A CA   1 
HETATM 222  C  C    . CGU A 1 26  ? -12.712 13.805  1.065   1.00 23.64 ? 26  CGU A C    1 
HETATM 223  O  O    . CGU A 1 26  ? -12.372 14.865  0.447   1.00 24.60 ? 26  CGU A O    1 
HETATM 224  C  CB   . CGU A 1 26  ? -14.981 12.852  0.398   1.00 24.23 ? 26  CGU A CB   1 
HETATM 225  C  CG   . CGU A 1 26  ? -15.630 13.492  -0.797  1.00 26.25 ? 26  CGU A CG   1 
HETATM 226  C  CD1  . CGU A 1 26  ? -14.708 14.207  -1.727  1.00 26.65 ? 26  CGU A CD1  1 
HETATM 227  C  CD2  . CGU A 1 26  ? -16.805 14.306  -0.250  1.00 25.93 ? 26  CGU A CD2  1 
HETATM 228  O  OE11 . CGU A 1 26  ? -13.850 13.786  -2.480  1.00 27.32 ? 26  CGU A OE11 1 
HETATM 229  O  OE12 . CGU A 1 26  ? -14.954 15.436  -1.862  1.00 26.02 ? 26  CGU A OE12 1 
HETATM 230  O  OE21 . CGU A 1 26  ? -16.806 15.510  -0.125  1.00 26.38 ? 26  CGU A OE21 1 
HETATM 231  O  OE22 . CGU A 1 26  ? -17.814 13.627  0.028   1.00 26.98 ? 26  CGU A OE22 1 
HETATM 232  N  N    . CGU A 1 27  ? -12.431 13.560  2.317   1.00 21.85 ? 27  CGU A N    1 
HETATM 233  C  CA   . CGU A 1 27  ? -11.625 14.436  3.173   1.00 20.34 ? 27  CGU A CA   1 
HETATM 234  C  C    . CGU A 1 27  ? -10.144 14.374  2.758   1.00 20.09 ? 27  CGU A C    1 
HETATM 235  O  O    . CGU A 1 27  ? -9.473  15.416  2.855   1.00 17.36 ? 27  CGU A O    1 
HETATM 236  C  CB   . CGU A 1 27  ? -11.865 13.950  4.619   1.00 21.39 ? 27  CGU A CB   1 
HETATM 237  C  CG   . CGU A 1 27  ? -13.236 14.151  5.238   1.00 21.91 ? 27  CGU A CG   1 
HETATM 238  C  CD1  . CGU A 1 27  ? -13.800 15.520  4.940   1.00 22.57 ? 27  CGU A CD1  1 
HETATM 239  C  CD2  . CGU A 1 27  ? -13.297 13.848  6.729   1.00 22.73 ? 27  CGU A CD2  1 
HETATM 240  O  OE11 . CGU A 1 27  ? -13.154 16.512  5.178   1.00 23.84 ? 27  CGU A OE11 1 
HETATM 241  O  OE12 . CGU A 1 27  ? -14.948 15.495  4.398   1.00 24.54 ? 27  CGU A OE12 1 
HETATM 242  O  OE21 . CGU A 1 27  ? -13.790 12.766  7.076   1.00 21.59 ? 27  CGU A OE21 1 
HETATM 243  O  OE22 . CGU A 1 27  ? -12.885 14.817  7.426   1.00 22.54 ? 27  CGU A OE22 1 
ATOM   244  N  N    . ALA A 1 28  ? -9.708  13.158  2.342   1.00 18.96 ? 28  ALA A N    1 
ATOM   245  C  CA   . ALA A 1 28  ? -8.301  12.973  1.986   1.00 19.17 ? 28  ALA A CA   1 
ATOM   246  C  C    . ALA A 1 28  ? -8.035  13.613  0.622   1.00 20.22 ? 28  ALA A C    1 
ATOM   247  O  O    . ALA A 1 28  ? -7.060  14.379  0.468   1.00 20.57 ? 28  ALA A O    1 
ATOM   248  C  CB   . ALA A 1 28  ? -7.876  11.535  1.961   1.00 18.92 ? 28  ALA A CB   1 
ATOM   249  N  N    . PHE A 1 29  ? -8.994  13.347  -0.217  1.00 21.12 ? 29  PHE A N    1 
ATOM   250  C  CA   . PHE A 1 29  ? -9.112  13.843  -1.578  1.00 23.20 ? 29  PHE A CA   1 
ATOM   251  C  C    . PHE A 1 29  ? -9.055  15.369  -1.497  1.00 22.95 ? 29  PHE A C    1 
ATOM   252  O  O    . PHE A 1 29  ? -8.089  15.878  -2.089  1.00 24.01 ? 29  PHE A O    1 
ATOM   253  C  CB   . PHE A 1 29  ? -10.359 13.386  -2.319  1.00 25.30 ? 29  PHE A CB   1 
ATOM   254  C  CG   . PHE A 1 29  ? -10.500 14.068  -3.648  1.00 27.09 ? 29  PHE A CG   1 
ATOM   255  C  CD1  . PHE A 1 29  ? -9.800  13.615  -4.769  1.00 29.03 ? 29  PHE A CD1  1 
ATOM   256  C  CD2  . PHE A 1 29  ? -11.406 15.128  -3.754  1.00 28.15 ? 29  PHE A CD2  1 
ATOM   257  C  CE1  . PHE A 1 29  ? -9.930  14.306  -5.993  1.00 28.10 ? 29  PHE A CE1  1 
ATOM   258  C  CE2  . PHE A 1 29  ? -11.579 15.830  -4.931  1.00 27.74 ? 29  PHE A CE2  1 
ATOM   259  C  CZ   . PHE A 1 29  ? -10.849 15.373  -6.064  1.00 29.63 ? 29  PHE A CZ   1 
HETATM 260  N  N    . CGU A 1 30  ? -10.040 15.896  -0.785  1.00 22.75 ? 30  CGU A N    1 
HETATM 261  C  CA   . CGU A 1 30  ? -10.120 17.332  -0.539  1.00 24.06 ? 30  CGU A CA   1 
HETATM 262  C  C    . CGU A 1 30  ? -8.805  17.896  -0.016  1.00 23.52 ? 30  CGU A C    1 
HETATM 263  O  O    . CGU A 1 30  ? -8.551  19.040  -0.363  1.00 26.38 ? 30  CGU A O    1 
HETATM 264  C  CB   . CGU A 1 30  ? -11.216 17.745  0.429   1.00 22.42 ? 30  CGU A CB   1 
HETATM 265  C  CG   . CGU A 1 30  ? -12.608 17.700  -0.029  1.00 22.14 ? 30  CGU A CG   1 
HETATM 266  C  CD1  . CGU A 1 30  ? -13.015 18.809  -0.979  1.00 24.77 ? 30  CGU A CD1  1 
HETATM 267  C  CD2  . CGU A 1 30  ? -13.634 17.684  1.080   1.00 23.13 ? 30  CGU A CD2  1 
HETATM 268  O  OE11 . CGU A 1 30  ? -14.003 18.583  -1.661  1.00 24.96 ? 30  CGU A OE11 1 
HETATM 269  O  OE12 . CGU A 1 30  ? -12.404 19.868  -1.156  1.00 22.74 ? 30  CGU A OE12 1 
HETATM 270  O  OE21 . CGU A 1 30  ? -14.795 17.708  0.679   1.00 24.96 ? 30  CGU A OE21 1 
HETATM 271  O  OE22 . CGU A 1 30  ? -13.280 17.609  2.269   1.00 25.08 ? 30  CGU A OE22 1 
ATOM   272  N  N    . ALA A 1 31  ? -7.954  17.203  0.632   1.00 24.08 ? 31  ALA A N    1 
ATOM   273  C  CA   . ALA A 1 31  ? -6.690  17.678  1.166   1.00 25.68 ? 31  ALA A CA   1 
ATOM   274  C  C    . ALA A 1 31  ? -5.479  17.380  0.310   1.00 27.07 ? 31  ALA A C    1 
ATOM   275  O  O    . ALA A 1 31  ? -4.349  17.790  0.683   1.00 27.19 ? 31  ALA A O    1 
ATOM   276  C  CB   . ALA A 1 31  ? -6.571  16.955  2.547   1.00 27.79 ? 31  ALA A CB   1 
ATOM   277  N  N    . LEU A 1 32  ? -5.674  16.751  -0.846  1.00 27.87 ? 32  LEU A N    1 
ATOM   278  C  CA   . LEU A 1 32  ? -4.635  16.254  -1.739  1.00 27.96 ? 32  LEU A CA   1 
ATOM   279  C  C    . LEU A 1 32  ? -4.611  16.818  -3.158  1.00 29.26 ? 32  LEU A C    1 
ATOM   280  O  O    . LEU A 1 32  ? -3.559  17.182  -3.713  1.00 28.99 ? 32  LEU A O    1 
ATOM   281  C  CB   . LEU A 1 32  ? -4.887  14.701  -1.767  1.00 26.20 ? 32  LEU A CB   1 
ATOM   282  C  CG   . LEU A 1 32  ? -3.799  13.955  -0.978  1.00 25.55 ? 32  LEU A CG   1 
ATOM   283  C  CD1  . LEU A 1 32  ? -2.891  14.930  -0.245  1.00 23.53 ? 32  LEU A CD1  1 
ATOM   284  C  CD2  . LEU A 1 32  ? -4.498  13.038  0.006   1.00 24.51 ? 32  LEU A CD2  1 
HETATM 285  N  N    . CGU A 1 33  ? -5.792  16.909  -3.726  1.00 29.77 ? 33  CGU A N    1 
HETATM 286  C  CA   . CGU A 1 33  ? -5.894  17.437  -5.110  1.00 31.59 ? 33  CGU A CA   1 
HETATM 287  C  C    . CGU A 1 33  ? -5.761  16.122  -5.896  1.00 31.90 ? 33  CGU A C    1 
HETATM 288  O  O    . CGU A 1 33  ? -6.679  15.285  -5.746  1.00 32.92 ? 33  CGU A O    1 
HETATM 289  C  CB   . CGU A 1 33  ? -4.811  18.502  -5.291  0.01 28.00 ? 33  CGU A CB   1 
HETATM 290  C  CG   . CGU A 1 33  ? -4.793  19.142  -6.681  0.01 28.00 ? 33  CGU A CG   1 
HETATM 291  C  CD1  . CGU A 1 33  ? -6.171  19.689  -7.019  0.01 28.00 ? 33  CGU A CD1  1 
HETATM 292  C  CD2  . CGU A 1 33  ? -3.701  20.191  -6.811  0.01 28.00 ? 33  CGU A CD2  1 
HETATM 293  O  OE11 . CGU A 1 33  ? -7.113  19.584  -6.220  0.01 28.00 ? 33  CGU A OE11 1 
HETATM 294  O  OE12 . CGU A 1 33  ? -6.243  20.243  -8.171  0.01 28.00 ? 33  CGU A OE12 1 
HETATM 295  O  OE21 . CGU A 1 33  ? -3.686  20.751  -8.028  0.01 28.00 ? 33  CGU A OE21 1 
HETATM 296  O  OE22 . CGU A 1 33  ? -2.940  20.495  -5.948  0.01 28.00 ? 33  CGU A OE22 1 
ATOM   297  N  N    . SER A 1 34  ? -4.594  15.953  -6.485  1.00 32.03 ? 34  SER A N    1 
ATOM   298  C  CA   . SER A 1 34  ? -4.313  14.765  -7.303  1.00 31.57 ? 34  SER A CA   1 
ATOM   299  C  C    . SER A 1 34  ? -5.122  13.601  -6.718  1.00 31.97 ? 34  SER A C    1 
ATOM   300  O  O    . SER A 1 34  ? -5.124  13.414  -5.488  1.00 31.38 ? 34  SER A O    1 
ATOM   301  C  CB   . SER A 1 34  ? -2.892  14.411  -7.555  1.00 31.35 ? 34  SER A CB   1 
ATOM   302  O  OG   . SER A 1 34  ? -2.175  13.571  -6.697  1.00 33.06 ? 34  SER A OG   1 
ATOM   303  N  N    . LEU A 1 35  ? -5.861  13.023  -7.657  1.00 31.63 ? 35  LEU A N    1 
ATOM   304  C  CA   . LEU A 1 35  ? -6.697  11.866  -7.376  1.00 31.21 ? 35  LEU A CA   1 
ATOM   305  C  C    . LEU A 1 35  ? -5.712  10.686  -7.204  1.00 30.82 ? 35  LEU A C    1 
ATOM   306  O  O    . LEU A 1 35  ? -5.847  9.663   -6.512  1.00 30.13 ? 35  LEU A O    1 
ATOM   307  C  CB   . LEU A 1 35  ? -7.616  11.651  -8.589  1.00 33.74 ? 35  LEU A CB   1 
ATOM   308  C  CG   . LEU A 1 35  ? -7.796  10.132  -8.762  1.00 34.66 ? 35  LEU A CG   1 
ATOM   309  C  CD1  . LEU A 1 35  ? -8.990  9.739   -7.902  1.00 35.20 ? 35  LEU A CD1  1 
ATOM   310  C  CD2  . LEU A 1 35  ? -7.895  9.792   -10.228 1.00 36.03 ? 35  LEU A CD2  1 
ATOM   311  N  N    . SER A 1 36  ? -4.654  10.907  -7.968  1.00 29.89 ? 36  SER A N    1 
ATOM   312  C  CA   . SER A 1 36  ? -3.549  9.969   -8.041  1.00 29.31 ? 36  SER A CA   1 
ATOM   313  C  C    . SER A 1 36  ? -2.811  9.803   -6.716  1.00 28.50 ? 36  SER A C    1 
ATOM   314  O  O    . SER A 1 36  ? -2.237  8.712   -6.488  1.00 29.61 ? 36  SER A O    1 
ATOM   315  C  CB   . SER A 1 36  ? -2.562  10.441  -9.101  1.00 30.88 ? 36  SER A CB   1 
ATOM   316  O  OG   . SER A 1 36  ? -1.323  9.826   -8.637  1.00 34.72 ? 36  SER A OG   1 
ATOM   317  N  N    . ALA A 1 37  ? -2.635  10.850  -5.963  1.00 25.75 ? 37  ALA A N    1 
ATOM   318  C  CA   . ALA A 1 37  ? -1.954  10.813  -4.649  1.00 23.53 ? 37  ALA A CA   1 
ATOM   319  C  C    . ALA A 1 37  ? -2.933  10.338  -3.564  1.00 21.44 ? 37  ALA A C    1 
ATOM   320  O  O    . ALA A 1 37  ? -2.455  9.874   -2.541  1.00 19.77 ? 37  ALA A O    1 
ATOM   321  C  CB   . ALA A 1 37  ? -1.355  12.184  -4.294  1.00 22.40 ? 37  ALA A CB   1 
ATOM   322  N  N    . THR A 1 38  ? -4.204  10.364  -3.811  1.00 20.44 ? 38  THR A N    1 
ATOM   323  C  CA   . THR A 1 38  ? -5.401  10.000  -3.043  1.00 19.07 ? 38  THR A CA   1 
ATOM   324  C  C    . THR A 1 38  ? -5.592  8.489   -3.152  1.00 17.39 ? 38  THR A C    1 
ATOM   325  O  O    . THR A 1 38  ? -5.861  7.863   -2.126  1.00 18.09 ? 38  THR A O    1 
ATOM   326  C  CB   . THR A 1 38  ? -6.730  10.743  -3.510  1.00 18.85 ? 38  THR A CB   1 
ATOM   327  O  OG1  . THR A 1 38  ? -6.530  12.180  -3.559  1.00 19.76 ? 38  THR A OG1  1 
ATOM   328  C  CG2  . THR A 1 38  ? -8.038  10.463  -2.759  1.00 17.31 ? 38  THR A CG2  1 
ATOM   329  N  N    . ASP A 1 39  ? -5.439  7.970   -4.361  1.00 16.97 ? 39  ASP A N    1 
ATOM   330  C  CA   . ASP A 1 39  ? -5.439  6.542   -4.644  1.00 17.79 ? 39  ASP A CA   1 
ATOM   331  C  C    . ASP A 1 39  ? -4.219  6.002   -3.844  1.00 17.91 ? 39  ASP A C    1 
ATOM   332  O  O    . ASP A 1 39  ? -4.455  4.991   -3.173  1.00 18.00 ? 39  ASP A O    1 
ATOM   333  C  CB   . ASP A 1 39  ? -5.317  6.083   -6.113  1.00 20.58 ? 39  ASP A CB   1 
ATOM   334  C  CG   . ASP A 1 39  ? -6.498  6.576   -6.960  1.00 24.90 ? 39  ASP A CG   1 
ATOM   335  O  OD1  . ASP A 1 39  ? -7.614  6.694   -6.347  1.00 25.47 ? 39  ASP A OD1  1 
ATOM   336  O  OD2  . ASP A 1 39  ? -6.302  6.884   -8.154  1.00 23.20 ? 39  ASP A OD2  1 
ATOM   337  N  N    . ALA A 1 40  ? -3.050  6.575   -4.053  1.00 15.54 ? 40  ALA A N    1 
ATOM   338  C  CA   . ALA A 1 40  ? -1.818  6.177   -3.391  1.00 16.74 ? 40  ALA A CA   1 
ATOM   339  C  C    . ALA A 1 40  ? -1.972  6.191   -1.848  1.00 19.21 ? 40  ALA A C    1 
ATOM   340  O  O    . ALA A 1 40  ? -1.639  5.163   -1.218  1.00 21.26 ? 40  ALA A O    1 
ATOM   341  C  CB   . ALA A 1 40  ? -0.608  6.965   -3.800  1.00 9.20  ? 40  ALA A CB   1 
ATOM   342  N  N    . PHE A 1 41  ? -2.468  7.272   -1.293  1.00 19.70 ? 41  PHE A N    1 
ATOM   343  C  CA   . PHE A 1 41  ? -2.780  7.571   0.072   1.00 19.37 ? 41  PHE A CA   1 
ATOM   344  C  C    . PHE A 1 41  ? -3.887  6.578   0.556   1.00 20.08 ? 41  PHE A C    1 
ATOM   345  O  O    . PHE A 1 41  ? -3.614  5.659   1.350   1.00 19.35 ? 41  PHE A O    1 
ATOM   346  C  CB   . PHE A 1 41  ? -3.233  9.015   0.358   1.00 16.75 ? 41  PHE A CB   1 
ATOM   347  C  CG   . PHE A 1 41  ? -3.511  9.315   1.822   1.00 16.64 ? 41  PHE A CG   1 
ATOM   348  C  CD1  . PHE A 1 41  ? -2.457  9.383   2.736   1.00 14.75 ? 41  PHE A CD1  1 
ATOM   349  C  CD2  . PHE A 1 41  ? -4.838  9.461   2.263   1.00 15.41 ? 41  PHE A CD2  1 
ATOM   350  C  CE1  . PHE A 1 41  ? -2.702  9.466   4.089   1.00 16.68 ? 41  PHE A CE1  1 
ATOM   351  C  CE2  . PHE A 1 41  ? -5.067  9.642   3.637   1.00 16.55 ? 41  PHE A CE2  1 
ATOM   352  C  CZ   . PHE A 1 41  ? -4.001  9.646   4.558   1.00 15.89 ? 41  PHE A CZ   1 
ATOM   353  N  N    . TRP A 1 42  ? -5.090  6.842   0.055   1.00 19.31 ? 42  TRP A N    1 
ATOM   354  C  CA   . TRP A 1 42  ? -6.153  5.955   0.526   1.00 19.98 ? 42  TRP A CA   1 
ATOM   355  C  C    . TRP A 1 42  ? -5.784  4.507   0.704   1.00 21.29 ? 42  TRP A C    1 
ATOM   356  O  O    . TRP A 1 42  ? -6.443  3.751   1.426   1.00 23.47 ? 42  TRP A O    1 
ATOM   357  C  CB   . TRP A 1 42  ? -7.338  6.066   -0.404  1.00 20.02 ? 42  TRP A CB   1 
ATOM   358  C  CG   . TRP A 1 42  ? -8.478  5.510   0.380   1.00 22.17 ? 42  TRP A CG   1 
ATOM   359  C  CD1  . TRP A 1 42  ? -9.201  4.400   0.110   1.00 22.51 ? 42  TRP A CD1  1 
ATOM   360  C  CD2  . TRP A 1 42  ? -8.971  6.048   1.631   1.00 23.53 ? 42  TRP A CD2  1 
ATOM   361  N  NE1  . TRP A 1 42  ? -10.177 4.252   1.091   1.00 23.54 ? 42  TRP A NE1  1 
ATOM   362  C  CE2  . TRP A 1 42  ? -10.055 5.239   2.023   1.00 22.49 ? 42  TRP A CE2  1 
ATOM   363  C  CE3  . TRP A 1 42  ? -8.624  7.128   2.433   1.00 23.89 ? 42  TRP A CE3  1 
ATOM   364  C  CZ2  . TRP A 1 42  ? -10.817 5.521   3.142   1.00 23.67 ? 42  TRP A CZ2  1 
ATOM   365  C  CZ3  . TRP A 1 42  ? -9.336  7.333   3.597   1.00 23.17 ? 42  TRP A CZ3  1 
ATOM   366  C  CH2  . TRP A 1 42  ? -10.436 6.578   3.949   1.00 23.06 ? 42  TRP A CH2  1 
ATOM   367  N  N    . ALA A 1 43  ? -4.912  3.961   -0.082  1.00 22.46 ? 43  ALA A N    1 
ATOM   368  C  CA   . ALA A 1 43  ? -4.395  2.602   -0.163  1.00 22.30 ? 43  ALA A CA   1 
ATOM   369  C  C    . ALA A 1 43  ? -3.466  2.358   1.006   1.00 22.94 ? 43  ALA A C    1 
ATOM   370  O  O    . ALA A 1 43  ? -3.615  1.388   1.775   1.00 22.64 ? 43  ALA A O    1 
ATOM   371  C  CB   . ALA A 1 43  ? -3.649  2.470   -1.470  1.00 19.54 ? 43  ALA A CB   1 
ATOM   372  N  N    . LYS A 1 44  ? -2.494  3.240   1.171   1.00 23.37 ? 44  LYS A N    1 
ATOM   373  C  CA   . LYS A 1 44  ? -1.572  3.009   2.261   1.00 24.47 ? 44  LYS A CA   1 
ATOM   374  C  C    . LYS A 1 44  ? -2.182  3.495   3.575   1.00 25.64 ? 44  LYS A C    1 
ATOM   375  O  O    . LYS A 1 44  ? -1.569  3.352   4.633   1.00 26.67 ? 44  LYS A O    1 
ATOM   376  C  CB   . LYS A 1 44  ? -0.126  3.549   1.999   1.00 23.45 ? 44  LYS A CB   1 
ATOM   377  C  CG   . LYS A 1 44  ? 0.136   5.013   1.672   1.00 24.18 ? 44  LYS A CG   1 
ATOM   378  C  CD   . LYS A 1 44  ? 1.588   5.393   2.070   1.00 20.96 ? 44  LYS A CD   1 
ATOM   379  C  CE   . LYS A 1 44  ? 2.691   4.761   1.197   1.00 21.09 ? 44  LYS A CE   1 
ATOM   380  N  NZ   . LYS A 1 44  ? 4.029   4.936   1.802   1.00 19.88 ? 44  LYS A NZ   1 
ATOM   381  N  N    . TYR A 1 45  ? -3.405  4.014   3.501   1.00 24.50 ? 45  TYR A N    1 
ATOM   382  C  CA   . TYR A 1 45  ? -4.095  4.490   4.713   1.00 24.77 ? 45  TYR A CA   1 
ATOM   383  C  C    . TYR A 1 45  ? -5.026  3.416   5.250   1.00 25.00 ? 45  TYR A C    1 
ATOM   384  O  O    . TYR A 1 45  ? -5.002  3.185   6.469   1.00 25.42 ? 45  TYR A O    1 
ATOM   385  C  CB   . TYR A 1 45  ? -4.792  5.817   4.404   1.00 21.26 ? 45  TYR A CB   1 
ATOM   386  C  CG   . TYR A 1 45  ? -5.757  6.362   5.470   1.00 18.32 ? 45  TYR A CG   1 
ATOM   387  C  CD1  . TYR A 1 45  ? -5.302  7.126   6.576   1.00 20.92 ? 45  TYR A CD1  1 
ATOM   388  C  CD2  . TYR A 1 45  ? -7.107  6.111   5.323   1.00 17.95 ? 45  TYR A CD2  1 
ATOM   389  C  CE1  . TYR A 1 45  ? -6.239  7.656   7.496   1.00 20.59 ? 45  TYR A CE1  1 
ATOM   390  C  CE2  . TYR A 1 45  ? -8.032  6.642   6.223   1.00 20.62 ? 45  TYR A CE2  1 
ATOM   391  C  CZ   . TYR A 1 45  ? -7.607  7.412   7.297   1.00 20.61 ? 45  TYR A CZ   1 
ATOM   392  O  OH   . TYR A 1 45  ? -8.555  7.918   8.133   1.00 25.22 ? 45  TYR A OH   1 
ATOM   393  N  N    . THR A 1 46  ? -5.872  2.906   4.394   1.00 25.54 ? 46  THR A N    1 
ATOM   394  C  CA   . THR A 1 46  ? -6.815  1.854   4.756   1.00 26.13 ? 46  THR A CA   1 
ATOM   395  C  C    . THR A 1 46  ? -6.056  0.626   5.227   1.00 27.07 ? 46  THR A C    1 
ATOM   396  O  O    . THR A 1 46  ? -6.651  -0.176  5.961   1.00 29.12 ? 46  THR A O    1 
ATOM   397  C  CB   . THR A 1 46  ? -7.731  1.533   3.505   1.00 26.55 ? 46  THR A CB   1 
ATOM   398  O  OG1  . THR A 1 46  ? -6.796  1.286   2.401   1.00 26.16 ? 46  THR A OG1  1 
ATOM   399  C  CG2  . THR A 1 46  ? -8.678  2.647   3.105   1.00 25.78 ? 46  THR A CG2  1 
ATOM   400  N  N    . ALA A 1 47  ? -4.831  0.398   4.774   1.00 27.32 ? 47  ALA A N    1 
ATOM   401  C  CA   . ALA A 1 47  ? -4.023  -0.768  5.093   1.00 25.97 ? 47  ALA A CA   1 
ATOM   402  C  C    . ALA A 1 47  ? -3.344  -0.626  6.450   1.00 27.55 ? 47  ALA A C    1 
ATOM   403  O  O    . ALA A 1 47  ? -2.812  -1.603  7.003   1.00 26.71 ? 47  ALA A O    1 
ATOM   404  C  CB   . ALA A 1 47  ? -3.000  -1.096  4.024   1.00 23.82 ? 47  ALA A CB   1 
ATOM   405  N  N    . CYS A 1 48  ? -3.484  0.575   6.981   1.00 29.38 ? 48  CYS A N    1 
ATOM   406  C  CA   . CYS A 1 48  ? -2.857  0.971   8.250   1.00 30.81 ? 48  CYS A CA   1 
ATOM   407  C  C    . CYS A 1 48  ? -3.860  1.255   9.362   1.00 33.28 ? 48  CYS A C    1 
ATOM   408  O  O    . CYS A 1 48  ? -3.591  1.728   10.481  1.00 32.10 ? 48  CYS A O    1 
ATOM   409  C  CB   . CYS A 1 48  ? -1.926  2.136   7.906   1.00 28.06 ? 48  CYS A CB   1 
ATOM   410  S  SG   . CYS A 1 48  ? -0.273  1.813   7.314   1.00 23.20 ? 48  CYS A SG   1 
ATOM   411  N  N    . GLU A 1 49  ? -5.099  0.896   9.089   1.00 36.28 ? 49  GLU A N    1 
ATOM   412  C  CA   . GLU A 1 49  ? -6.235  1.066   9.980   1.00 39.63 ? 49  GLU A CA   1 
ATOM   413  C  C    . GLU A 1 49  ? -6.081  0.407   11.343  1.00 41.65 ? 49  GLU A C    1 
ATOM   414  O  O    . GLU A 1 49  ? -6.799  0.800   12.268  1.00 42.31 ? 49  GLU A O    1 
ATOM   415  C  CB   . GLU A 1 49  ? -7.477  0.395   9.388   1.00 42.07 ? 49  GLU A CB   1 
ATOM   416  C  CG   . GLU A 1 49  ? -8.658  0.174   10.344  1.00 44.11 ? 49  GLU A CG   1 
ATOM   417  C  CD   . GLU A 1 49  ? -9.965  0.280   9.605   1.00 45.54 ? 49  GLU A CD   1 
ATOM   418  O  OE1  . GLU A 1 49  ? -10.071 1.397   9.045   1.00 46.49 ? 49  GLU A OE1  1 
ATOM   419  O  OE2  . GLU A 1 49  ? -10.762 -0.643  9.544   1.00 47.67 ? 49  GLU A OE2  1 
ATOM   420  N  N    . SER A 1 50  ? -5.327  -0.683  11.401  1.00 42.71 ? 50  SER A N    1 
ATOM   421  C  CA   . SER A 1 50  ? -5.082  -1.417  12.631  1.00 42.52 ? 50  SER A CA   1 
ATOM   422  C  C    . SER A 1 50  ? -3.777  -0.953  13.263  1.00 42.46 ? 50  SER A C    1 
ATOM   423  O  O    . SER A 1 50  ? -3.155  -1.717  14.043  1.00 42.91 ? 50  SER A O    1 
ATOM   424  C  CB   . SER A 1 50  ? -4.988  -2.900  12.256  1.00 43.49 ? 50  SER A CB   1 
ATOM   425  O  OG   . SER A 1 50  ? -3.643  -3.238  11.866  1.00 43.62 ? 50  SER A OG   1 
ATOM   426  N  N    . ALA A 1 51  ? -3.271  0.205   12.883  1.00 42.17 ? 51  ALA A N    1 
ATOM   427  C  CA   . ALA A 1 51  ? -1.965  0.691   13.407  1.00 41.32 ? 51  ALA A CA   1 
ATOM   428  C  C    . ALA A 1 51  ? -2.035  2.181   13.688  1.00 40.78 ? 51  ALA A C    1 
ATOM   429  O  O    . ALA A 1 51  ? -1.023  2.906   13.613  1.00 40.78 ? 51  ALA A O    1 
ATOM   430  C  CB   . ALA A 1 51  ? -0.874  0.468   12.343  1.00 40.70 ? 51  ALA A CB   1 
ATOM   431  N  N    . ARG A 1 52  ? -3.272  2.618   13.856  1.00 41.02 ? 52  ARG A N    1 
ATOM   432  C  CA   . ARG A 1 52  ? -3.503  4.052   14.107  1.00 41.44 ? 52  ARG A CA   1 
ATOM   433  C  C    . ARG A 1 52  ? -2.776  4.545   15.350  1.00 40.29 ? 52  ARG A C    1 
ATOM   434  O  O    . ARG A 1 52  ? -2.117  5.596   15.279  1.00 39.76 ? 52  ARG A O    1 
ATOM   435  C  CB   . ARG A 1 52  ? -4.988  4.425   14.095  1.00 43.40 ? 52  ARG A CB   1 
ATOM   436  C  CG   . ARG A 1 52  ? -5.283  5.144   12.777  1.00 47.10 ? 52  ARG A CG   1 
ATOM   437  C  CD   . ARG A 1 52  ? -6.725  5.397   12.516  1.00 49.68 ? 52  ARG A CD   1 
ATOM   438  N  NE   . ARG A 1 52  ? -7.188  4.960   11.217  1.00 52.61 ? 52  ARG A NE   1 
ATOM   439  C  CZ   . ARG A 1 52  ? -6.594  4.852   10.024  1.00 54.20 ? 52  ARG A CZ   1 
ATOM   440  N  NH1  . ARG A 1 52  ? -5.317  5.165   9.772   1.00 53.78 ? 52  ARG A NH1  1 
ATOM   441  N  NH2  . ARG A 1 52  ? -7.282  4.262   9.012   1.00 55.65 ? 52  ARG A NH2  1 
ATOM   442  N  N    . ASN A 1 53  ? -2.829  3.780   16.426  1.00 39.51 ? 53  ASN A N    1 
ATOM   443  C  CA   . ASN A 1 53  ? -2.233  4.182   17.702  1.00 38.57 ? 53  ASN A CA   1 
ATOM   444  C  C    . ASN A 1 53  ? -1.302  3.136   18.308  1.00 38.37 ? 53  ASN A C    1 
ATOM   445  O  O    . ASN A 1 53  ? -1.620  1.930   18.304  1.00 38.28 ? 53  ASN A O    1 
ATOM   446  C  CB   . ASN A 1 53  ? -3.383  4.516   18.670  1.00 38.61 ? 53  ASN A CB   1 
ATOM   447  C  CG   . ASN A 1 53  ? -4.706  4.873   18.034  1.00 38.63 ? 53  ASN A CG   1 
ATOM   448  O  OD1  . ASN A 1 53  ? -5.390  4.015   17.453  1.00 38.63 ? 53  ASN A OD1  1 
ATOM   449  N  ND2  . ASN A 1 53  ? -5.113  6.134   18.174  1.00 38.64 ? 53  ASN A ND2  1 
ATOM   450  N  N    . PRO A 1 54  ? -0.164  3.556   18.832  1.00 37.62 ? 54  PRO A N    1 
ATOM   451  C  CA   . PRO A 1 54  ? 0.276   4.945   18.840  1.00 37.43 ? 54  PRO A CA   1 
ATOM   452  C  C    . PRO A 1 54  ? 0.377   5.433   17.386  1.00 36.85 ? 54  PRO A C    1 
ATOM   453  O  O    . PRO A 1 54  ? 0.186   4.719   16.384  1.00 36.06 ? 54  PRO A O    1 
ATOM   454  C  CB   . PRO A 1 54  ? 1.604   4.959   19.573  1.00 37.52 ? 54  PRO A CB   1 
ATOM   455  C  CG   . PRO A 1 54  ? 1.906   3.551   19.964  1.00 37.85 ? 54  PRO A CG   1 
ATOM   456  C  CD   . PRO A 1 54  ? 0.794   2.654   19.452  1.00 37.57 ? 54  PRO A CD   1 
ATOM   457  N  N    . ARG A 1 55  ? 0.729   6.700   17.343  1.00 36.12 ? 55  ARG A N    1 
ATOM   458  C  CA   . ARG A 1 55  ? 0.870   7.428   16.061  1.00 35.62 ? 55  ARG A CA   1 
ATOM   459  C  C    . ARG A 1 55  ? 2.287   7.342   15.514  1.00 34.58 ? 55  ARG A C    1 
ATOM   460  O  O    . ARG A 1 55  ? 2.435   7.779   14.367  1.00 34.85 ? 55  ARG A O    1 
ATOM   461  C  CB   . ARG A 1 55  ? 0.338   8.854   16.209  1.00 35.26 ? 55  ARG A CB   1 
ATOM   462  C  CG   . ARG A 1 55  ? 1.113   9.810   15.307  1.00 35.88 ? 55  ARG A CG   1 
ATOM   463  C  CD   . ARG A 1 55  ? 0.322   10.032  14.024  1.00 33.98 ? 55  ARG A CD   1 
ATOM   464  N  NE   . ARG A 1 55  ? 1.086   11.044  13.322  1.00 34.07 ? 55  ARG A NE   1 
ATOM   465  C  CZ   . ARG A 1 55  ? 0.629   12.190  12.802  1.00 33.62 ? 55  ARG A CZ   1 
ATOM   466  N  NH1  . ARG A 1 55  ? -0.674  12.436  12.840  1.00 32.56 ? 55  ARG A NH1  1 
ATOM   467  N  NH2  . ARG A 1 55  ? 1.483   13.013  12.182  1.00 33.07 ? 55  ARG A NH2  1 
ATOM   468  N  N    . GLU A 1 56  ? 3.226   6.788   16.234  1.00 33.89 ? 56  GLU A N    1 
ATOM   469  C  CA   . GLU A 1 56  ? 4.606   6.566   15.799  1.00 34.69 ? 56  GLU A CA   1 
ATOM   470  C  C    . GLU A 1 56  ? 4.575   5.170   15.104  1.00 34.96 ? 56  GLU A C    1 
ATOM   471  O  O    . GLU A 1 56  ? 5.438   4.726   14.347  1.00 32.56 ? 56  GLU A O    1 
ATOM   472  C  CB   . GLU A 1 56  ? 5.701   6.440   16.848  1.00 34.09 ? 56  GLU A CB   1 
ATOM   473  C  CG   . GLU A 1 56  ? 6.859   5.472   16.680  1.00 34.45 ? 56  GLU A CG   1 
ATOM   474  C  CD   . GLU A 1 56  ? 6.657   4.101   17.258  1.00 34.45 ? 56  GLU A CD   1 
ATOM   475  O  OE1  . GLU A 1 56  ? 5.948   3.865   18.222  1.00 34.53 ? 56  GLU A OE1  1 
ATOM   476  O  OE2  . GLU A 1 56  ? 7.304   3.226   16.645  1.00 34.51 ? 56  GLU A OE2  1 
ATOM   477  N  N    . LYS A 1 57  ? 3.476   4.530   15.513  1.00 35.67 ? 57  LYS A N    1 
ATOM   478  C  CA   . LYS A 1 57  ? 3.114   3.199   15.031  1.00 35.58 ? 57  LYS A CA   1 
ATOM   479  C  C    . LYS A 1 57  ? 2.329   3.494   13.743  1.00 34.83 ? 57  LYS A C    1 
ATOM   480  O  O    . LYS A 1 57  ? 2.260   2.629   12.851  1.00 35.98 ? 57  LYS A O    1 
ATOM   481  C  CB   . LYS A 1 57  ? 2.233   2.350   15.941  1.00 36.37 ? 57  LYS A CB   1 
ATOM   482  C  CG   . LYS A 1 57  ? 1.882   1.069   15.176  1.00 38.53 ? 57  LYS A CG   1 
ATOM   483  C  CD   . LYS A 1 57  ? 1.385   -0.105  15.974  1.00 40.97 ? 57  LYS A CD   1 
ATOM   484  C  CE   . LYS A 1 57  ? 0.031   0.085   16.635  1.00 42.01 ? 57  LYS A CE   1 
ATOM   485  N  NZ   . LYS A 1 57  ? -0.263  -1.125  17.507  1.00 42.88 ? 57  LYS A NZ   1 
ATOM   486  N  N    . LEU A 1 58  ? 1.736   4.677   13.698  1.00 34.34 ? 58  LEU A N    1 
ATOM   487  C  CA   . LEU A 1 58  ? 1.006   4.999   12.451  1.00 34.03 ? 58  LEU A CA   1 
ATOM   488  C  C    . LEU A 1 58  ? 2.108   5.450   11.476  1.00 33.78 ? 58  LEU A C    1 
ATOM   489  O  O    . LEU A 1 58  ? 2.175   4.935   10.360  1.00 33.78 ? 58  LEU A O    1 
ATOM   490  C  CB   . LEU A 1 58  ? -0.196  5.895   12.574  1.00 34.27 ? 58  LEU A CB   1 
ATOM   491  C  CG   . LEU A 1 58  ? -0.927  6.245   11.266  1.00 34.86 ? 58  LEU A CG   1 
ATOM   492  C  CD1  . LEU A 1 58  ? -1.648  5.002   10.720  1.00 34.66 ? 58  LEU A CD1  1 
ATOM   493  C  CD2  . LEU A 1 58  ? -1.908  7.381   11.543  1.00 33.77 ? 58  LEU A CD2  1 
ATOM   494  N  N    . ASN A 1 59  ? 2.996   6.287   11.953  1.00 33.10 ? 59  ASN A N    1 
ATOM   495  C  CA   . ASN A 1 59  ? 4.041   6.766   11.021  1.00 32.78 ? 59  ASN A CA   1 
ATOM   496  C  C    . ASN A 1 59  ? 4.827   5.555   10.556  1.00 31.98 ? 59  ASN A C    1 
ATOM   497  O  O    . ASN A 1 59  ? 5.368   5.622   9.434   1.00 31.97 ? 59  ASN A O    1 
ATOM   498  C  CB   . ASN A 1 59  ? 4.757   7.989   11.605  1.00 33.51 ? 59  ASN A CB   1 
ATOM   499  C  CG   . ASN A 1 59  ? 3.839   9.194   11.726  1.00 35.06 ? 59  ASN A CG   1 
ATOM   500  O  OD1  . ASN A 1 59  ? 4.144   10.422  11.704  1.00 35.79 ? 59  ASN A OD1  1 
ATOM   501  N  ND2  . ASN A 1 59  ? 2.550   8.849   11.854  1.00 34.93 ? 59  ASN A ND2  1 
ATOM   502  N  N    . GLU A 1 60  ? 4.865   4.436   11.281  1.00 30.03 ? 60  GLU A N    1 
ATOM   503  C  CA   . GLU A 1 60  ? 5.680   3.325   10.809  1.00 28.41 ? 60  GLU A CA   1 
ATOM   504  C  C    . GLU A 1 60  ? 5.091   2.574   9.635   1.00 27.97 ? 60  GLU A C    1 
ATOM   505  O  O    . GLU A 1 60  ? 5.782   2.226   8.658   1.00 28.75 ? 60  GLU A O    1 
ATOM   506  C  CB   . GLU A 1 60  ? 6.046   2.353   11.911  1.00 29.64 ? 60  GLU A CB   1 
ATOM   507  C  CG   . GLU A 1 60  ? 6.817   1.103   11.477  1.00 29.21 ? 60  GLU A CG   1 
ATOM   508  C  CD   . GLU A 1 60  ? 7.367   0.227   12.558  1.00 29.25 ? 60  GLU A CD   1 
ATOM   509  O  OE1  . GLU A 1 60  ? 6.502   -0.535  13.043  1.00 29.17 ? 60  GLU A OE1  1 
ATOM   510  O  OE2  . GLU A 1 60  ? 8.530   0.239   12.925  1.00 29.18 ? 60  GLU A OE2  1 
ATOM   511  N  N    . CYS A 1 61  ? 3.834   2.244   9.770   1.00 26.65 ? 61  CYS A N    1 
ATOM   512  C  CA   . CYS A 1 61  ? 3.015   1.505   8.824   1.00 26.19 ? 61  CYS A CA   1 
ATOM   513  C  C    . CYS A 1 61  ? 2.695   2.293   7.569   1.00 25.99 ? 61  CYS A C    1 
ATOM   514  O  O    . CYS A 1 61  ? 2.575   1.641   6.503   1.00 27.20 ? 61  CYS A O    1 
ATOM   515  C  CB   . CYS A 1 61  ? 1.755   0.952   9.484   1.00 24.27 ? 61  CYS A CB   1 
ATOM   516  S  SG   . CYS A 1 61  ? 0.536   0.357   8.343   1.00 24.42 ? 61  CYS A SG   1 
ATOM   517  N  N    . LEU A 1 62  ? 2.578   3.608   7.659   1.00 25.50 ? 62  LEU A N    1 
ATOM   518  C  CA   . LEU A 1 62  ? 2.329   4.456   6.470   1.00 25.21 ? 62  LEU A CA   1 
ATOM   519  C  C    . LEU A 1 62  ? 3.622   4.544   5.672   1.00 26.00 ? 62  LEU A C    1 
ATOM   520  O  O    . LEU A 1 62  ? 3.530   4.553   4.453   1.00 28.42 ? 62  LEU A O    1 
ATOM   521  C  CB   . LEU A 1 62  ? 1.789   5.803   6.826   1.00 23.24 ? 62  LEU A CB   1 
ATOM   522  C  CG   . LEU A 1 62  ? 0.390   6.040   7.290   1.00 22.97 ? 62  LEU A CG   1 
ATOM   523  C  CD1  . LEU A 1 62  ? 0.248   7.559   7.659   1.00 21.09 ? 62  LEU A CD1  1 
ATOM   524  C  CD2  . LEU A 1 62  ? -0.561  5.598   6.196   1.00 20.11 ? 62  LEU A CD2  1 
ATOM   525  N  N    . GLU A 1 63  ? 4.788   4.534   6.259   1.00 27.16 ? 63  GLU A N    1 
ATOM   526  C  CA   . GLU A 1 63  ? 6.062   4.557   5.574   1.00 27.60 ? 63  GLU A CA   1 
ATOM   527  C  C    . GLU A 1 63  ? 6.366   3.372   4.676   1.00 28.34 ? 63  GLU A C    1 
ATOM   528  O  O    . GLU A 1 63  ? 7.264   3.398   3.789   1.00 28.06 ? 63  GLU A O    1 
ATOM   529  C  CB   . GLU A 1 63  ? 7.271   4.614   6.503   1.00 28.84 ? 63  GLU A CB   1 
ATOM   530  C  CG   . GLU A 1 63  ? 7.654   6.109   6.614   1.00 32.89 ? 63  GLU A CG   1 
ATOM   531  C  CD   . GLU A 1 63  ? 9.136   6.344   6.456   1.00 35.07 ? 63  GLU A CD   1 
ATOM   532  O  OE1  . GLU A 1 63  ? 9.669   5.515   5.661   1.00 35.88 ? 63  GLU A OE1  1 
ATOM   533  O  OE2  . GLU A 1 63  ? 9.670   7.230   7.107   1.00 36.91 ? 63  GLU A OE2  1 
ATOM   534  N  N    . GLY A 1 64  ? 5.681   2.280   4.958   1.00 28.07 ? 64  GLY A N    1 
ATOM   535  C  CA   . GLY A 1 64  ? 5.868   1.086   4.149   1.00 27.78 ? 64  GLY A CA   1 
ATOM   536  C  C    . GLY A 1 64  ? 7.153   0.351   4.155   1.00 27.32 ? 64  GLY A C    1 
ATOM   537  O  O    . GLY A 1 64  ? 7.301   -0.528  3.298   1.00 28.61 ? 64  GLY A O    1 
ATOM   538  N  N    . ASN A 1 65  ? 8.103   0.568   4.997   1.00 28.35 ? 65  ASN A N    1 
ATOM   539  C  CA   . ASN A 1 65  ? 9.330   -0.255  5.055   1.00 29.11 ? 65  ASN A CA   1 
ATOM   540  C  C    . ASN A 1 65  ? 9.115   -1.579  5.770   1.00 28.18 ? 65  ASN A C    1 
ATOM   541  O  O    . ASN A 1 65  ? 9.954   -2.475  5.666   1.00 28.51 ? 65  ASN A O    1 
ATOM   542  C  CB   . ASN A 1 65  ? 10.380  0.587   5.756   1.00 33.65 ? 65  ASN A CB   1 
ATOM   543  C  CG   . ASN A 1 65  ? 11.311  1.100   4.636   1.00 35.34 ? 65  ASN A CG   1 
ATOM   544  O  OD1  . ASN A 1 65  ? 12.534  0.810   4.800   1.00 37.48 ? 65  ASN A OD1  1 
ATOM   545  N  ND2  . ASN A 1 65  ? 10.628  1.717   3.679   1.00 34.84 ? 65  ASN A ND2  1 
ATOM   546  N  N    . CYS A 1 66  ? 8.013   -1.696  6.478   1.00 27.20 ? 66  CYS A N    1 
ATOM   547  C  CA   . CYS A 1 66  ? 7.684   -2.927  7.185   1.00 28.23 ? 66  CYS A CA   1 
ATOM   548  C  C    . CYS A 1 66  ? 6.298   -3.406  6.752   1.00 27.11 ? 66  CYS A C    1 
ATOM   549  O  O    . CYS A 1 66  ? 5.447   -2.575  6.387   1.00 28.45 ? 66  CYS A O    1 
ATOM   550  C  CB   . CYS A 1 66  ? 7.747   -2.772  8.718   1.00 30.43 ? 66  CYS A CB   1 
ATOM   551  S  SG   . CYS A 1 66  ? 6.714   -1.523  9.475   1.00 30.50 ? 66  CYS A SG   1 
ATOM   552  N  N    . ALA A 1 67  ? 6.097   -4.687  6.791   1.00 26.69 ? 67  ALA A N    1 
ATOM   553  C  CA   . ALA A 1 67  ? 4.828   -5.353  6.535   1.00 26.00 ? 67  ALA A CA   1 
ATOM   554  C  C    . ALA A 1 67  ? 4.091   -5.271  7.887   1.00 26.28 ? 67  ALA A C    1 
ATOM   555  O  O    . ALA A 1 67  ? 4.661   -5.610  8.938   1.00 25.63 ? 67  ALA A O    1 
ATOM   556  C  CB   . ALA A 1 67  ? 4.963   -6.801  6.163   1.00 25.67 ? 67  ALA A CB   1 
ATOM   557  N  N    . GLU A 1 68  ? 2.870   -4.793  7.842   1.00 27.17 ? 68  GLU A N    1 
ATOM   558  C  CA   . GLU A 1 68  ? 2.004   -4.674  9.037   1.00 26.45 ? 68  GLU A CA   1 
ATOM   559  C  C    . GLU A 1 68  ? 0.739   -5.471  8.754   1.00 25.56 ? 68  GLU A C    1 
ATOM   560  O  O    . GLU A 1 68  ? -0.012  -5.162  7.821   1.00 25.60 ? 68  GLU A O    1 
ATOM   561  C  CB   . GLU A 1 68  ? 1.669   -3.206  9.313   1.00 27.98 ? 68  GLU A CB   1 
ATOM   562  C  CG   . GLU A 1 68  ? 0.297   -3.017  9.974   1.00 31.14 ? 68  GLU A CG   1 
ATOM   563  C  CD   . GLU A 1 68  ? 0.300   -3.297  11.477  1.00 30.97 ? 68  GLU A CD   1 
ATOM   564  O  OE1  . GLU A 1 68  ? 1.317   -2.967  12.181  1.00 33.00 ? 68  GLU A OE1  1 
ATOM   565  O  OE2  . GLU A 1 68  ? -0.713  -3.863  12.042  1.00 32.79 ? 68  GLU A OE2  1 
ATOM   566  N  N    . GLY A 1 69  ? 0.517   -6.481  9.572   1.00 25.53 ? 69  GLY A N    1 
ATOM   567  C  CA   . GLY A 1 69  ? -0.580  -7.423  9.333   1.00 20.90 ? 69  GLY A CA   1 
ATOM   568  C  C    . GLY A 1 69  ? -0.023  -8.319  8.202   1.00 20.11 ? 69  GLY A C    1 
ATOM   569  O  O    . GLY A 1 69  ? 1.133   -8.747  8.277   1.00 19.21 ? 69  GLY A O    1 
ATOM   570  N  N    . VAL A 1 70  ? -0.780  -8.451  7.183   1.00 20.34 ? 70  VAL A N    1 
ATOM   571  C  CA   . VAL A 1 70  ? -0.578  -9.223  5.945   1.00 21.24 ? 70  VAL A CA   1 
ATOM   572  C  C    . VAL A 1 70  ? 0.321   -8.472  4.957   1.00 21.38 ? 70  VAL A C    1 
ATOM   573  O  O    . VAL A 1 70  ? 1.005   -9.122  4.114   1.00 21.75 ? 70  VAL A O    1 
ATOM   574  C  CB   . VAL A 1 70  ? -1.994  -9.758  5.672   1.00 22.40 ? 70  VAL A CB   1 
ATOM   575  C  CG1  . VAL A 1 70  ? -2.615  -9.756  4.311   1.00 22.37 ? 70  VAL A CG1  1 
ATOM   576  C  CG2  . VAL A 1 70  ? -2.138  -11.186 6.265   1.00 21.75 ? 70  VAL A CG2  1 
ATOM   577  N  N    . GLY A 1 71  ? 0.654   -7.215  5.244   1.00 18.99 ? 71  GLY A N    1 
ATOM   578  C  CA   . GLY A 1 71  ? 1.591   -6.406  4.505   1.00 18.65 ? 71  GLY A CA   1 
ATOM   579  C  C    . GLY A 1 71  ? 1.008   -5.838  3.213   1.00 19.01 ? 71  GLY A C    1 
ATOM   580  O  O    . GLY A 1 71  ? 1.564   -6.025  2.122   1.00 21.67 ? 71  GLY A O    1 
ATOM   581  N  N    . MET A 1 72  ? -0.084  -5.149  3.382   1.00 17.88 ? 72  MET A N    1 
ATOM   582  C  CA   . MET A 1 72  ? -0.795  -4.485  2.292   1.00 17.47 ? 72  MET A CA   1 
ATOM   583  C  C    . MET A 1 72  ? -0.280  -3.038  2.216   1.00 18.19 ? 72  MET A C    1 
ATOM   584  O  O    . MET A 1 72  ? -0.510  -2.324  1.225   1.00 16.42 ? 72  MET A O    1 
ATOM   585  C  CB   . MET A 1 72  ? -2.284  -4.542  2.625   1.00 18.39 ? 72  MET A CB   1 
ATOM   586  C  CG   . MET A 1 72  ? -3.202  -4.626  1.417   1.00 19.88 ? 72  MET A CG   1 
ATOM   587  S  SD   . MET A 1 72  ? -4.635  -5.637  1.722   1.00 22.02 ? 72  MET A SD   1 
ATOM   588  C  CE   . MET A 1 72  ? -6.005  -5.046  0.756   1.00 21.76 ? 72  MET A CE   1 
ATOM   589  N  N    . ASN A 1 73  ? 0.413   -2.695  3.295   1.00 18.95 ? 73  ASN A N    1 
ATOM   590  C  CA   . ASN A 1 73  ? 1.018   -1.370  3.521   1.00 19.79 ? 73  ASN A CA   1 
ATOM   591  C  C    . ASN A 1 73  ? 2.465   -1.338  3.064   1.00 18.10 ? 73  ASN A C    1 
ATOM   592  O  O    . ASN A 1 73  ? 3.067   -0.265  2.913   1.00 17.85 ? 73  ASN A O    1 
ATOM   593  C  CB   . ASN A 1 73  ? 1.064   -1.052  5.018   1.00 21.51 ? 73  ASN A CB   1 
ATOM   594  C  CG   . ASN A 1 73  ? 2.186   -1.808  5.747   1.00 21.51 ? 73  ASN A CG   1 
ATOM   595  O  OD1  . ASN A 1 73  ? 2.156   -3.036  5.816   1.00 25.76 ? 73  ASN A OD1  1 
ATOM   596  N  ND2  . ASN A 1 73  ? 3.188   -1.146  6.299   1.00 21.02 ? 73  ASN A ND2  1 
ATOM   597  N  N    . TYR A 1 74  ? 3.000   -2.516  2.869   1.00 16.71 ? 74  TYR A N    1 
ATOM   598  C  CA   . TYR A 1 74  ? 4.387   -2.654  2.453   1.00 16.16 ? 74  TYR A CA   1 
ATOM   599  C  C    . TYR A 1 74  ? 4.575   -1.987  1.089   1.00 16.27 ? 74  TYR A C    1 
ATOM   600  O  O    . TYR A 1 74  ? 3.798   -2.224  0.148   1.00 14.80 ? 74  TYR A O    1 
ATOM   601  C  CB   . TYR A 1 74  ? 4.778   -4.119  2.402   1.00 13.76 ? 74  TYR A CB   1 
ATOM   602  C  CG   . TYR A 1 74  ? 6.232   -4.293  2.000   1.00 15.41 ? 74  TYR A CG   1 
ATOM   603  C  CD1  . TYR A 1 74  ? 7.253   -3.923  2.886   1.00 16.00 ? 74  TYR A CD1  1 
ATOM   604  C  CD2  . TYR A 1 74  ? 6.534   -4.808  0.743   1.00 15.63 ? 74  TYR A CD2  1 
ATOM   605  C  CE1  . TYR A 1 74  ? 8.590   -4.074  2.504   1.00 19.88 ? 74  TYR A CE1  1 
ATOM   606  C  CE2  . TYR A 1 74  ? 7.868   -4.959  0.360   1.00 17.75 ? 74  TYR A CE2  1 
ATOM   607  C  CZ   . TYR A 1 74  ? 8.895   -4.591  1.238   1.00 18.37 ? 74  TYR A CZ   1 
ATOM   608  O  OH   . TYR A 1 74  ? 10.190  -4.740  0.856   1.00 19.23 ? 74  TYR A OH   1 
ATOM   609  N  N    . ARG A 1 75  ? 5.614   -1.171  1.055   1.00 16.51 ? 75  ARG A N    1 
ATOM   610  C  CA   . ARG A 1 75  ? 5.986   -0.365  -0.117  1.00 17.81 ? 75  ARG A CA   1 
ATOM   611  C  C    . ARG A 1 75  ? 7.505   -0.362  -0.313  1.00 18.46 ? 75  ARG A C    1 
ATOM   612  O  O    . ARG A 1 75  ? 8.063   0.567   -0.912  1.00 19.40 ? 75  ARG A O    1 
ATOM   613  C  CB   . ARG A 1 75  ? 5.562   1.091   0.117   1.00 12.29 ? 75  ARG A CB   1 
ATOM   614  C  CG   . ARG A 1 75  ? 4.740   1.685   -1.030  1.00 12.83 ? 75  ARG A CG   1 
ATOM   615  C  CD   . ARG A 1 75  ? 3.250   1.812   -0.710  1.00 9.03  ? 75  ARG A CD   1 
ATOM   616  N  NE   . ARG A 1 75  ? 2.602   0.538   -0.657  1.00 9.18  ? 75  ARG A NE   1 
ATOM   617  C  CZ   . ARG A 1 75  ? 1.307   0.262   -0.801  1.00 7.18  ? 75  ARG A CZ   1 
ATOM   618  N  NH1  . ARG A 1 75  ? 0.368   1.189   -1.029  1.00 7.79  ? 75  ARG A NH1  1 
ATOM   619  N  NH2  . ARG A 1 75  ? 0.856   -0.975  -0.723  1.00 6.94  ? 75  ARG A NH2  1 
ATOM   620  N  N    . GLY A 1 76  ? 8.133   -1.406  0.199   1.00 18.80 ? 76  GLY A N    1 
ATOM   621  C  CA   . GLY A 1 76  ? 9.600   -1.556  0.157   1.00 20.79 ? 76  GLY A CA   1 
ATOM   622  C  C    . GLY A 1 76  ? 10.076  -2.124  -1.175  1.00 22.32 ? 76  GLY A C    1 
ATOM   623  O  O    . GLY A 1 76  ? 9.403   -2.699  -2.049  1.00 23.16 ? 76  GLY A O    1 
ATOM   624  N  N    . ASN A 1 77  ? 11.386  -2.054  -1.297  1.00 23.79 ? 77  ASN A N    1 
ATOM   625  C  CA   . ASN A 1 77  ? 12.159  -2.385  -2.481  1.00 25.95 ? 77  ASN A CA   1 
ATOM   626  C  C    . ASN A 1 77  ? 12.734  -3.790  -2.397  1.00 26.82 ? 77  ASN A C    1 
ATOM   627  O  O    . ASN A 1 77  ? 13.887  -3.895  -2.859  1.00 28.76 ? 77  ASN A O    1 
ATOM   628  C  CB   . ASN A 1 77  ? 13.214  -1.277  -2.746  1.00 25.83 ? 77  ASN A CB   1 
ATOM   629  C  CG   . ASN A 1 77  ? 12.771  0.117   -3.064  1.00 26.46 ? 77  ASN A CG   1 
ATOM   630  O  OD1  . ASN A 1 77  ? 11.585  0.494   -3.279  1.00 26.29 ? 77  ASN A OD1  1 
ATOM   631  N  ND2  . ASN A 1 77  ? 13.752  1.041   -3.298  1.00 28.24 ? 77  ASN A ND2  1 
ATOM   632  N  N    . VAL A 1 78  ? 12.050  -4.757  -1.844  1.00 27.48 ? 78  VAL A N    1 
ATOM   633  C  CA   . VAL A 1 78  ? 12.500  -6.157  -1.802  1.00 27.00 ? 78  VAL A CA   1 
ATOM   634  C  C    . VAL A 1 78  ? 11.729  -6.780  -2.975  1.00 26.04 ? 78  VAL A C    1 
ATOM   635  O  O    . VAL A 1 78  ? 10.482  -6.726  -3.077  1.00 26.26 ? 78  VAL A O    1 
ATOM   636  C  CB   . VAL A 1 78  ? 12.336  -6.923  -0.481  1.00 27.93 ? 78  VAL A CB   1 
ATOM   637  C  CG1  . VAL A 1 78  ? 11.616  -8.276  -0.571  1.00 26.45 ? 78  VAL A CG1  1 
ATOM   638  C  CG2  . VAL A 1 78  ? 13.666  -7.252  0.214   1.00 29.22 ? 78  VAL A CG2  1 
ATOM   639  N  N    . SER A 1 79  ? 12.525  -7.465  -3.758  1.00 26.01 ? 79  SER A N    1 
ATOM   640  C  CA   . SER A 1 79  ? 11.956  -8.025  -5.015  1.00 25.11 ? 79  SER A CA   1 
ATOM   641  C  C    . SER A 1 79  ? 12.162  -9.511  -5.272  1.00 26.36 ? 79  SER A C    1 
ATOM   642  O  O    . SER A 1 79  ? 11.598  -10.056 -6.268  1.00 24.29 ? 79  SER A O    1 
ATOM   643  C  CB   . SER A 1 79  ? 12.714  -7.095  -5.992  1.00 24.59 ? 79  SER A CB   1 
ATOM   644  O  OG   . SER A 1 79  ? 14.085  -7.463  -5.857  1.00 22.51 ? 79  SER A OG   1 
ATOM   645  N  N    . VAL A 1 80  ? 12.869  -10.131 -4.321  1.00 26.19 ? 80  VAL A N    1 
ATOM   646  C  CA   . VAL A 1 80  ? 13.123  -11.559 -4.394  1.00 28.09 ? 80  VAL A CA   1 
ATOM   647  C  C    . VAL A 1 80  ? 12.235  -12.299 -3.378  1.00 28.52 ? 80  VAL A C    1 
ATOM   648  O  O    . VAL A 1 80  ? 12.129  -11.815 -2.226  1.00 27.54 ? 80  VAL A O    1 
ATOM   649  C  CB   . VAL A 1 80  ? 14.601  -11.928 -4.131  1.00 30.20 ? 80  VAL A CB   1 
ATOM   650  C  CG1  . VAL A 1 80  ? 14.614  -13.478 -3.942  1.00 30.82 ? 80  VAL A CG1  1 
ATOM   651  C  CG2  . VAL A 1 80  ? 15.547  -11.310 -5.177  1.00 29.26 ? 80  VAL A CG2  1 
ATOM   652  N  N    . THR A 1 81  ? 11.732  -13.401 -3.881  1.00 28.63 ? 81  THR A N    1 
ATOM   653  C  CA   . THR A 1 81  ? 10.845  -14.290 -3.197  1.00 30.40 ? 81  THR A CA   1 
ATOM   654  C  C    . THR A 1 81  ? 11.436  -14.951 -1.946  1.00 32.49 ? 81  THR A C    1 
ATOM   655  O  O    . THR A 1 81  ? 12.514  -14.676 -1.436  1.00 33.30 ? 81  THR A O    1 
ATOM   656  C  CB   . THR A 1 81  ? 10.154  -15.443 -4.058  1.00 28.50 ? 81  THR A CB   1 
ATOM   657  O  OG1  . THR A 1 81  ? 11.116  -16.486 -4.346  1.00 27.56 ? 81  THR A OG1  1 
ATOM   658  C  CG2  . THR A 1 81  ? 9.368   -14.934 -5.240  1.00 27.79 ? 81  THR A CG2  1 
ATOM   659  N  N    . ARG A 1 82  ? 10.586  -15.835 -1.434  1.00 34.57 ? 82  ARG A N    1 
ATOM   660  C  CA   . ARG A 1 82  ? 10.756  -16.721 -0.294  1.00 35.87 ? 82  ARG A CA   1 
ATOM   661  C  C    . ARG A 1 82  ? 11.813  -17.771 -0.667  1.00 35.89 ? 82  ARG A C    1 
ATOM   662  O  O    . ARG A 1 82  ? 12.737  -18.001 0.118   1.00 36.40 ? 82  ARG A O    1 
ATOM   663  C  CB   . ARG A 1 82  ? 9.419   -17.398 0.019   1.00 37.73 ? 82  ARG A CB   1 
ATOM   664  C  CG   . ARG A 1 82  ? 9.371   -17.890 1.453   1.00 40.72 ? 82  ARG A CG   1 
ATOM   665  C  CD   . ARG A 1 82  ? 8.627   -16.876 2.284   1.00 42.74 ? 82  ARG A CD   1 
ATOM   666  N  NE   . ARG A 1 82  ? 9.441   -16.553 3.463   1.00 44.47 ? 82  ARG A NE   1 
ATOM   667  C  CZ   . ARG A 1 82  ? 9.531   -15.264 3.849   1.00 44.27 ? 82  ARG A CZ   1 
ATOM   668  N  NH1  . ARG A 1 82  ? 8.667   -14.403 3.320   1.00 42.93 ? 82  ARG A NH1  1 
ATOM   669  N  NH2  . ARG A 1 82  ? 10.406  -14.983 4.820   1.00 44.55 ? 82  ARG A NH2  1 
ATOM   670  N  N    . SER A 1 83  ? 11.751  -18.251 -1.894  1.00 36.61 ? 83  SER A N    1 
ATOM   671  C  CA   . SER A 1 83  ? 12.649  -19.241 -2.475  1.00 37.44 ? 83  SER A CA   1 
ATOM   672  C  C    . SER A 1 83  ? 13.988  -18.692 -2.991  1.00 37.71 ? 83  SER A C    1 
ATOM   673  O  O    . SER A 1 83  ? 14.895  -19.523 -3.235  1.00 37.69 ? 83  SER A O    1 
ATOM   674  C  CB   . SER A 1 83  ? 12.079  -20.010 -3.674  1.00 37.00 ? 83  SER A CB   1 
ATOM   675  O  OG   . SER A 1 83  ? 10.674  -20.025 -3.668  1.00 38.95 ? 83  SER A OG   1 
ATOM   676  N  N    . GLY A 1 84  ? 14.066  -17.397 -3.195  1.00 37.24 ? 84  GLY A N    1 
ATOM   677  C  CA   . GLY A 1 84  ? 15.267  -16.741 -3.691  1.00 36.66 ? 84  GLY A CA   1 
ATOM   678  C  C    . GLY A 1 84  ? 15.075  -16.348 -5.162  1.00 36.83 ? 84  GLY A C    1 
ATOM   679  O  O    . GLY A 1 84  ? 15.874  -15.530 -5.684  1.00 37.80 ? 84  GLY A O    1 
ATOM   680  N  N    . ILE A 1 85  ? 14.071  -16.902 -5.809  1.00 35.66 ? 85  ILE A N    1 
ATOM   681  C  CA   . ILE A 1 85  ? 13.745  -16.581 -7.205  1.00 34.01 ? 85  ILE A CA   1 
ATOM   682  C  C    . ILE A 1 85  ? 13.449  -15.093 -7.413  1.00 33.39 ? 85  ILE A C    1 
ATOM   683  O  O    . ILE A 1 85  ? 12.374  -14.719 -6.834  1.00 33.75 ? 85  ILE A O    1 
ATOM   684  C  CB   . ILE A 1 85  ? 12.329  -17.247 -7.525  1.00 32.46 ? 85  ILE A CB   1 
ATOM   685  C  CG1  . ILE A 1 85  ? 12.184  -18.731 -7.058  1.00 32.84 ? 85  ILE A CG1  1 
ATOM   686  C  CG2  . ILE A 1 85  ? 11.950  -17.028 -9.034  1.00 33.56 ? 85  ILE A CG2  1 
ATOM   687  C  CD1  . ILE A 1 85  ? 10.819  -19.356 -7.537  1.00 31.51 ? 85  ILE A CD1  1 
ATOM   688  N  N    . GLU A 1 86  ? 14.083  -14.330 -8.266  1.00 32.34 ? 86  GLU A N    1 
ATOM   689  C  CA   . GLU A 1 86  ? 13.746  -12.932 -8.578  1.00 30.91 ? 86  GLU A CA   1 
ATOM   690  C  C    . GLU A 1 86  ? 12.330  -12.746 -9.086  1.00 28.95 ? 86  GLU A C    1 
ATOM   691  O  O    . GLU A 1 86  ? 11.756  -13.680 -9.671  1.00 29.16 ? 86  GLU A O    1 
ATOM   692  C  CB   . GLU A 1 86  ? 14.563  -12.415 -9.764  1.00 34.49 ? 86  GLU A CB   1 
ATOM   693  C  CG   . GLU A 1 86  ? 15.973  -11.921 -9.383  1.00 39.81 ? 86  GLU A CG   1 
ATOM   694  C  CD   . GLU A 1 86  ? 15.911  -10.474 -8.900  1.00 40.58 ? 86  GLU A CD   1 
ATOM   695  O  OE1  . GLU A 1 86  ? 14.814  -9.951  -9.227  1.00 41.87 ? 86  GLU A OE1  1 
ATOM   696  O  OE2  . GLU A 1 86  ? 16.805  -9.938  -8.270  1.00 40.86 ? 86  GLU A OE2  1 
ATOM   697  N  N    . CYS A 1 87  ? 11.801  -11.557 -8.936  1.00 27.65 ? 87  CYS A N    1 
ATOM   698  C  CA   . CYS A 1 87  ? 10.392  -11.252 -9.340  1.00 25.98 ? 87  CYS A CA   1 
ATOM   699  C  C    . CYS A 1 87  ? 10.375  -10.646 -10.768 1.00 24.69 ? 87  CYS A C    1 
ATOM   700  O  O    . CYS A 1 87  ? 11.252  -9.869  -11.156 1.00 24.82 ? 87  CYS A O    1 
ATOM   701  C  CB   . CYS A 1 87  ? 9.752   -10.309 -8.325  1.00 25.85 ? 87  CYS A CB   1 
ATOM   702  S  SG   . CYS A 1 87  ? 9.496   -10.682 -6.539  1.00 23.49 ? 87  CYS A SG   1 
ATOM   703  N  N    . GLN A 1 88  ? 9.371   -10.946 -11.538 1.00 23.20 ? 88  GLN A N    1 
ATOM   704  C  CA   . GLN A 1 88  ? 8.968   -10.492 -12.854 1.00 24.14 ? 88  GLN A CA   1 
ATOM   705  C  C    . GLN A 1 88  ? 8.489   -9.024  -12.710 1.00 25.63 ? 88  GLN A C    1 
ATOM   706  O  O    . GLN A 1 88  ? 7.804   -8.728  -11.713 1.00 27.28 ? 88  GLN A O    1 
ATOM   707  C  CB   . GLN A 1 88  ? 7.750   -11.249 -13.370 1.00 23.21 ? 88  GLN A CB   1 
ATOM   708  C  CG   . GLN A 1 88  ? 7.256   -11.139 -14.762 1.00 21.46 ? 88  GLN A CG   1 
ATOM   709  C  CD   . GLN A 1 88  ? 5.818   -11.419 -15.055 1.00 21.01 ? 88  GLN A CD   1 
ATOM   710  O  OE1  . GLN A 1 88  ? 5.181   -12.419 -15.450 1.00 21.06 ? 88  GLN A OE1  1 
ATOM   711  N  NE2  . GLN A 1 88  ? 5.114   -10.305 -14.996 1.00 21.84 ? 88  GLN A NE2  1 
ATOM   712  N  N    . LEU A 1 89  ? 8.835   -8.152  -13.650 1.00 26.05 ? 89  LEU A N    1 
ATOM   713  C  CA   . LEU A 1 89  ? 8.368   -6.771  -13.679 1.00 24.84 ? 89  LEU A CA   1 
ATOM   714  C  C    . LEU A 1 89  ? 6.826   -6.896  -13.633 1.00 24.32 ? 89  LEU A C    1 
ATOM   715  O  O    . LEU A 1 89  ? 6.422   -7.823  -14.325 1.00 21.52 ? 89  LEU A O    1 
ATOM   716  C  CB   . LEU A 1 89  ? 8.853   -6.104  -14.948 1.00 23.59 ? 89  LEU A CB   1 
ATOM   717  C  CG   . LEU A 1 89  ? 10.074  -5.235  -14.931 1.00 23.54 ? 89  LEU A CG   1 
ATOM   718  C  CD1  . LEU A 1 89  ? 11.093  -5.457  -13.799 1.00 22.89 ? 89  LEU A CD1  1 
ATOM   719  C  CD2  . LEU A 1 89  ? 10.725  -5.422  -16.297 1.00 22.87 ? 89  LEU A CD2  1 
ATOM   720  N  N    . TRP A 1 90  ? 6.186   -6.040  -12.819 1.00 24.50 ? 90  TRP A N    1 
ATOM   721  C  CA   . TRP A 1 90  ? 4.714   -6.129  -12.748 1.00 24.36 ? 90  TRP A CA   1 
ATOM   722  C  C    . TRP A 1 90  ? 4.057   -5.766  -14.088 1.00 25.35 ? 90  TRP A C    1 
ATOM   723  O  O    . TRP A 1 90  ? 2.877   -6.118  -14.367 1.00 25.52 ? 90  TRP A O    1 
ATOM   724  C  CB   . TRP A 1 90  ? 4.151   -5.239  -11.622 1.00 21.94 ? 90  TRP A CB   1 
ATOM   725  C  CG   . TRP A 1 90  ? 4.482   -5.533  -10.208 1.00 20.00 ? 90  TRP A CG   1 
ATOM   726  C  CD1  . TRP A 1 90  ? 5.482   -5.007  -9.467  1.00 18.16 ? 90  TRP A CD1  1 
ATOM   727  C  CD2  . TRP A 1 90  ? 3.781   -6.391  -9.295  1.00 19.92 ? 90  TRP A CD2  1 
ATOM   728  N  NE1  . TRP A 1 90  ? 5.448   -5.431  -8.180  1.00 17.57 ? 90  TRP A NE1  1 
ATOM   729  C  CE2  . TRP A 1 90  ? 4.459   -6.332  -8.055  1.00 18.48 ? 90  TRP A CE2  1 
ATOM   730  C  CE3  . TRP A 1 90  ? 2.684   -7.238  -9.432  1.00 20.94 ? 90  TRP A CE3  1 
ATOM   731  C  CZ2  . TRP A 1 90  ? 4.098   -7.162  -6.994  1.00 18.87 ? 90  TRP A CZ2  1 
ATOM   732  C  CZ3  . TRP A 1 90  ? 2.272   -8.010  -8.353  1.00 17.17 ? 90  TRP A CZ3  1 
ATOM   733  C  CH2  . TRP A 1 90  ? 2.984   -7.972  -7.202  1.00 17.60 ? 90  TRP A CH2  1 
ATOM   734  N  N    . ARG A 1 91  ? 4.776   -4.911  -14.801 1.00 26.37 ? 91  ARG A N    1 
ATOM   735  C  CA   . ARG A 1 91  ? 4.331   -4.370  -16.097 1.00 28.35 ? 91  ARG A CA   1 
ATOM   736  C  C    . ARG A 1 91  ? 4.740   -5.286  -17.262 1.00 27.87 ? 91  ARG A C    1 
ATOM   737  O  O    . ARG A 1 91  ? 4.225   -5.085  -18.351 1.00 26.82 ? 91  ARG A O    1 
ATOM   738  C  CB   . ARG A 1 91  ? 4.903   -3.003  -16.464 1.00 30.50 ? 91  ARG A CB   1 
ATOM   739  C  CG   . ARG A 1 91  ? 6.346   -3.048  -16.922 1.00 31.62 ? 91  ARG A CG   1 
ATOM   740  C  CD   . ARG A 1 91  ? 6.833   -1.646  -17.182 1.00 34.10 ? 91  ARG A CD   1 
ATOM   741  N  NE   . ARG A 1 91  ? 8.200   -1.768  -17.697 1.00 37.12 ? 91  ARG A NE   1 
ATOM   742  C  CZ   . ARG A 1 91  ? 9.317   -1.738  -16.975 1.00 38.09 ? 91  ARG A CZ   1 
ATOM   743  N  NH1  . ARG A 1 91  ? 9.320   -1.513  -15.653 1.00 38.24 ? 91  ARG A NH1  1 
ATOM   744  N  NH2  . ARG A 1 91  ? 10.479  -2.034  -17.587 1.00 38.55 ? 91  ARG A NH2  1 
ATOM   745  N  N    . SER A 1 92  ? 5.653   -6.197  -16.922 1.00 26.95 ? 92  SER A N    1 
ATOM   746  C  CA   . SER A 1 92  ? 6.061   -7.200  -17.921 1.00 26.52 ? 92  SER A CA   1 
ATOM   747  C  C    . SER A 1 92  ? 4.848   -8.118  -18.108 1.00 26.64 ? 92  SER A C    1 
ATOM   748  O  O    . SER A 1 92  ? 3.866   -8.128  -17.306 1.00 27.55 ? 92  SER A O    1 
ATOM   749  C  CB   . SER A 1 92  ? 7.301   -7.936  -17.490 1.00 24.62 ? 92  SER A CB   1 
ATOM   750  O  OG   . SER A 1 92  ? 7.379   -9.114  -18.267 1.00 26.16 ? 92  SER A OG   1 
ATOM   751  N  N    . ARG A 1 93  ? 4.864   -8.870  -19.182 1.00 26.13 ? 93  ARG A N    1 
ATOM   752  C  CA   . ARG A 1 93  ? 3.703   -9.780  -19.385 1.00 25.70 ? 93  ARG A CA   1 
ATOM   753  C  C    . ARG A 1 93  ? 4.277   -11.199 -19.497 1.00 24.53 ? 93  ARG A C    1 
ATOM   754  O  O    . ARG A 1 93  ? 3.428   -12.026 -19.813 1.00 23.73 ? 93  ARG A O    1 
ATOM   755  C  CB   . ARG A 1 93  ? 2.935   -9.319  -20.578 1.00 29.18 ? 93  ARG A CB   1 
ATOM   756  C  CG   . ARG A 1 93  ? 1.466   -9.171  -20.817 1.00 32.32 ? 93  ARG A CG   1 
ATOM   757  C  CD   . ARG A 1 93  ? 1.153   -9.037  -22.280 1.00 34.30 ? 93  ARG A CD   1 
ATOM   758  N  NE   . ARG A 1 93  ? 0.903   -10.272 -23.036 1.00 36.89 ? 93  ARG A NE   1 
ATOM   759  C  CZ   . ARG A 1 93  ? -0.280  -10.756 -23.484 1.00 36.64 ? 93  ARG A CZ   1 
ATOM   760  N  NH1  . ARG A 1 93  ? -1.405  -10.050 -23.361 1.00 35.78 ? 93  ARG A NH1  1 
ATOM   761  N  NH2  . ARG A 1 93  ? -0.360  -11.918 -24.149 1.00 35.92 ? 93  ARG A NH2  1 
ATOM   762  N  N    . TYR A 1 94  ? 5.579   -11.355 -19.281 1.00 23.43 ? 94  TYR A N    1 
ATOM   763  C  CA   . TYR A 1 94  ? 6.332   -12.572 -19.405 1.00 22.73 ? 94  TYR A CA   1 
ATOM   764  C  C    . TYR A 1 94  ? 7.382   -12.641 -18.275 1.00 22.55 ? 94  TYR A C    1 
ATOM   765  O  O    . TYR A 1 94  ? 8.027   -11.594 -18.059 1.00 19.92 ? 94  TYR A O    1 
ATOM   766  C  CB   . TYR A 1 94  ? 7.234   -12.816 -20.702 1.00 23.05 ? 94  TYR A CB   1 
ATOM   767  C  CG   . TYR A 1 94  ? 6.544   -12.455 -21.993 1.00 21.73 ? 94  TYR A CG   1 
ATOM   768  C  CD1  . TYR A 1 94  ? 6.626   -11.122 -22.406 1.00 21.63 ? 94  TYR A CD1  1 
ATOM   769  C  CD2  . TYR A 1 94  ? 5.733   -13.304 -22.748 1.00 22.70 ? 94  TYR A CD2  1 
ATOM   770  C  CE1  . TYR A 1 94  ? 5.831   -10.600 -23.406 1.00 20.97 ? 94  TYR A CE1  1 
ATOM   771  C  CE2  . TYR A 1 94  ? 4.933   -12.800 -23.790 1.00 23.01 ? 94  TYR A CE2  1 
ATOM   772  C  CZ   . TYR A 1 94  ? 5.053   -11.440 -24.152 1.00 21.61 ? 94  TYR A CZ   1 
ATOM   773  O  OH   . TYR A 1 94  ? 4.405   -10.900 -25.234 1.00 20.87 ? 94  TYR A OH   1 
ATOM   774  N  N    . PRO A 1 95  ? 7.566   -13.848 -17.721 1.00 22.36 ? 95  PRO A N    1 
ATOM   775  C  CA   . PRO A 1 95  ? 6.921   -15.117 -18.031 1.00 23.77 ? 95  PRO A CA   1 
ATOM   776  C  C    . PRO A 1 95  ? 5.460   -15.352 -17.682 1.00 25.42 ? 95  PRO A C    1 
ATOM   777  O  O    . PRO A 1 95  ? 4.835   -16.329 -18.148 1.00 25.42 ? 95  PRO A O    1 
ATOM   778  C  CB   . PRO A 1 95  ? 7.689   -16.198 -17.269 1.00 22.69 ? 95  PRO A CB   1 
ATOM   779  C  CG   . PRO A 1 95  ? 8.715   -15.476 -16.461 1.00 23.13 ? 95  PRO A CG   1 
ATOM   780  C  CD   . PRO A 1 95  ? 8.629   -13.981 -16.722 1.00 22.47 ? 95  PRO A CD   1 
ATOM   781  N  N    . HIS A 1 96  ? 4.852   -14.553 -16.815 1.00 27.03 ? 96  HIS A N    1 
ATOM   782  C  CA   . HIS A 1 96  ? 3.422   -14.806 -16.462 1.00 27.19 ? 96  HIS A CA   1 
ATOM   783  C  C    . HIS A 1 96  ? 2.606   -13.562 -16.793 1.00 29.03 ? 96  HIS A C    1 
ATOM   784  O  O    . HIS A 1 96  ? 3.120   -12.448 -16.542 1.00 30.32 ? 96  HIS A O    1 
ATOM   785  C  CB   . HIS A 1 96  ? 3.224   -15.163 -14.948 1.00 23.52 ? 96  HIS A CB   1 
ATOM   786  C  CG   . HIS A 1 96  ? 4.122   -16.320 -14.553 1.00 17.66 ? 96  HIS A CG   1 
ATOM   787  N  ND1  . HIS A 1 96  ? 3.722   -17.607 -14.772 1.00 16.83 ? 96  HIS A ND1  1 
ATOM   788  C  CD2  . HIS A 1 96  ? 5.358   -16.319 -14.017 1.00 16.35 ? 96  HIS A CD2  1 
ATOM   789  C  CE1  . HIS A 1 96  ? 4.692   -18.410 -14.339 1.00 18.50 ? 96  HIS A CE1  1 
ATOM   790  N  NE2  . HIS A 1 96  ? 5.699   -17.654 -13.881 1.00 18.00 ? 96  HIS A NE2  1 
ATOM   791  N  N    . LYS A 1 97  ? 1.403   -13.787 -17.324 1.00 31.15 ? 97  LYS A N    1 
ATOM   792  C  CA   . LYS A 1 97  ? 0.619   -12.556 -17.593 1.00 33.49 ? 97  LYS A CA   1 
ATOM   793  C  C    . LYS A 1 97  ? -0.246  -12.200 -16.396 1.00 34.57 ? 97  LYS A C    1 
ATOM   794  O  O    . LYS A 1 97  ? -1.288  -12.823 -16.148 1.00 32.79 ? 97  LYS A O    1 
ATOM   795  C  CB   . LYS A 1 97  ? -0.032  -12.542 -18.933 1.00 34.90 ? 97  LYS A CB   1 
ATOM   796  C  CG   . LYS A 1 97  ? -0.865  -13.765 -19.277 1.00 38.67 ? 97  LYS A CG   1 
ATOM   797  C  CD   . LYS A 1 97  ? -1.646  -13.561 -20.581 1.00 41.05 ? 97  LYS A CD   1 
ATOM   798  C  CE   . LYS A 1 97  ? -2.170  -12.127 -20.740 1.00 43.37 ? 97  LYS A CE   1 
ATOM   799  N  NZ   . LYS A 1 97  ? -3.575  -11.984 -20.331 1.00 43.90 ? 97  LYS A NZ   1 
ATOM   800  N  N    . PRO A 1 98  ? 0.260   -11.162 -15.676 1.00 35.47 ? 98  PRO A N    1 
ATOM   801  C  CA   . PRO A 1 98  ? -0.346  -10.640 -14.454 1.00 36.27 ? 98  PRO A CA   1 
ATOM   802  C  C    . PRO A 1 98  ? -1.751  -10.157 -14.702 1.00 37.88 ? 98  PRO A C    1 
ATOM   803  O  O    . PRO A 1 98  ? -1.987  -9.452  -15.730 1.00 36.60 ? 98  PRO A O    1 
ATOM   804  C  CB   . PRO A 1 98  ? 0.577   -9.500  -14.048 1.00 35.82 ? 98  PRO A CB   1 
ATOM   805  C  CG   . PRO A 1 98  ? 1.702   -9.412  -15.073 1.00 34.75 ? 98  PRO A CG   1 
ATOM   806  C  CD   . PRO A 1 98  ? 1.492   -10.473 -16.100 1.00 35.27 ? 98  PRO A CD   1 
ATOM   807  N  N    . GLU A 1 99  ? -2.637  -10.532 -13.778 1.00 39.36 ? 99  GLU A N    1 
ATOM   808  C  CA   . GLU A 1 99  ? -4.073  -10.160 -13.835 1.00 41.44 ? 99  GLU A CA   1 
ATOM   809  C  C    . GLU A 1 99  ? -4.344  -9.012  -12.878 1.00 42.44 ? 99  GLU A C    1 
ATOM   810  O  O    . GLU A 1 99  ? -5.397  -8.363  -12.933 1.00 42.76 ? 99  GLU A O    1 
ATOM   811  C  CB   . GLU A 1 99  ? -4.952  -11.345 -13.451 1.00 43.10 ? 99  GLU A CB   1 
ATOM   812  C  CG   . GLU A 1 99  ? -4.668  -11.875 -12.049 1.00 46.02 ? 99  GLU A CG   1 
ATOM   813  C  CD   . GLU A 1 99  ? -3.345  -12.636 -11.961 1.00 47.38 ? 99  GLU A CD   1 
ATOM   814  O  OE1  . GLU A 1 99  ? -2.610  -12.768 -13.013 1.00 47.74 ? 99  GLU A OE1  1 
ATOM   815  O  OE2  . GLU A 1 99  ? -2.968  -13.143 -10.838 1.00 48.64 ? 99  GLU A OE2  1 
ATOM   816  N  N    . ILE A 1 100 ? -3.382  -8.835  -12.040 1.00 43.16 ? 100 ILE A N    1 
ATOM   817  C  CA   . ILE A 1 100 ? -3.342  -7.759  -11.072 1.00 43.58 ? 100 ILE A CA   1 
ATOM   818  C  C    . ILE A 1 100 ? -2.342  -6.749  -11.658 1.00 44.03 ? 100 ILE A C    1 
ATOM   819  O  O    . ILE A 1 100 ? -1.244  -7.087  -12.060 1.00 45.32 ? 100 ILE A O    1 
ATOM   820  C  CB   . ILE A 1 100 ? -2.877  -8.337  -9.728  1.00 42.58 ? 100 ILE A CB   1 
ATOM   821  C  CG1  . ILE A 1 100 ? -4.034  -8.727  -8.798  1.00 43.81 ? 100 ILE A CG1  1 
ATOM   822  C  CG2  . ILE A 1 100 ? -2.011  -7.368  -8.930  1.00 42.92 ? 100 ILE A CG2  1 
ATOM   823  C  CD1  . ILE A 1 100 ? -3.886  -10.134 -8.205  1.00 43.90 ? 100 ILE A CD1  1 
ATOM   824  N  N    . ASN A 1 101 ? -2.681  -5.496  -11.724 1.00 43.64 ? 101 ASN A N    1 
ATOM   825  C  CA   . ASN A 1 101 ? -1.810  -4.483  -12.334 1.00 43.41 ? 101 ASN A CA   1 
ATOM   826  C  C    . ASN A 1 101 ? -2.396  -3.121  -12.032 1.00 43.15 ? 101 ASN A C    1 
ATOM   827  O  O    . ASN A 1 101 ? -3.519  -3.020  -11.536 1.00 42.76 ? 101 ASN A O    1 
ATOM   828  C  CB   . ASN A 1 101 ? -1.719  -4.724  -13.846 1.00 44.10 ? 101 ASN A CB   1 
ATOM   829  C  CG   . ASN A 1 101 ? -2.992  -4.321  -14.587 1.00 44.65 ? 101 ASN A CG   1 
ATOM   830  O  OD1  . ASN A 1 101 ? -3.726  -3.460  -14.109 1.00 44.94 ? 101 ASN A OD1  1 
ATOM   831  N  ND2  . ASN A 1 101 ? -3.301  -4.896  -15.733 1.00 44.96 ? 101 ASN A ND2  1 
ATOM   832  N  N    . SER A 1 102 ? -1.614  -2.156  -12.362 1.00 43.43 ? 102 SER A N    1 
ATOM   833  C  CA   . SER A 1 102 ? -1.861  -0.756  -12.058 1.00 43.29 ? 102 SER A CA   1 
ATOM   834  C  C    . SER A 1 102 ? -3.227  -0.162  -12.350 1.00 44.14 ? 102 SER A C    1 
ATOM   835  O  O    . SER A 1 102 ? -3.655  0.837   -11.701 1.00 44.59 ? 102 SER A O    1 
ATOM   836  C  CB   . SER A 1 102 ? -0.896  0.139   -12.839 1.00 42.00 ? 102 SER A CB   1 
ATOM   837  O  OG   . SER A 1 102 ? 0.408   -0.417  -12.821 1.00 42.60 ? 102 SER A OG   1 
ATOM   838  N  N    . THR A 1 103 ? -3.923  -0.691  -13.338 1.00 44.35 ? 103 THR A N    1 
ATOM   839  C  CA   . THR A 1 103 ? -5.246  -0.158  -13.717 1.00 43.62 ? 103 THR A CA   1 
ATOM   840  C  C    . THR A 1 103 ? -6.274  -0.815  -12.817 1.00 43.34 ? 103 THR A C    1 
ATOM   841  O  O    . THR A 1 103 ? -7.304  -0.250  -12.392 1.00 43.42 ? 103 THR A O    1 
ATOM   842  C  CB   . THR A 1 103 ? -5.451  -0.410  -15.254 1.00 45.94 ? 103 THR A CB   1 
ATOM   843  O  OG1  . THR A 1 103 ? -6.076  0.832   -15.744 1.00 47.40 ? 103 THR A OG1  1 
ATOM   844  C  CG2  . THR A 1 103 ? -6.245  -1.669  -15.658 1.00 46.14 ? 103 THR A CG2  1 
ATOM   845  N  N    . THR A 1 104 ? -5.882  -2.045  -12.463 1.00 42.24 ? 104 THR A N    1 
ATOM   846  C  CA   . THR A 1 104 ? -6.782  -2.882  -11.627 1.00 40.67 ? 104 THR A CA   1 
ATOM   847  C  C    . THR A 1 104 ? -6.733  -2.557  -10.153 1.00 38.90 ? 104 THR A C    1 
ATOM   848  O  O    . THR A 1 104 ? -7.784  -2.563  -9.481  1.00 38.84 ? 104 THR A O    1 
ATOM   849  C  CB   . THR A 1 104 ? -6.541  -4.395  -12.008 1.00 41.39 ? 104 THR A CB   1 
ATOM   850  O  OG1  . THR A 1 104 ? -7.803  -4.866  -12.642 1.00 41.38 ? 104 THR A OG1  1 
ATOM   851  C  CG2  . THR A 1 104 ? -6.078  -5.330  -10.909 1.00 40.34 ? 104 THR A CG2  1 
ATOM   852  N  N    . HIS A 1 105 ? -5.540  -2.166  -9.733  1.00 37.17 ? 105 HIS A N    1 
ATOM   853  C  CA   . HIS A 1 105 ? -5.230  -1.888  -8.321  1.00 34.32 ? 105 HIS A CA   1 
ATOM   854  C  C    . HIS A 1 105 ? -4.219  -0.753  -8.260  1.00 33.36 ? 105 HIS A C    1 
ATOM   855  O  O    . HIS A 1 105 ? -3.066  -1.016  -7.913  1.00 32.20 ? 105 HIS A O    1 
ATOM   856  C  CB   . HIS A 1 105 ? -4.663  -3.186  -7.700  1.00 34.01 ? 105 HIS A CB   1 
ATOM   857  C  CG   . HIS A 1 105 ? -5.437  -4.440  -7.609  1.00 34.13 ? 105 HIS A CG   1 
ATOM   858  N  ND1  . HIS A 1 105 ? -5.749  -5.064  -6.397  1.00 35.51 ? 105 HIS A ND1  1 
ATOM   859  C  CD2  . HIS A 1 105 ? -6.005  -5.269  -8.510  1.00 34.38 ? 105 HIS A CD2  1 
ATOM   860  C  CE1  . HIS A 1 105 ? -6.483  -6.154  -6.613  1.00 33.95 ? 105 HIS A CE1  1 
ATOM   861  N  NE2  . HIS A 1 105 ? -6.673  -6.288  -7.895  1.00 31.80 ? 105 HIS A NE2  1 
ATOM   862  N  N    . PRO A 1 106 ? -4.671  0.475   -8.586  1.00 32.71 ? 106 PRO A N    1 
ATOM   863  C  CA   . PRO A 1 106 ? -3.908  1.683   -8.662  1.00 31.86 ? 106 PRO A CA   1 
ATOM   864  C  C    . PRO A 1 106 ? -3.358  2.305   -7.370  1.00 31.71 ? 106 PRO A C    1 
ATOM   865  O  O    . PRO A 1 106 ? -2.511  3.229   -7.409  1.00 31.79 ? 106 PRO A O    1 
ATOM   866  C  CB   . PRO A 1 106 ? -4.861  2.746   -9.240  1.00 32.98 ? 106 PRO A CB   1 
ATOM   867  C  CG   . PRO A 1 106 ? -6.203  2.135   -9.413  1.00 32.28 ? 106 PRO A CG   1 
ATOM   868  C  CD   . PRO A 1 106 ? -6.075  0.707   -8.993  1.00 32.93 ? 106 PRO A CD   1 
ATOM   869  N  N    . GLY A 1 107 ? -3.946  1.893   -6.250  1.00 29.87 ? 107 GLY A N    1 
ATOM   870  C  CA   . GLY A 1 107 ? -3.411  2.463   -5.003  1.00 28.25 ? 107 GLY A CA   1 
ATOM   871  C  C    . GLY A 1 107 ? -2.109  1.740   -4.690  1.00 26.99 ? 107 GLY A C    1 
ATOM   872  O  O    . GLY A 1 107 ? -1.225  2.379   -4.090  1.00 26.64 ? 107 GLY A O    1 
ATOM   873  N  N    . ALA A 1 108 ? -2.063  0.447   -5.079  1.00 26.48 ? 108 ALA A N    1 
ATOM   874  C  CA   . ALA A 1 108 ? -0.819  -0.333  -4.731  1.00 23.89 ? 108 ALA A CA   1 
ATOM   875  C  C    . ALA A 1 108 ? 0.303   0.257   -5.589  1.00 22.89 ? 108 ALA A C    1 
ATOM   876  O  O    . ALA A 1 108 ? 0.075   0.992   -6.542  1.00 25.32 ? 108 ALA A O    1 
ATOM   877  C  CB   . ALA A 1 108 ? -1.194  -1.774  -4.816  1.00 24.10 ? 108 ALA A CB   1 
ATOM   878  N  N    . ASP A 1 109 ? 1.537   -0.015  -5.264  1.00 21.78 ? 109 ASP A N    1 
ATOM   879  C  CA   . ASP A 1 109 ? 2.642   0.639   -5.986  1.00 19.53 ? 109 ASP A CA   1 
ATOM   880  C  C    . ASP A 1 109 ? 3.494   -0.442  -6.661  1.00 20.30 ? 109 ASP A C    1 
ATOM   881  O  O    . ASP A 1 109 ? 4.626   -0.728  -6.245  1.00 21.58 ? 109 ASP A O    1 
ATOM   882  C  CB   . ASP A 1 109 ? 3.294   1.553   -4.928  1.00 20.18 ? 109 ASP A CB   1 
ATOM   883  C  CG   . ASP A 1 109 ? 4.685   2.112   -5.175  1.00 21.64 ? 109 ASP A CG   1 
ATOM   884  O  OD1  . ASP A 1 109 ? 4.921   2.889   -6.177  1.00 24.84 ? 109 ASP A OD1  1 
ATOM   885  O  OD2  . ASP A 1 109 ? 5.611   1.821   -4.337  1.00 19.33 ? 109 ASP A OD2  1 
ATOM   886  N  N    . LEU A 1 110 ? 2.857   -0.981  -7.706  1.00 20.08 ? 110 LEU A N    1 
ATOM   887  C  CA   . LEU A 1 110 ? 3.415   -2.036  -8.555  1.00 21.12 ? 110 LEU A CA   1 
ATOM   888  C  C    . LEU A 1 110 ? 4.521   -1.439  -9.430  1.00 20.80 ? 110 LEU A C    1 
ATOM   889  O  O    . LEU A 1 110 ? 4.264   -1.301  -10.625 1.00 20.85 ? 110 LEU A O    1 
ATOM   890  C  CB   . LEU A 1 110 ? 2.308   -2.676  -9.421  1.00 18.02 ? 110 LEU A CB   1 
ATOM   891  C  CG   . LEU A 1 110 ? 1.236   -3.512  -8.662  1.00 18.27 ? 110 LEU A CG   1 
ATOM   892  C  CD1  . LEU A 1 110 ? 1.422   -3.592  -7.138  1.00 15.22 ? 110 LEU A CD1  1 
ATOM   893  C  CD2  . LEU A 1 110 ? -0.183  -2.972  -8.864  1.00 17.17 ? 110 LEU A CD2  1 
ATOM   894  N  N    . ARG A 1 111 ? 5.651   -1.209  -8.823  1.00 21.82 ? 111 ARG A N    1 
ATOM   895  C  CA   . ARG A 1 111 ? 6.807   -0.591  -9.460  1.00 24.00 ? 111 ARG A CA   1 
ATOM   896  C  C    . ARG A 1 111 ? 7.868   -1.675  -9.606  1.00 25.07 ? 111 ARG A C    1 
ATOM   897  O  O    . ARG A 1 111 ? 7.867   -2.658  -8.852  1.00 25.77 ? 111 ARG A O    1 
ATOM   898  C  CB   . ARG A 1 111 ? 7.539   0.445   -8.631  1.00 26.21 ? 111 ARG A CB   1 
ATOM   899  C  CG   . ARG A 1 111 ? 6.514   1.503   -8.116  1.00 29.54 ? 111 ARG A CG   1 
ATOM   900  C  CD   . ARG A 1 111 ? 7.115   2.688   -7.359  1.00 30.23 ? 111 ARG A CD   1 
ATOM   901  N  NE   . ARG A 1 111 ? 8.521   2.523   -7.203  1.00 29.41 ? 111 ARG A NE   1 
ATOM   902  C  CZ   . ARG A 1 111 ? 9.223   2.508   -6.084  1.00 30.04 ? 111 ARG A CZ   1 
ATOM   903  N  NH1  . ARG A 1 111 ? 8.690   2.724   -4.876  1.00 31.84 ? 111 ARG A NH1  1 
ATOM   904  N  NH2  . ARG A 1 111 ? 10.513  2.232   -6.094  1.00 28.47 ? 111 ARG A NH2  1 
ATOM   905  N  N    . GLU A 1 112 ? 8.773   -1.497  -10.542 1.00 25.24 ? 112 GLU A N    1 
ATOM   906  C  CA   . GLU A 1 112 ? 9.847   -2.481  -10.743 1.00 25.04 ? 112 GLU A CA   1 
ATOM   907  C  C    . GLU A 1 112 ? 9.264   -3.901  -10.626 1.00 25.97 ? 112 GLU A C    1 
ATOM   908  O  O    . GLU A 1 112 ? 8.216   -4.217  -11.212 1.00 25.99 ? 112 GLU A O    1 
ATOM   909  C  CB   . GLU A 1 112 ? 10.911  -2.327  -9.644  1.00 27.21 ? 112 GLU A CB   1 
ATOM   910  C  CG   . GLU A 1 112 ? 12.095  -1.424  -10.011 1.00 30.20 ? 112 GLU A CG   1 
ATOM   911  C  CD   . GLU A 1 112 ? 11.695  0.021   -10.304 1.00 32.87 ? 112 GLU A CD   1 
ATOM   912  O  OE1  . GLU A 1 112 ? 11.222  0.322   -11.461 1.00 33.72 ? 112 GLU A OE1  1 
ATOM   913  O  OE2  . GLU A 1 112 ? 11.836  0.934   -9.400  1.00 34.05 ? 112 GLU A OE2  1 
ATOM   914  N  N    . ASN A 1 113 ? 9.963   -4.715  -9.845  1.00 25.52 ? 113 ASN A N    1 
ATOM   915  C  CA   . ASN A 1 113 ? 9.602   -6.130  -9.610  1.00 26.40 ? 113 ASN A CA   1 
ATOM   916  C  C    . ASN A 1 113 ? 9.582   -6.452  -8.123  1.00 26.91 ? 113 ASN A C    1 
ATOM   917  O  O    . ASN A 1 113 ? 10.022  -7.551  -7.752  1.00 28.33 ? 113 ASN A O    1 
ATOM   918  C  CB   . ASN A 1 113 ? 10.661  -7.027  -10.247 1.00 26.17 ? 113 ASN A CB   1 
ATOM   919  C  CG   . ASN A 1 113 ? 12.083  -6.638  -9.828  1.00 26.50 ? 113 ASN A CG   1 
ATOM   920  O  OD1  . ASN A 1 113 ? 13.023  -7.392  -10.076 1.00 28.20 ? 113 ASN A OD1  1 
ATOM   921  N  ND2  . ASN A 1 113 ? 12.300  -5.494  -9.202  1.00 25.12 ? 113 ASN A ND2  1 
ATOM   922  N  N    . PHE A 1 114 ? 9.329   -5.496  -7.278  1.00 27.19 ? 114 PHE A N    1 
ATOM   923  C  CA   . PHE A 1 114 ? 9.272   -5.411  -5.838  1.00 25.98 ? 114 PHE A CA   1 
ATOM   924  C  C    . PHE A 1 114 ? 7.977   -6.045  -5.281  1.00 25.58 ? 114 PHE A C    1 
ATOM   925  O  O    . PHE A 1 114 ? 6.874   -5.742  -5.746  1.00 26.67 ? 114 PHE A O    1 
ATOM   926  C  CB   . PHE A 1 114 ? 9.190   -3.944  -5.413  1.00 23.76 ? 114 PHE A CB   1 
ATOM   927  C  CG   . PHE A 1 114 ? 10.245  -2.975  -5.868  1.00 22.30 ? 114 PHE A CG   1 
ATOM   928  C  CD1  . PHE A 1 114 ? 11.591  -3.323  -5.842  1.00 22.87 ? 114 PHE A CD1  1 
ATOM   929  C  CD2  . PHE A 1 114 ? 9.830   -1.707  -6.283  1.00 21.72 ? 114 PHE A CD2  1 
ATOM   930  C  CE1  . PHE A 1 114 ? 12.547  -2.387  -6.241  1.00 21.66 ? 114 PHE A CE1  1 
ATOM   931  C  CE2  . PHE A 1 114 ? 10.784  -0.768  -6.678  1.00 20.17 ? 114 PHE A CE2  1 
ATOM   932  C  CZ   . PHE A 1 114 ? 12.144  -1.108  -6.658  1.00 21.00 ? 114 PHE A CZ   1 
ATOM   933  N  N    . CYS A 1 115 ? 8.167   -6.885  -4.284  1.00 25.55 ? 115 CYS A N    1 
ATOM   934  C  CA   . CYS A 1 115 ? 7.043   -7.572  -3.555  1.00 25.15 ? 115 CYS A CA   1 
ATOM   935  C  C    . CYS A 1 115 ? 6.002   -6.622  -3.062  1.00 23.93 ? 115 CYS A C    1 
ATOM   936  O  O    . CYS A 1 115 ? 6.297   -5.511  -2.613  1.00 23.42 ? 115 CYS A O    1 
ATOM   937  C  CB   . CYS A 1 115 ? 7.778   -8.315  -2.440  1.00 26.49 ? 115 CYS A CB   1 
ATOM   938  S  SG   . CYS A 1 115 ? 9.104   -9.450  -3.083  1.00 27.86 ? 115 CYS A SG   1 
ATOM   939  N  N    . ARG A 1 116 ? 4.701   -7.003  -3.094  1.00 23.52 ? 116 ARG A N    1 
ATOM   940  C  CA   . ARG A 1 116 ? 3.658   -6.000  -2.732  1.00 23.70 ? 116 ARG A CA   1 
ATOM   941  C  C    . ARG A 1 116 ? 2.420   -6.461  -1.887  1.00 25.72 ? 116 ARG A C    1 
ATOM   942  O  O    . ARG A 1 116 ? 2.187   -5.991  -0.772  1.00 27.84 ? 116 ARG A O    1 
ATOM   943  C  CB   . ARG A 1 116 ? 3.066   -5.382  -4.002  1.00 23.95 ? 116 ARG A CB   1 
ATOM   944  C  CG   . ARG A 1 116 ? 3.953   -4.286  -4.612  1.00 20.71 ? 116 ARG A CG   1 
ATOM   945  C  CD   . ARG A 1 116 ? 3.787   -2.923  -3.933  1.00 20.75 ? 116 ARG A CD   1 
ATOM   946  N  NE   . ARG A 1 116 ? 4.850   -2.661  -2.962  1.00 17.12 ? 116 ARG A NE   1 
ATOM   947  C  CZ   . ARG A 1 116 ? 5.886   -1.838  -3.170  1.00 14.73 ? 116 ARG A CZ   1 
ATOM   948  N  NH1  . ARG A 1 116 ? 6.014   -1.145  -4.311  1.00 12.71 ? 116 ARG A NH1  1 
ATOM   949  N  NH2  . ARG A 1 116 ? 6.874   -1.658  -2.288  1.00 14.66 ? 116 ARG A NH2  1 
ATOM   950  N  N    . ASN A 1 117 ? 1.602   -7.353  -2.398  1.00 24.76 ? 117 ASN A N    1 
ATOM   951  C  CA   . ASN A 1 117 ? 0.304   -7.712  -1.739  1.00 25.40 ? 117 ASN A CA   1 
ATOM   952  C  C    . ASN A 1 117 ? -0.706  -6.597  -2.092  1.00 24.77 ? 117 ASN A C    1 
ATOM   953  O  O    . ASN A 1 117 ? -1.101  -5.877  -1.143  1.00 25.15 ? 117 ASN A O    1 
ATOM   954  C  CB   . ASN A 1 117 ? 0.393   -7.873  -0.236  1.00 22.92 ? 117 ASN A CB   1 
ATOM   955  C  CG   . ASN A 1 117 ? -0.830  -8.642  0.280   1.00 22.12 ? 117 ASN A CG   1 
ATOM   956  O  OD1  . ASN A 1 117 ? -1.812  -8.791  -0.455  1.00 23.32 ? 117 ASN A OD1  1 
ATOM   957  N  ND2  . ASN A 1 117 ? -0.842  -9.148  1.494   1.00 18.30 ? 117 ASN A ND2  1 
ATOM   958  N  N    . PRO A 1 118 ? -1.184  -6.591  -3.324  1.00 23.67 ? 118 PRO A N    1 
ATOM   959  C  CA   . PRO A 1 118 ? -2.188  -5.658  -3.776  1.00 23.50 ? 118 PRO A CA   1 
ATOM   960  C  C    . PRO A 1 118 ? -3.554  -6.138  -3.256  1.00 23.40 ? 118 PRO A C    1 
ATOM   961  O  O    . PRO A 1 118 ? -4.514  -5.408  -2.965  1.00 23.38 ? 118 PRO A O    1 
ATOM   962  C  CB   . PRO A 1 118 ? -2.199  -5.697  -5.298  1.00 23.22 ? 118 PRO A CB   1 
ATOM   963  C  CG   . PRO A 1 118 ? -1.269  -6.804  -5.689  1.00 23.93 ? 118 PRO A CG   1 
ATOM   964  C  CD   . PRO A 1 118 ? -0.622  -7.378  -4.452  1.00 24.33 ? 118 PRO A CD   1 
ATOM   965  N  N    . ASP A 1 119 ? -3.640  -7.454  -3.248  1.00 22.94 ? 119 ASP A N    1 
ATOM   966  C  CA   . ASP A 1 119 ? -4.758  -8.298  -2.833  1.00 21.70 ? 119 ASP A CA   1 
ATOM   967  C  C    . ASP A 1 119 ? -4.875  -8.670  -1.339  1.00 22.14 ? 119 ASP A C    1 
ATOM   968  O  O    . ASP A 1 119 ? -6.033  -8.993  -0.971  1.00 21.26 ? 119 ASP A O    1 
ATOM   969  C  CB   . ASP A 1 119 ? -4.792  -9.542  -3.671  1.00 21.23 ? 119 ASP A CB   1 
ATOM   970  C  CG   . ASP A 1 119 ? -3.620  -10.449 -3.777  1.00 22.35 ? 119 ASP A CG   1 
ATOM   971  O  OD1  . ASP A 1 119 ? -2.603  -10.069 -3.162  1.00 23.60 ? 119 ASP A OD1  1 
ATOM   972  O  OD2  . ASP A 1 119 ? -3.754  -11.567 -4.402  1.00 25.14 ? 119 ASP A OD2  1 
ATOM   973  N  N    . GLY A 1 120 ? -3.836  -8.681  -0.544  1.00 22.22 ? 120 GLY A N    1 
ATOM   974  C  CA   . GLY A 1 120 ? -4.016  -9.043  0.889   1.00 23.68 ? 120 GLY A CA   1 
ATOM   975  C  C    . GLY A 1 120 ? -4.137  -10.574 1.039   1.00 24.57 ? 120 GLY A C    1 
ATOM   976  O  O    . GLY A 1 120 ? -4.982  -11.109 1.771   1.00 24.59 ? 120 GLY A O    1 
ATOM   977  N  N    . SER A 1 121 ? -3.226  -11.209 0.322   1.00 25.01 ? 121 SER A N    1 
ATOM   978  C  CA   . SER A 1 121 ? -3.110  -12.691 0.352   1.00 25.00 ? 121 SER A CA   1 
ATOM   979  C  C    . SER A 1 121 ? -2.714  -12.895 1.829   1.00 24.69 ? 121 SER A C    1 
ATOM   980  O  O    . SER A 1 121 ? -1.956  -12.015 2.318   1.00 24.58 ? 121 SER A O    1 
ATOM   981  C  CB   . SER A 1 121 ? -2.261  -13.286 -0.733  1.00 24.07 ? 121 SER A CB   1 
ATOM   982  O  OG   . SER A 1 121 ? -0.880  -13.512 -0.572  1.00 23.49 ? 121 SER A OG   1 
ATOM   983  N  N    . ILE A 1 122 ? -3.209  -13.953 2.458   1.00 24.41 ? 122 ILE A N    1 
ATOM   984  C  CA   . ILE A 1 122 ? -2.920  -14.126 3.899   1.00 23.83 ? 122 ILE A CA   1 
ATOM   985  C  C    . ILE A 1 122 ? -1.478  -14.467 4.168   1.00 24.73 ? 122 ILE A C    1 
ATOM   986  O  O    . ILE A 1 122 ? -1.087  -14.390 5.350   1.00 25.51 ? 122 ILE A O    1 
ATOM   987  C  CB   . ILE A 1 122 ? -3.970  -15.075 4.513   1.00 22.93 ? 122 ILE A CB   1 
ATOM   988  C  CG1  . ILE A 1 122 ? -3.814  -16.440 3.792   1.00 25.50 ? 122 ILE A CG1  1 
ATOM   989  C  CG2  . ILE A 1 122 ? -5.420  -14.542 4.474   1.00 23.69 ? 122 ILE A CG2  1 
ATOM   990  C  CD1  . ILE A 1 122 ? -2.762  -17.378 4.505   1.00 23.66 ? 122 ILE A CD1  1 
ATOM   991  N  N    . THR A 1 123 ? -0.705  -14.759 3.112   1.00 23.78 ? 123 THR A N    1 
ATOM   992  C  CA   . THR A 1 123 ? 0.736   -15.069 3.274   1.00 22.20 ? 123 THR A CA   1 
ATOM   993  C  C    . THR A 1 123 ? 1.626   -13.863 2.966   1.00 21.42 ? 123 THR A C    1 
ATOM   994  O  O    . THR A 1 123 ? 2.875   -13.973 2.923   1.00 20.77 ? 123 THR A O    1 
ATOM   995  C  CB   . THR A 1 123 ? 1.217   -16.361 2.521   1.00 21.40 ? 123 THR A CB   1 
ATOM   996  O  OG1  . THR A 1 123 ? 0.574   -16.379 1.212   1.00 22.20 ? 123 THR A OG1  1 
ATOM   997  C  CG2  . THR A 1 123 ? 0.977   -17.708 3.196   1.00 20.90 ? 123 THR A CG2  1 
ATOM   998  N  N    . GLY A 1 124 ? 1.018   -12.692 2.852   1.00 21.02 ? 124 GLY A N    1 
ATOM   999  C  CA   . GLY A 1 124 ? 1.785   -11.488 2.673   1.00 22.27 ? 124 GLY A CA   1 
ATOM   1000 C  C    . GLY A 1 124 ? 2.268   -11.040 1.315   1.00 24.33 ? 124 GLY A C    1 
ATOM   1001 O  O    . GLY A 1 124 ? 1.850   -11.499 0.252   1.00 22.28 ? 124 GLY A O    1 
ATOM   1002 N  N    . PRO A 1 125 ? 3.198   -10.084 1.400   1.00 25.45 ? 125 PRO A N    1 
ATOM   1003 C  CA   . PRO A 1 125 ? 3.726   -9.449  0.190   1.00 26.64 ? 125 PRO A CA   1 
ATOM   1004 C  C    . PRO A 1 125 ? 4.394   -10.511 -0.695  1.00 28.04 ? 125 PRO A C    1 
ATOM   1005 O  O    . PRO A 1 125 ? 5.214   -11.340 -0.240  1.00 30.38 ? 125 PRO A O    1 
ATOM   1006 C  CB   . PRO A 1 125 ? 4.610   -8.313  0.683   1.00 26.01 ? 125 PRO A CB   1 
ATOM   1007 C  CG   . PRO A 1 125 ? 4.700   -8.397  2.155   1.00 26.15 ? 125 PRO A CG   1 
ATOM   1008 C  CD   . PRO A 1 125 ? 3.785   -9.521  2.620   1.00 25.42 ? 125 PRO A CD   1 
ATOM   1009 N  N    . TRP A 1 126 ? 4.037   -10.514 -1.944  1.00 27.26 ? 126 TRP A N    1 
ATOM   1010 C  CA   . TRP A 1 126 ? 4.455   -11.361 -3.040  1.00 27.21 ? 126 TRP A CA   1 
ATOM   1011 C  C    . TRP A 1 126 ? 4.762   -10.498 -4.295  1.00 27.06 ? 126 TRP A C    1 
ATOM   1012 O  O    . TRP A 1 126 ? 4.954   -9.276  -4.254  1.00 25.53 ? 126 TRP A O    1 
ATOM   1013 C  CB   . TRP A 1 126 ? 3.343   -12.385 -3.331  1.00 26.67 ? 126 TRP A CB   1 
ATOM   1014 C  CG   . TRP A 1 126 ? 2.046   -11.743 -3.653  1.00 26.59 ? 126 TRP A CG   1 
ATOM   1015 C  CD1  . TRP A 1 126 ? 1.144   -11.175 -2.772  1.00 25.98 ? 126 TRP A CD1  1 
ATOM   1016 C  CD2  . TRP A 1 126 ? 1.537   -11.443 -4.952  1.00 26.99 ? 126 TRP A CD2  1 
ATOM   1017 N  NE1  . TRP A 1 126 ? 0.031   -10.676 -3.436  1.00 25.94 ? 126 TRP A NE1  1 
ATOM   1018 C  CE2  . TRP A 1 126 ? 0.279   -10.800 -4.777  1.00 26.72 ? 126 TRP A CE2  1 
ATOM   1019 C  CE3  . TRP A 1 126 ? 2.027   -11.674 -6.251  1.00 27.74 ? 126 TRP A CE3  1 
ATOM   1020 C  CZ2  . TRP A 1 126 ? -0.505  -10.399 -5.861  1.00 27.68 ? 126 TRP A CZ2  1 
ATOM   1021 C  CZ3  . TRP A 1 126 ? 1.171   -11.385 -7.285  1.00 25.62 ? 126 TRP A CZ3  1 
ATOM   1022 C  CH2  . TRP A 1 126 ? -0.058  -10.762 -7.128  1.00 25.83 ? 126 TRP A CH2  1 
ATOM   1023 N  N    . CYS A 1 127 ? 4.923   -11.253 -5.382  1.00 27.59 ? 127 CYS A N    1 
ATOM   1024 C  CA   . CYS A 1 127 ? 5.202   -10.759 -6.739  1.00 26.08 ? 127 CYS A CA   1 
ATOM   1025 C  C    . CYS A 1 127 ? 5.168   -11.978 -7.682  1.00 25.58 ? 127 CYS A C    1 
ATOM   1026 O  O    . CYS A 1 127 ? 5.062   -13.038 -7.071  1.00 23.98 ? 127 CYS A O    1 
ATOM   1027 C  CB   . CYS A 1 127 ? 6.623   -10.228 -6.726  1.00 24.82 ? 127 CYS A CB   1 
ATOM   1028 S  SG   . CYS A 1 127 ? 7.751   -11.688 -6.637  1.00 25.11 ? 127 CYS A SG   1 
ATOM   1029 N  N    . TYR A 1 128 ? 5.157   -11.767 -9.003  1.00 25.14 ? 128 TYR A N    1 
ATOM   1030 C  CA   . TYR A 1 128 ? 5.161   -12.888 -9.963  1.00 25.36 ? 128 TYR A CA   1 
ATOM   1031 C  C    . TYR A 1 128 ? 6.628   -13.266 -10.179 1.00 26.00 ? 128 TYR A C    1 
ATOM   1032 O  O    . TYR A 1 128 ? 7.460   -12.329 -10.158 1.00 26.43 ? 128 TYR A O    1 
ATOM   1033 C  CB   . TYR A 1 128 ? 4.529   -12.719 -11.337 1.00 24.97 ? 128 TYR A CB   1 
ATOM   1034 C  CG   . TYR A 1 128 ? 3.061   -12.330 -11.293 1.00 24.09 ? 128 TYR A CG   1 
ATOM   1035 C  CD1  . TYR A 1 128 ? 2.760   -10.976 -11.116 1.00 23.37 ? 128 TYR A CD1  1 
ATOM   1036 C  CD2  . TYR A 1 128 ? 2.031   -13.278 -11.237 1.00 23.35 ? 128 TYR A CD2  1 
ATOM   1037 C  CE1  . TYR A 1 128 ? 1.446   -10.549 -10.982 1.00 23.58 ? 128 TYR A CE1  1 
ATOM   1038 C  CE2  . TYR A 1 128 ? 0.706   -12.838 -11.133 1.00 23.29 ? 128 TYR A CE2  1 
ATOM   1039 C  CZ   . TYR A 1 128 ? 0.409   -11.482 -10.963 1.00 23.25 ? 128 TYR A CZ   1 
ATOM   1040 O  OH   . TYR A 1 128 ? -0.863  -10.978 -10.902 1.00 22.22 ? 128 TYR A OH   1 
ATOM   1041 N  N    . THR A 1 129 ? 6.873   -14.553 -10.338 1.00 26.83 ? 129 THR A N    1 
ATOM   1042 C  CA   . THR A 1 129 ? 8.304   -14.912 -10.506 1.00 28.36 ? 129 THR A CA   1 
ATOM   1043 C  C    . THR A 1 129 ? 8.643   -15.043 -11.993 1.00 28.64 ? 129 THR A C    1 
ATOM   1044 O  O    . THR A 1 129 ? 7.797   -15.139 -12.911 1.00 27.65 ? 129 THR A O    1 
ATOM   1045 C  CB   . THR A 1 129 ? 8.688   -16.177 -9.654  1.00 29.68 ? 129 THR A CB   1 
ATOM   1046 O  OG1  . THR A 1 129 ? 7.863   -17.234 -10.233 1.00 31.92 ? 129 THR A OG1  1 
ATOM   1047 C  CG2  . THR A 1 129 ? 8.391   -16.074 -8.139  1.00 30.06 ? 129 THR A CG2  1 
ATOM   1048 N  N    . THR A 1 130 ? 9.964   -15.075 -12.128 1.00 29.40 ? 130 THR A N    1 
ATOM   1049 C  CA   . THR A 1 130 ? 10.596  -15.295 -13.447 1.00 31.79 ? 130 THR A CA   1 
ATOM   1050 C  C    . THR A 1 130 ? 10.598  -16.784 -13.811 1.00 32.88 ? 130 THR A C    1 
ATOM   1051 O  O    . THR A 1 130 ? 10.423  -17.165 -15.009 1.00 32.34 ? 130 THR A O    1 
ATOM   1052 C  CB   . THR A 1 130 ? 11.934  -14.455 -13.463 1.00 32.39 ? 130 THR A CB   1 
ATOM   1053 O  OG1  . THR A 1 130 ? 12.630  -14.860 -12.244 1.00 33.77 ? 130 THR A OG1  1 
ATOM   1054 C  CG2  . THR A 1 130 ? 11.738  -12.924 -13.518 1.00 31.17 ? 130 THR A CG2  1 
ATOM   1055 N  N    . SER A 1 131 ? 10.716  -17.717 -12.847 1.00 33.28 ? 131 SER A N    1 
ATOM   1056 C  CA   . SER A 1 131 ? 10.608  -19.131 -13.198 1.00 33.82 ? 131 SER A CA   1 
ATOM   1057 C  C    . SER A 1 131 ? 9.287   -19.378 -13.938 1.00 35.42 ? 131 SER A C    1 
ATOM   1058 O  O    . SER A 1 131 ? 8.142   -19.155 -13.476 1.00 36.09 ? 131 SER A O    1 
ATOM   1059 C  CB   . SER A 1 131 ? 10.643  -20.048 -11.986 1.00 35.10 ? 131 SER A CB   1 
ATOM   1060 O  OG   . SER A 1 131 ? 9.900   -21.240 -12.244 1.00 33.91 ? 131 SER A OG   1 
ATOM   1061 N  N    . PRO A 1 132 ? 9.394   -19.935 -15.135 1.00 36.83 ? 132 PRO A N    1 
ATOM   1062 C  CA   . PRO A 1 132 ? 8.195   -20.287 -15.906 1.00 36.98 ? 132 PRO A CA   1 
ATOM   1063 C  C    . PRO A 1 132 ? 7.291   -21.171 -15.076 1.00 37.47 ? 132 PRO A C    1 
ATOM   1064 O  O    . PRO A 1 132 ? 6.052   -20.996 -15.249 1.00 39.42 ? 132 PRO A O    1 
ATOM   1065 C  CB   . PRO A 1 132 ? 8.678   -20.848 -17.222 1.00 36.81 ? 132 PRO A CB   1 
ATOM   1066 C  CG   . PRO A 1 132 ? 10.169  -20.767 -17.235 1.00 37.11 ? 132 PRO A CG   1 
ATOM   1067 C  CD   . PRO A 1 132 ? 10.626  -20.245 -15.879 1.00 37.18 ? 132 PRO A CD   1 
ATOM   1068 N  N    . THR A 1 133 ? 7.745   -22.066 -14.224 1.00 37.71 ? 133 THR A N    1 
ATOM   1069 C  CA   . THR A 1 133 ? 6.834   -22.927 -13.463 1.00 37.85 ? 133 THR A CA   1 
ATOM   1070 C  C    . THR A 1 133 ? 6.103   -22.398 -12.230 1.00 37.33 ? 133 THR A C    1 
ATOM   1071 O  O    . THR A 1 133 ? 5.040   -22.942 -11.852 1.00 36.67 ? 133 THR A O    1 
ATOM   1072 C  CB   . THR A 1 133 ? 7.527   -24.244 -12.905 1.00 38.41 ? 133 THR A CB   1 
ATOM   1073 O  OG1  . THR A 1 133 ? 8.927   -24.013 -12.760 1.00 37.48 ? 133 THR A OG1  1 
ATOM   1074 C  CG2  . THR A 1 133 ? 7.278   -25.451 -13.810 1.00 39.12 ? 133 THR A CG2  1 
ATOM   1075 N  N    . LEU A 1 134 ? 6.642   -21.400 -11.625 1.00 35.04 ? 134 LEU A N    1 
ATOM   1076 C  CA   . LEU A 1 134 ? 6.071   -20.841 -10.396 1.00 32.86 ? 134 LEU A CA   1 
ATOM   1077 C  C    . LEU A 1 134 ? 5.635   -19.395 -10.713 1.00 31.29 ? 134 LEU A C    1 
ATOM   1078 O  O    . LEU A 1 134 ? 6.449   -18.481 -10.820 1.00 29.87 ? 134 LEU A O    1 
ATOM   1079 C  CB   . LEU A 1 134 ? 7.201   -21.000 -9.358  1.00 32.70 ? 134 LEU A CB   1 
ATOM   1080 C  CG   . LEU A 1 134 ? 6.870   -20.697 -7.905  1.00 32.84 ? 134 LEU A CG   1 
ATOM   1081 C  CD1  . LEU A 1 134 ? 7.403   -19.319 -7.505  1.00 31.90 ? 134 LEU A CD1  1 
ATOM   1082 C  CD2  . LEU A 1 134 ? 5.373   -20.737 -7.603  1.00 29.71 ? 134 LEU A CD2  1 
ATOM   1083 N  N    . ARG A 1 135 ? 4.337   -19.215 -10.875 1.00 31.04 ? 135 ARG A N    1 
ATOM   1084 C  CA   . ARG A 1 135 ? 3.749   -17.904 -11.231 1.00 31.21 ? 135 ARG A CA   1 
ATOM   1085 C  C    . ARG A 1 135 ? 4.002   -16.851 -10.115 1.00 32.46 ? 135 ARG A C    1 
ATOM   1086 O  O    . ARG A 1 135 ? 4.739   -15.872 -10.313 1.00 31.44 ? 135 ARG A O    1 
ATOM   1087 C  CB   . ARG A 1 135 ? 2.252   -18.112 -11.490 1.00 31.33 ? 135 ARG A CB   1 
ATOM   1088 C  CG   . ARG A 1 135 ? 1.372   -16.901 -11.190 1.00 32.04 ? 135 ARG A CG   1 
ATOM   1089 C  CD   . ARG A 1 135 ? -0.049  -17.063 -11.749 1.00 32.86 ? 135 ARG A CD   1 
ATOM   1090 N  NE   . ARG A 1 135 ? -0.083  -16.874 -13.197 1.00 34.15 ? 135 ARG A NE   1 
ATOM   1091 C  CZ   . ARG A 1 135 ? -0.748  -15.900 -13.825 1.00 35.42 ? 135 ARG A CZ   1 
ATOM   1092 N  NH1  . ARG A 1 135 ? -1.487  -15.006 -13.150 1.00 34.75 ? 135 ARG A NH1  1 
ATOM   1093 N  NH2  . ARG A 1 135 ? -0.713  -15.722 -15.148 1.00 33.95 ? 135 ARG A NH2  1 
ATOM   1094 N  N    . ARG A 1 136 ? 3.369   -17.055 -8.966  1.00 31.98 ? 136 ARG A N    1 
ATOM   1095 C  CA   . ARG A 1 136 ? 3.499   -16.141 -7.795  1.00 31.66 ? 136 ARG A CA   1 
ATOM   1096 C  C    . ARG A 1 136 ? 4.143   -16.861 -6.595  1.00 32.64 ? 136 ARG A C    1 
ATOM   1097 O  O    . ARG A 1 136 ? 4.195   -18.094 -6.540  1.00 32.60 ? 136 ARG A O    1 
ATOM   1098 C  CB   . ARG A 1 136 ? 2.128   -15.646 -7.325  1.00 30.96 ? 136 ARG A CB   1 
ATOM   1099 C  CG   . ARG A 1 136 ? 1.206   -15.165 -8.452  1.00 30.44 ? 136 ARG A CG   1 
ATOM   1100 C  CD   . ARG A 1 136 ? -0.219  -14.903 -7.950  1.00 27.99 ? 136 ARG A CD   1 
ATOM   1101 N  NE   . ARG A 1 136 ? -0.290  -14.964 -6.485  1.00 27.65 ? 136 ARG A NE   1 
ATOM   1102 C  CZ   . ARG A 1 136 ? -1.023  -14.155 -5.704  1.00 25.86 ? 136 ARG A CZ   1 
ATOM   1103 N  NH1  . ARG A 1 136 ? -1.802  -13.191 -6.219  1.00 24.30 ? 136 ARG A NH1  1 
ATOM   1104 N  NH2  . ARG A 1 136 ? -1.028  -14.229 -4.369  1.00 25.39 ? 136 ARG A NH2  1 
ATOM   1105 N  N    . GLU A 1 137 ? 4.612   -16.060 -5.640  1.00 32.37 ? 137 GLU A N    1 
ATOM   1106 C  CA   . GLU A 1 137 ? 5.258   -16.581 -4.413  1.00 32.68 ? 137 GLU A CA   1 
ATOM   1107 C  C    . GLU A 1 137 ? 5.493   -15.454 -3.388  1.00 32.64 ? 137 GLU A C    1 
ATOM   1108 O  O    . GLU A 1 137 ? 5.874   -14.330 -3.755  1.00 32.47 ? 137 GLU A O    1 
ATOM   1109 C  CB   . GLU A 1 137 ? 6.608   -17.204 -4.764  1.00 33.13 ? 137 GLU A CB   1 
ATOM   1110 C  CG   . GLU A 1 137 ? 6.818   -18.574 -4.123  1.00 34.78 ? 137 GLU A CG   1 
ATOM   1111 C  CD   . GLU A 1 137 ? 8.242   -18.776 -3.606  1.00 35.14 ? 137 GLU A CD   1 
ATOM   1112 O  OE1  . GLU A 1 137 ? 9.150   -17.897 -3.863  1.00 33.92 ? 137 GLU A OE1  1 
ATOM   1113 O  OE2  . GLU A 1 137 ? 8.533   -19.825 -2.914  1.00 36.16 ? 137 GLU A OE2  1 
ATOM   1114 N  N    . GLU A 1 138 ? 5.255   -15.811 -2.122  1.00 31.42 ? 138 GLU A N    1 
ATOM   1115 C  CA   . GLU A 1 138 ? 5.421   -14.893 -0.971  1.00 30.34 ? 138 GLU A CA   1 
ATOM   1116 C  C    . GLU A 1 138 ? 6.879   -14.467 -0.878  1.00 28.81 ? 138 GLU A C    1 
ATOM   1117 O  O    . GLU A 1 138 ? 7.791   -15.196 -1.293  1.00 27.46 ? 138 GLU A O    1 
ATOM   1118 C  CB   . GLU A 1 138 ? 4.984   -15.602 0.347   1.00 32.83 ? 138 GLU A CB   1 
ATOM   1119 C  CG   . GLU A 1 138 ? 6.090   -15.679 1.427   1.00 35.03 ? 138 GLU A CG   1 
ATOM   1120 C  CD   . GLU A 1 138 ? 5.678   -16.468 2.700   1.00 38.54 ? 138 GLU A CD   1 
ATOM   1121 O  OE1  . GLU A 1 138 ? 5.117   -15.864 3.697   1.00 36.29 ? 138 GLU A OE1  1 
ATOM   1122 O  OE2  . GLU A 1 138 ? 5.896   -17.740 2.785   1.00 38.32 ? 138 GLU A OE2  1 
ATOM   1123 N  N    . CYS A 1 139 ? 7.055   -13.289 -0.354  1.00 27.79 ? 139 CYS A N    1 
ATOM   1124 C  CA   . CYS A 1 139 ? 8.377   -12.726 -0.137  1.00 29.29 ? 139 CYS A CA   1 
ATOM   1125 C  C    . CYS A 1 139 ? 8.588   -12.482 1.424   1.00 29.64 ? 139 CYS A C    1 
ATOM   1126 O  O    . CYS A 1 139 ? 7.645   -12.435 2.210   1.00 29.22 ? 139 CYS A O    1 
ATOM   1127 C  CB   . CYS A 1 139 ? 8.501   -11.337 -0.765  1.00 27.69 ? 139 CYS A CB   1 
ATOM   1128 S  SG   . CYS A 1 139 ? 8.426   -11.317 -2.615  1.00 28.39 ? 139 CYS A SG   1 
ATOM   1129 N  N    . SER A 1 140 ? 9.822   -12.398 1.839   1.00 31.10 ? 140 SER A N    1 
ATOM   1130 C  CA   . SER A 1 140 ? 10.271  -12.257 3.217   1.00 32.69 ? 140 SER A CA   1 
ATOM   1131 C  C    . SER A 1 140 ? 10.638  -10.792 3.463   1.00 32.83 ? 140 SER A C    1 
ATOM   1132 O  O    . SER A 1 140 ? 11.755  -10.334 3.155   1.00 33.48 ? 140 SER A O    1 
ATOM   1133 C  CB   . SER A 1 140 ? 11.506  -13.048 3.605   1.00 33.95 ? 140 SER A CB   1 
ATOM   1134 O  OG   . SER A 1 140 ? 12.430  -12.982 2.503   1.00 37.62 ? 140 SER A OG   1 
ATOM   1135 N  N    . VAL A 1 141 ? 9.644   -10.149 4.030   1.00 33.82 ? 141 VAL A N    1 
ATOM   1136 C  CA   . VAL A 1 141 ? 9.794   -8.741  4.416   1.00 34.14 ? 141 VAL A CA   1 
ATOM   1137 C  C    . VAL A 1 141 ? 9.612   -8.511  5.920   1.00 33.57 ? 141 VAL A C    1 
ATOM   1138 O  O    . VAL A 1 141 ? 8.698   -9.023  6.574   1.00 33.63 ? 141 VAL A O    1 
ATOM   1139 C  CB   . VAL A 1 141 ? 8.750   -7.931  3.606   1.00 34.82 ? 141 VAL A CB   1 
ATOM   1140 C  CG1  . VAL A 1 141 ? 8.428   -6.618  4.297   1.00 34.44 ? 141 VAL A CG1  1 
ATOM   1141 C  CG2  . VAL A 1 141 ? 9.227   -7.856  2.167   1.00 34.97 ? 141 VAL A CG2  1 
ATOM   1142 N  N    . PRO A 1 142 ? 10.435  -7.617  6.393   1.00 33.14 ? 142 PRO A N    1 
ATOM   1143 C  CA   . PRO A 1 142 ? 10.420  -7.183  7.776   1.00 33.11 ? 142 PRO A CA   1 
ATOM   1144 C  C    . PRO A 1 142 ? 9.037   -6.675  8.192   1.00 33.01 ? 142 PRO A C    1 
ATOM   1145 O  O    . PRO A 1 142 ? 8.381   -5.824  7.572   1.00 32.53 ? 142 PRO A O    1 
ATOM   1146 C  CB   . PRO A 1 142 ? 11.531  -6.164  7.891   1.00 33.42 ? 142 PRO A CB   1 
ATOM   1147 C  CG   . PRO A 1 142 ? 12.199  -6.041  6.564   1.00 33.80 ? 142 PRO A CG   1 
ATOM   1148 C  CD   . PRO A 1 142 ? 11.501  -6.974  5.587   1.00 33.77 ? 142 PRO A CD   1 
ATOM   1149 N  N    . VAL A 1 143 ? 8.634   -7.229  9.329   1.00 32.50 ? 143 VAL A N    1 
ATOM   1150 C  CA   . VAL A 1 143 ? 7.354   -6.998  9.982   1.00 32.23 ? 143 VAL A CA   1 
ATOM   1151 C  C    . VAL A 1 143 ? 7.405   -5.790  10.924  1.00 32.13 ? 143 VAL A C    1 
ATOM   1152 O  O    . VAL A 1 143 ? 8.289   -5.628  11.758  1.00 30.93 ? 143 VAL A O    1 
ATOM   1153 C  CB   . VAL A 1 143 ? 6.785   -8.264  10.673  1.00 31.64 ? 143 VAL A CB   1 
ATOM   1154 C  CG1  . VAL A 1 143 ? 5.270   -8.227  10.831  1.00 29.84 ? 143 VAL A CG1  1 
ATOM   1155 C  CG2  . VAL A 1 143 ? 7.198   -9.540  9.959   1.00 32.41 ? 143 VAL A CG2  1 
ATOM   1156 N  N    . CYS A 1 144 ? 6.339   -5.013  10.699  1.00 33.11 ? 144 CYS A N    1 
ATOM   1157 C  CA   . CYS A 1 144 ? 6.040   -3.793  11.455  1.00 33.12 ? 144 CYS A CA   1 
ATOM   1158 C  C    . CYS A 1 144 ? 6.082   -4.219  12.925  1.00 34.48 ? 144 CYS A C    1 
ATOM   1159 O  O    . CYS A 1 144 ? 5.327   -5.108  13.359  1.00 33.61 ? 144 CYS A O    1 
ATOM   1160 C  CB   . CYS A 1 144 ? 4.707   -3.160  11.097  1.00 32.46 ? 144 CYS A CB   1 
ATOM   1161 S  SG   . CYS A 1 144 ? 4.790   -2.227  9.555   1.00 32.04 ? 144 CYS A SG   1 
ATOM   1162 N  N    . GLY A 1 145 ? 7.037   -3.558  13.552  1.00 36.14 ? 145 GLY A N    1 
ATOM   1163 C  CA   . GLY A 1 145 ? 7.290   -3.852  14.990  1.00 39.24 ? 145 GLY A CA   1 
ATOM   1164 C  C    . GLY A 1 145 ? 8.830   -4.025  15.029  1.00 40.79 ? 145 GLY A C    1 
ATOM   1165 O  O    . GLY A 1 145 ? 9.392   -2.964  14.633  1.00 41.85 ? 145 GLY A O    1 
ATOM   1166 N  N    . GLN A 1 146 ? 9.288   -5.118  15.390  1.00 43.14 ? 146 GLN A N    1 
HETATM 1167 CA CA   . CA  B 2 .   ? -16.064 17.461  -1.454  1.00 24.78 ? 171 CA  A CA   1 
HETATM 1168 CA CA   . CA  C 2 .   ? -15.634 17.827  2.945   1.00 25.61 ? 172 CA  A CA   1 
HETATM 1169 CA CA   . CA  D 2 .   ? -12.015 18.756  4.247   1.00 26.43 ? 173 CA  A CA   1 
HETATM 1170 CA CA   . CA  E 2 .   ? -13.147 17.354  7.629   1.00 23.35 ? 174 CA  A CA   1 
HETATM 1171 CA CA   . CA  F 2 .   ? -12.004 17.604  11.270  1.00 27.91 ? 175 CA  A CA   1 
HETATM 1172 CA CA   . CA  G 2 .   ? -8.555  17.354  15.352  0.90 34.63 ? 176 CA  A CA   1 
HETATM 1173 CA CA   . CA  H 2 .   ? -0.125  16.691  14.490  0.89 26.33 ? 177 CA  A CA   1 
HETATM 1174 O  O    . HOH I 3 .   ? 5.580   -9.067  -9.903  1.00 14.36 ? 181 HOH A O    1 
HETATM 1175 O  O    . HOH I 3 .   ? 8.495   2.099   7.631   1.00 23.24 ? 182 HOH A O    1 
HETATM 1176 O  O    . HOH I 3 .   ? 0.473   -3.424  -2.073  1.00 19.23 ? 183 HOH A O    1 
HETATM 1177 O  O    . HOH I 3 .   ? -6.367  24.787  7.224   1.00 19.04 ? 184 HOH A O    1 
HETATM 1178 O  O    . HOH I 3 .   ? 0.682   4.010   -2.627  1.00 16.65 ? 185 HOH A O    1 
HETATM 1179 O  O    . HOH I 3 .   ? 3.847   -0.145  12.357  0.88 37.50 ? 186 HOH A O    1 
HETATM 1180 O  O    . HOH I 3 .   ? -5.257  -1.698  0.826   1.00 28.84 ? 187 HOH A O    1 
HETATM 1181 O  O    . HOH I 3 .   ? 6.325   8.539   13.826  0.98 32.65 ? 188 HOH A O    1 
HETATM 1182 O  O    . HOH I 3 .   ? -0.588  0.353   -8.902  0.92 28.61 ? 189 HOH A O    1 
HETATM 1183 O  O    . HOH I 3 .   ? -11.666 21.195  8.273   0.74 15.06 ? 190 HOH A O    1 
HETATM 1184 O  O    . HOH I 3 .   ? -11.115 22.905  11.534  1.00 29.26 ? 191 HOH A O    1 
HETATM 1185 O  O    . HOH I 3 .   ? 7.067   -3.258  -13.675 0.90 20.77 ? 192 HOH A O    1 
HETATM 1186 O  O    . HOH I 3 .   ? -13.226 1.876   1.073   0.92 27.60 ? 194 HOH A O    1 
HETATM 1187 O  O    . HOH I 3 .   ? -2.693  18.699  3.284   0.72 15.04 ? 195 HOH A O    1 
HETATM 1188 O  O    . HOH I 3 .   ? 3.276   -6.798  12.238  0.70 35.21 ? 196 HOH A O    1 
HETATM 1189 O  O    . HOH I 3 .   ? 12.010  -12.276 0.261   0.92 24.27 ? 197 HOH A O    1 
HETATM 1190 O  O    . HOH I 3 .   ? 1.414   -15.385 -3.167  0.95 30.86 ? 198 HOH A O    1 
HETATM 1191 O  O    . HOH I 3 .   ? -17.896 12.263  -3.146  0.72 23.74 ? 199 HOH A O    1 
HETATM 1192 O  O    . HOH I 3 .   ? 9.864   2.148   -11.653 0.90 28.47 ? 200 HOH A O    1 
HETATM 1193 O  O    . HOH I 3 .   ? -8.540  21.993  -0.497  0.68 27.67 ? 201 HOH A O    1 
HETATM 1194 O  O    . HOH I 3 .   ? 7.961   -2.368  -19.852 0.89 38.18 ? 202 HOH A O    1 
HETATM 1195 O  O    . HOH I 3 .   ? -6.269  3.769   -3.653  0.86 15.80 ? 203 HOH A O    1 
HETATM 1196 O  O    . HOH I 3 .   ? 2.500   2.874   3.475   0.89 19.83 ? 204 HOH A O    1 
HETATM 1197 O  O    . HOH I 3 .   ? -3.933  24.483  6.855   0.99 34.85 ? 205 HOH A O    1 
HETATM 1198 O  O    . HOH I 3 .   ? -1.089  -3.444  15.359  0.61 27.03 ? 206 HOH A O    1 
HETATM 1199 O  O    . HOH I 3 .   ? -21.700 23.558  16.043  0.94 35.78 ? 207 HOH A O    1 
HETATM 1200 O  O    . HOH I 3 .   ? 16.304  1.704   -1.720  0.84 21.49 ? 208 HOH A O    1 
HETATM 1201 O  O    . HOH I 3 .   ? 5.146   7.498   1.897   1.00 28.46 ? 209 HOH A O    1 
HETATM 1202 O  O    . HOH I 3 .   ? 11.174  -9.641  -15.138 0.68 21.18 ? 210 HOH A O    1 
HETATM 1203 O  O    . HOH I 3 .   ? 1.765   8.179   20.379  0.89 31.37 ? 211 HOH A O    1 
HETATM 1204 O  O    . HOH I 3 .   ? -2.533  -12.153 -26.410 0.86 29.28 ? 212 HOH A O    1 
HETATM 1205 O  O    . HOH I 3 .   ? 1.342   -14.283 -0.579  1.00 13.75 ? 213 HOH A O    1 
HETATM 1206 O  O    . HOH I 3 .   ? -10.249 20.654  -2.982  0.55 23.17 ? 214 HOH A O    1 
HETATM 1207 O  O    . HOH I 3 .   ? 16.168  -8.219  -1.348  0.89 30.40 ? 215 HOH A O    1 
HETATM 1208 O  O    . HOH I 3 .   ? 2.877   11.764  9.598   0.71 35.53 ? 216 HOH A O    1 
HETATM 1209 O  O    . HOH I 3 .   ? -1.510  -14.972 -23.407 0.96 25.46 ? 217 HOH A O    1 
HETATM 1210 O  O    . HOH I 3 .   ? -5.054  22.203  9.963   0.67 16.26 ? 218 HOH A O    1 
HETATM 1211 O  O    . HOH I 3 .   ? -8.946  11.862  17.337  0.57 28.08 ? 219 HOH A O    1 
HETATM 1212 O  O    . HOH I 3 .   ? 10.006  -23.410 -9.655  0.65 27.51 ? 220 HOH A O    1 
HETATM 1213 O  O    . HOH I 3 .   ? 0.984   -6.195  -16.032 0.78 21.70 ? 221 HOH A O    1 
HETATM 1214 O  O    . HOH I 3 .   ? -3.943  -12.889 8.306   0.97 25.67 ? 222 HOH A O    1 
HETATM 1215 O  O    . HOH I 3 .   ? -2.963  5.704   -9.169  0.58 26.40 ? 223 HOH A O    1 
HETATM 1216 O  O    . HOH I 3 .   ? -12.980 16.659  14.178  0.83 21.75 ? 224 HOH A O    1 
HETATM 1217 O  O    . HOH I 3 .   ? -19.732 22.984  7.341   0.72 28.41 ? 226 HOH A O    1 
HETATM 1218 O  O    . HOH I 3 .   ? -13.825 10.530  -2.829  0.82 31.03 ? 227 HOH A O    1 
HETATM 1219 O  O    . HOH I 3 .   ? 0.626   -2.650  -13.724 0.55 28.24 ? 228 HOH A O    1 
HETATM 1220 O  O    . HOH I 3 .   ? -3.923  -2.781  9.140   0.91 42.72 ? 229 HOH A O    1 
HETATM 1221 O  O    . HOH I 3 .   ? 9.692   3.897   -9.948  0.63 34.33 ? 230 HOH A O    1 
HETATM 1222 O  O    . HOH I 3 .   ? -11.739 20.835  5.464   0.99 22.33 ? 231 HOH A O    1 
HETATM 1223 O  O    . HOH I 3 .   ? -15.516 6.728   5.837   0.45 28.73 ? 232 HOH A O    1 
HETATM 1224 O  O    . HOH I 3 .   ? 15.265  -16.434 -11.132 0.69 23.84 ? 234 HOH A O    1 
HETATM 1225 O  O    . HOH I 3 .   ? -6.880  6.114   21.891  0.99 32.68 ? 235 HOH A O    1 
HETATM 1226 O  O    . HOH I 3 .   ? -0.685  -8.159  -18.989 0.84 32.30 ? 236 HOH A O    1 
HETATM 1227 O  O    . HOH I 3 .   ? -16.696 13.321  3.668   1.00 27.97 ? 237 HOH A O    1 
HETATM 1228 O  O    . HOH I 3 .   ? 14.136  -9.187  -12.735 0.83 28.10 ? 238 HOH A O    1 
HETATM 1229 O  O    . HOH I 3 .   ? -11.032 19.632  13.421  0.80 26.72 ? 239 HOH A O    1 
HETATM 1230 O  O    . HOH I 3 .   ? -15.649 9.876   -0.110  0.81 36.98 ? 240 HOH A O    1 
HETATM 1231 O  O    . HOH I 3 .   ? -1.051  -3.735  6.173   0.85 25.43 ? 241 HOH A O    1 
HETATM 1232 O  O    . HOH I 3 .   ? 2.004   -3.315  -0.412  1.00 30.22 ? 242 HOH A O    1 
HETATM 1233 O  O    . HOH I 3 .   ? 12.557  -2.954  16.094  0.64 23.69 ? 243 HOH A O    1 
HETATM 1234 O  O    . HOH I 3 .   ? 15.879  2.004   3.958   0.71 29.86 ? 244 HOH A O    1 
HETATM 1235 O  O    . HOH I 3 .   ? -4.672  20.690  14.140  0.87 24.02 ? 245 HOH A O    1 
HETATM 1236 O  O    . HOH I 3 .   ? 10.397  -11.485 -17.281 0.91 21.30 ? 246 HOH A O    1 
HETATM 1237 O  O    . HOH I 3 .   ? 5.809   7.644   8.052   0.69 32.13 ? 249 HOH A O    1 
HETATM 1238 O  O    . HOH I 3 .   ? 2.580   5.072   -2.662  0.80 21.61 ? 250 HOH A O    1 
HETATM 1239 O  O    . HOH I 3 .   ? 7.874   0.689   -13.298 0.71 26.11 ? 251 HOH A O    1 
HETATM 1240 O  O    . HOH I 3 .   ? -7.819  -9.065  -15.111 0.71 25.94 ? 252 HOH A O    1 
HETATM 1241 O  O    . HOH I 3 .   ? 15.613  -14.808 -0.530  0.66 28.92 ? 253 HOH A O    1 
HETATM 1242 O  O    . HOH I 3 .   ? 5.023   8.116   19.310  0.60 27.37 ? 254 HOH A O    1 
HETATM 1243 O  O    . HOH I 3 .   ? -17.148 8.486   7.129   0.82 27.97 ? 255 HOH A O    1 
HETATM 1244 O  O    . HOH I 3 .   ? -1.572  -1.625  -1.197  0.74 25.08 ? 256 HOH A O    1 
HETATM 1245 O  O    . HOH I 3 .   ? 10.481  2.589   0.093   0.72 33.44 ? 257 HOH A O    1 
HETATM 1246 O  O    . HOH I 3 .   ? -3.892  -2.087  -2.824  0.65 21.80 ? 261 HOH A O    1 
HETATM 1247 O  O    . HOH I 3 .   ? 16.868  -15.278 -9.241  0.76 30.73 ? 262 HOH A O    1 
HETATM 1248 O  O    . HOH I 3 .   ? 13.921  -11.438 0.999   0.73 26.04 ? 263 HOH A O    1 
HETATM 1249 O  O    . HOH I 3 .   ? -17.760 10.427  1.532   0.67 23.37 ? 264 HOH A O    1 
HETATM 1250 O  O    . HOH I 3 .   ? -11.485 9.535   16.809  0.55 20.76 ? 265 HOH A O    1 
HETATM 1251 O  O    . HOH I 3 .   ? -17.329 15.826  2.539   0.66 24.08 ? 266 HOH A O    1 
HETATM 1252 O  O    . HOH I 3 .   ? 3.453   -1.660  -12.651 0.44 23.06 ? 267 HOH A O    1 
HETATM 1253 O  O    . HOH I 3 .   ? 14.532  -6.950  -13.218 0.74 26.51 ? 269 HOH A O    1 
HETATM 1254 O  O    . HOH I 3 .   ? -6.712  14.692  -10.337 0.61 28.33 ? 270 HOH A O    1 
HETATM 1255 O  O    . HOH I 3 .   ? -3.863  20.365  0.066   0.72 19.51 ? 271 HOH A O    1 
HETATM 1256 O  O    . HOH I 3 .   ? -11.883 20.530  2.573   0.57 17.13 ? 273 HOH A O    1 
HETATM 1257 O  O    . HOH I 3 .   ? -17.108 12.192  10.166  0.87 27.48 ? 274 HOH A O    1 
HETATM 1258 O  O    . HOH I 3 .   ? -2.709  21.113  2.162   0.63 24.65 ? 276 HOH A O    1 
HETATM 1259 O  O    . HOH I 3 .   ? 9.466   0.739   -3.587  0.76 23.91 ? 277 HOH A O    1 
HETATM 1260 O  O    . HOH I 3 .   ? -14.668 8.837   9.161   0.60 26.95 ? 279 HOH A O    1 
HETATM 1261 O  O    . HOH I 3 .   ? 9.806   4.798   18.963  0.60 27.66 ? 280 HOH A O    1 
HETATM 1262 O  O    . HOH I 3 .   ? -7.916  0.293   0.345   0.77 22.72 ? 281 HOH A O    1 
HETATM 1263 O  O    . HOH I 3 .   ? -7.816  16.554  -9.534  0.74 25.04 ? 283 HOH A O    1 
HETATM 1264 O  O    . HOH I 3 .   ? -2.601  -3.505  -18.461 0.63 31.25 ? 284 HOH A O    1 
HETATM 1265 O  O    . HOH I 3 .   ? -9.360  2.675   -5.144  0.51 26.52 ? 285 HOH A O    1 
HETATM 1266 O  O    . HOH I 3 .   ? -20.038 15.303  4.597   0.56 26.39 ? 286 HOH A O    1 
HETATM 1267 O  O    . HOH I 3 .   ? -0.285  -17.340 -3.700  0.38 28.66 ? 287 HOH A O    1 
HETATM 1268 O  O    . HOH I 3 .   ? -19.996 10.579  3.725   0.34 25.69 ? 288 HOH A O    1 
HETATM 1269 O  O    . HOH I 3 .   ? -9.353  -6.941  -10.612 0.62 23.43 ? 289 HOH A O    1 
HETATM 1270 O  O    . HOH I 3 .   ? -19.272 11.698  10.194  0.75 25.35 ? 290 HOH A O    1 
HETATM 1271 O  O    . HOH I 3 .   ? -2.900  8.390   15.834  0.55 25.63 ? 292 HOH A O    1 
HETATM 1272 O  O    . HOH I 3 .   ? 4.112   7.585   -0.839  0.43 13.93 ? 293 HOH A O    1 
HETATM 1273 O  O    . HOH I 3 .   ? -8.466  -10.766 -2.210  0.48 34.78 ? 298 HOH A O    1 
HETATM 1274 O  O    . HOH I 3 .   ? -2.701  21.787  11.886  0.45 31.99 ? 300 HOH A O    1 
HETATM 1275 O  O    . HOH I 3 .   ? -6.667  28.048  0.823   0.73 30.15 ? 301 HOH A O    1 
HETATM 1276 O  O    . HOH I 3 .   ? -5.475  -9.445  7.586   0.65 30.59 ? 302 HOH A O    1 
HETATM 1277 O  O    . HOH I 3 .   ? -1.405  3.415   -14.881 0.68 23.99 ? 303 HOH A O    1 
HETATM 1278 O  O    . HOH I 3 .   ? 13.404  6.719   -7.428  0.77 30.61 ? 304 HOH A O    1 
HETATM 1279 O  O    . HOH I 3 .   ? 5.512   -17.800 0.383   0.74 22.77 ? 305 HOH A O    1 
HETATM 1280 O  O    . HOH I 3 .   ? -4.689  -16.806 -29.039 0.51 24.30 ? 306 HOH A O    1 
HETATM 1281 O  O    . HOH I 3 .   ? -18.088 4.509   -0.601  0.46 21.22 ? 307 HOH A O    1 
HETATM 1282 O  O    . HOH I 3 .   ? -12.467 1.697   9.516   0.55 18.75 ? 309 HOH A O    1 
HETATM 1283 O  O    . HOH I 3 .   ? -2.036  -19.185 -8.725  0.65 18.95 ? 310 HOH A O    1 
HETATM 1284 O  O    . HOH I 3 .   ? -10.646 1.737   -15.167 0.46 22.50 ? 311 HOH A O    1 
HETATM 1285 O  O    . HOH I 3 .   ? -13.732 -2.045  14.665  0.51 24.85 ? 312 HOH A O    1 
HETATM 1286 O  O    . HOH I 3 .   ? 18.034  -5.155  2.681   0.58 29.25 ? 313 HOH A O    1 
HETATM 1287 O  O    . HOH I 3 .   ? 6.858   5.005   -11.732 0.40 28.22 ? 314 HOH A O    1 
HETATM 1288 O  O    . HOH I 3 .   ? -0.901  15.500  -10.980 0.38 23.83 ? 316 HOH A O    1 
HETATM 1289 O  O    . HOH I 3 .   ? -6.666  -13.622 -6.742  0.47 26.49 ? 317 HOH A O    1 
HETATM 1290 O  O    . HOH I 3 .   ? -0.411  28.473  -9.744  0.47 25.13 ? 319 HOH A O    1 
HETATM 1291 O  O    . HOH I 3 .   ? -14.907 -9.715  -3.675  0.63 24.26 ? 323 HOH A O    1 
HETATM 1292 O  O    . HOH I 3 .   ? -17.195 8.081   15.848  0.53 27.79 ? 326 HOH A O    1 
HETATM 1293 O  O    . HOH I 3 .   ? -17.452 28.413  18.119  0.39 25.23 ? 327 HOH A O    1 
HETATM 1294 O  O    . HOH I 3 .   ? -0.134  18.485  -7.653  0.45 26.92 ? 328 HOH A O    1 
HETATM 1295 O  O    . HOH I 3 .   ? -13.785 15.107  17.788  0.51 27.77 ? 329 HOH A O    1 
HETATM 1296 O  O    . HOH I 3 .   ? 4.256   24.808  -9.382  0.48 24.14 ? 331 HOH A O    1 
HETATM 1297 O  O    . HOH I 3 .   ? -16.069 -4.310  0.250   0.49 33.03 ? 332 HOH A O    1 
HETATM 1298 O  O    . HOH I 3 .   ? 5.548   -1.442  17.838  0.47 24.20 ? 334 HOH A O    1 
HETATM 1299 O  O    . HOH I 3 .   ? -16.244 0.435   -1.673  0.59 23.54 ? 335 HOH A O    1 
HETATM 1300 O  O    . HOH I 3 .   ? 5.599   7.697   -19.509 0.32 27.50 ? 336 HOH A O    1 
HETATM 1301 O  O    . HOH I 3 .   ? 18.649  -18.636 -11.845 0.66 31.99 ? 338 HOH A O    1 
HETATM 1302 O  O    . HOH I 3 .   ? 9.800   -27.112 -1.301  0.42 26.34 ? 339 HOH A O    1 
HETATM 1303 O  O    . HOH I 3 .   ? -13.379 -4.561  -11.557 0.42 26.47 ? 340 HOH A O    1 
HETATM 1304 O  O    . HOH I 3 .   ? -12.700 1.959   -6.140  0.55 24.27 ? 341 HOH A O    1 
HETATM 1305 O  O    . HOH I 3 .   ? -14.548 -1.157  -17.047 0.40 27.00 ? 346 HOH A O    1 
HETATM 1306 O  O    . HOH I 3 .   ? -5.599  17.190  26.968  0.63 28.60 ? 349 HOH A O    1 
HETATM 1307 O  O    . HOH I 3 .   ? 0.906   -28.714 -3.976  0.44 29.77 ? 350 HOH A O    1 
HETATM 1308 O  O    . HOH I 3 .   ? -9.915  -3.881  8.868   0.36 32.09 ? 351 HOH A O    1 
HETATM 1309 O  O    . HOH I 3 .   ? 8.610   8.099   24.458  0.61 27.81 ? 354 HOH A O    1 
HETATM 1310 O  O    . HOH I 3 .   ? 17.266  -23.790 -15.227 0.49 25.03 ? 357 HOH A O    1 
HETATM 1311 O  O    . HOH I 3 .   ? -14.881 -5.588  -4.971  0.67 27.81 ? 360 HOH A O    1 
HETATM 1312 O  O    . HOH I 3 .   ? 5.141   -28.278 -12.243 0.46 26.39 ? 361 HOH A O    1 
HETATM 1313 O  O    . HOH I 3 .   ? 4.361   4.322   -1.339  0.53 21.22 ? 362 HOH A O    1 
HETATM 1314 O  O    . HOH I 3 .   ? -5.395  3.386   -22.557 0.29 25.85 ? 363 HOH A O    1 
HETATM 1315 O  O    . HOH I 3 .   ? -10.755 3.470   -3.252  0.51 24.61 ? 367 HOH A O    1 
HETATM 1316 O  O    . HOH I 3 .   ? 3.597   4.689   -17.163 0.38 27.05 ? 373 HOH A O    1 
HETATM 1317 O  O    . HOH I 3 .   ? 3.320   -31.570 -8.108  0.45 24.54 ? 376 HOH A O    1 
# 
